data_2V9X
#
_entry.id   2V9X
#
_cell.length_a   94.187
_cell.length_b   71.301
_cell.length_c   319.916
_cell.angle_alpha   90.00
_cell.angle_beta   90.00
_cell.angle_gamma   90.00
#
_symmetry.space_group_name_H-M   'P 21 21 21'
#
loop_
_entity.id
_entity.type
_entity.pdbx_description
1 polymer 'DEOXYCYTIDINE TRIPHOSPHATE DEAMINASE'
2 non-polymer "DEOXYURIDINE-5'-TRIPHOSPHATE"
3 non-polymer 'MAGNESIUM ION'
4 non-polymer 'SULFATE ION'
5 water water
#
_entity_poly.entity_id   1
_entity_poly.type   'polypeptide(L)'
_entity_poly.pdbx_seq_one_letter_code
;MRLCDRDIEAWLDEGRLSINPRPPVERINGATVDVRLGNKFRTFRGHTAAFIDLSGPKDEVSAALDRVMSDEIVLDEGEA
FYLHPGELALAVTLESVTLPADLVGWLDGRSSLARLGLMVHVTAHRIDPGWSGCIVLDFYNSGKLPLALRPGMLIGALSF
EPLSGPAVRPYNRREDAKYRNQQGAVASRIDKD
;
_entity_poly.pdbx_strand_id   A,B,C,D,E,F,G,H,I,J,K,L
#
# COMPACT_ATOMS: atom_id res chain seq x y z
N MET A 1 -27.09 8.93 31.00
CA MET A 1 -26.16 9.96 31.45
C MET A 1 -24.98 9.31 32.15
N ARG A 2 -23.79 9.47 31.60
CA ARG A 2 -22.59 9.11 32.31
C ARG A 2 -22.04 10.35 32.99
N LEU A 3 -21.38 10.10 34.11
CA LEU A 3 -20.65 11.15 34.80
C LEU A 3 -19.44 11.59 33.96
N CYS A 4 -19.34 12.89 33.75
CA CYS A 4 -18.16 13.49 33.17
C CYS A 4 -17.03 13.50 34.19
N ASP A 5 -15.80 13.68 33.71
CA ASP A 5 -14.59 13.68 34.56
C ASP A 5 -14.71 14.55 35.80
N ARG A 6 -15.19 15.77 35.64
CA ARG A 6 -15.44 16.65 36.80
C ARG A 6 -16.36 16.05 37.84
N ASP A 7 -17.47 15.47 37.41
CA ASP A 7 -18.41 14.85 38.37
C ASP A 7 -17.86 13.59 39.01
N ILE A 8 -17.04 12.82 38.29
CA ILE A 8 -16.38 11.66 38.89
C ILE A 8 -15.46 12.14 40.05
N GLU A 9 -14.69 13.19 39.82
CA GLU A 9 -13.91 13.78 40.89
C GLU A 9 -14.74 14.27 42.09
N ALA A 10 -15.89 14.89 41.84
CA ALA A 10 -16.81 15.32 42.90
C ALA A 10 -17.39 14.14 43.68
N TRP A 11 -17.77 13.05 43.00
CA TRP A 11 -18.26 11.88 43.69
C TRP A 11 -17.17 11.24 44.54
N LEU A 12 -15.94 11.23 44.02
CA LEU A 12 -14.83 10.71 44.81
C LEU A 12 -14.49 11.59 46.04
N ASP A 13 -14.52 12.90 45.86
CA ASP A 13 -14.32 13.84 47.00
C ASP A 13 -15.40 13.69 48.08
N GLU A 14 -16.64 13.54 47.66
CA GLU A 14 -17.74 13.38 48.58
C GLU A 14 -17.77 12.02 49.25
N GLY A 15 -16.96 11.08 48.77
CA GLY A 15 -16.95 9.72 49.33
C GLY A 15 -18.13 8.88 48.93
N ARG A 16 -18.93 9.36 47.97
CA ARG A 16 -20.05 8.58 47.43
C ARG A 16 -19.51 7.29 46.79
N LEU A 17 -18.58 7.51 45.88
CA LEU A 17 -17.89 6.50 45.12
C LEU A 17 -16.47 6.43 45.72
N SER A 18 -15.90 5.24 45.82
CA SER A 18 -14.48 5.16 46.09
C SER A 18 -13.74 4.21 45.15
N ILE A 19 -12.54 4.64 44.80
CA ILE A 19 -11.58 3.86 44.05
C ILE A 19 -10.24 3.94 44.84
N ASN A 20 -9.73 2.78 45.21
CA ASN A 20 -8.58 2.69 46.05
C ASN A 20 -7.53 1.77 45.44
N PRO A 21 -6.31 2.29 45.19
CA PRO A 21 -5.88 3.68 45.32
C PRO A 21 -6.56 4.63 44.36
N ARG A 22 -6.75 5.87 44.79
CA ARG A 22 -7.43 6.85 43.94
C ARG A 22 -6.55 7.28 42.81
N PRO A 23 -7.03 7.19 41.56
CA PRO A 23 -6.19 7.55 40.45
C PRO A 23 -5.95 9.04 40.41
N PRO A 24 -4.78 9.44 39.91
CA PRO A 24 -4.55 10.86 39.75
C PRO A 24 -5.39 11.44 38.61
N VAL A 25 -5.42 12.77 38.58
CA VAL A 25 -6.17 13.58 37.61
C VAL A 25 -5.90 13.19 36.17
N GLU A 26 -4.65 12.84 35.88
CA GLU A 26 -4.24 12.38 34.55
C GLU A 26 -4.98 11.12 34.08
N ARG A 27 -5.52 10.35 35.02
CA ARG A 27 -6.22 9.11 34.69
C ARG A 27 -7.73 9.30 34.64
N ILE A 28 -8.20 10.51 34.89
CA ILE A 28 -9.63 10.79 34.91
C ILE A 28 -9.90 11.84 33.84
N ASN A 29 -10.50 11.39 32.77
CA ASN A 29 -10.80 12.31 31.69
C ASN A 29 -11.99 11.85 30.86
N GLY A 30 -12.64 12.84 30.25
CA GLY A 30 -13.85 12.64 29.49
C GLY A 30 -15.01 12.14 30.36
N ALA A 31 -15.27 10.85 30.24
CA ALA A 31 -16.31 10.18 30.98
C ALA A 31 -15.80 8.88 31.60
N THR A 32 -14.50 8.76 31.83
CA THR A 32 -13.90 7.55 32.34
C THR A 32 -12.71 7.77 33.25
N VAL A 33 -12.46 6.73 34.05
CA VAL A 33 -11.31 6.54 34.89
C VAL A 33 -10.54 5.33 34.36
N ASP A 34 -9.26 5.53 34.06
CA ASP A 34 -8.41 4.44 33.61
C ASP A 34 -8.04 3.58 34.80
N VAL A 35 -8.08 2.25 34.64
CA VAL A 35 -7.67 1.27 35.65
C VAL A 35 -6.44 0.46 35.21
N ARG A 36 -5.75 -0.10 36.20
CA ARG A 36 -4.51 -0.79 36.01
C ARG A 36 -4.60 -2.28 36.36
N LEU A 37 -3.66 -3.01 35.80
CA LEU A 37 -3.58 -4.44 35.96
C LEU A 37 -2.96 -4.78 37.35
N GLY A 38 -3.57 -5.71 38.07
CA GLY A 38 -3.02 -6.26 39.30
C GLY A 38 -1.97 -7.33 39.01
N ASN A 39 -1.61 -8.08 40.04
CA ASN A 39 -0.58 -9.10 39.83
C ASN A 39 -0.96 -10.53 40.15
N LYS A 40 -2.27 -10.82 40.19
CA LYS A 40 -2.78 -12.13 40.37
C LYS A 40 -3.49 -12.67 39.12
N PHE A 41 -3.16 -13.88 38.71
CA PHE A 41 -3.72 -14.47 37.52
C PHE A 41 -4.20 -15.90 37.80
N ARG A 42 -5.01 -16.44 36.92
CA ARG A 42 -5.38 -17.85 36.96
C ARG A 42 -5.55 -18.38 35.53
N THR A 43 -5.13 -19.62 35.33
CA THR A 43 -5.36 -20.30 34.05
C THR A 43 -6.21 -21.53 34.27
N PHE A 44 -6.45 -22.26 33.20
CA PHE A 44 -7.28 -23.45 33.14
C PHE A 44 -6.40 -24.66 32.83
N ARG A 45 -6.74 -25.78 33.45
CA ARG A 45 -6.09 -27.06 33.20
C ARG A 45 -7.09 -28.00 32.57
N GLY A 46 -7.17 -28.03 31.25
CA GLY A 46 -8.17 -28.82 30.54
C GLY A 46 -8.05 -30.33 30.65
N HIS A 47 -6.84 -30.85 30.86
CA HIS A 47 -6.61 -32.31 30.80
C HIS A 47 -7.20 -33.09 31.95
N THR A 48 -7.73 -32.38 32.95
CA THR A 48 -8.37 -32.97 34.15
C THR A 48 -9.86 -33.20 34.04
N ALA A 49 -10.52 -32.63 33.06
CA ALA A 49 -11.96 -32.83 32.90
C ALA A 49 -12.38 -32.77 31.47
N ALA A 50 -13.49 -33.43 31.17
CA ALA A 50 -14.05 -33.42 29.83
C ALA A 50 -14.86 -32.13 29.55
N PHE A 51 -15.55 -31.64 30.55
CA PHE A 51 -16.49 -30.51 30.35
C PHE A 51 -16.90 -29.95 31.68
N ILE A 52 -17.61 -28.82 31.65
CA ILE A 52 -18.26 -28.27 32.82
C ILE A 52 -19.76 -28.21 32.59
N ASP A 53 -20.49 -28.89 33.45
CA ASP A 53 -21.96 -28.90 33.44
C ASP A 53 -22.47 -27.71 34.27
N LEU A 54 -22.76 -26.61 33.60
CA LEU A 54 -23.02 -25.36 34.26
C LEU A 54 -24.19 -25.37 35.30
N SER A 55 -25.30 -25.98 34.93
CA SER A 55 -26.43 -26.10 35.81
C SER A 55 -26.65 -27.57 36.19
N GLY A 56 -25.56 -28.29 36.44
CA GLY A 56 -25.62 -29.66 36.94
C GLY A 56 -25.66 -29.63 38.46
N PRO A 57 -25.55 -30.81 39.09
CA PRO A 57 -25.54 -30.93 40.56
C PRO A 57 -24.37 -30.21 41.22
N LYS A 58 -24.65 -29.38 42.21
CA LYS A 58 -23.68 -28.44 42.80
C LYS A 58 -22.31 -29.06 43.13
N ASP A 59 -22.32 -30.27 43.66
CA ASP A 59 -21.12 -30.95 44.09
C ASP A 59 -20.25 -31.49 42.93
N GLU A 60 -20.91 -31.94 41.86
CA GLU A 60 -20.21 -32.27 40.64
C GLU A 60 -19.60 -31.04 39.95
N VAL A 61 -20.35 -29.94 39.87
CA VAL A 61 -19.87 -28.70 39.29
C VAL A 61 -18.67 -28.19 40.11
N SER A 62 -18.84 -28.17 41.40
CA SER A 62 -17.80 -27.70 42.29
C SER A 62 -16.48 -28.49 42.15
N ALA A 63 -16.60 -29.79 41.95
CA ALA A 63 -15.43 -30.66 41.84
C ALA A 63 -14.73 -30.51 40.48
N ALA A 64 -15.53 -30.29 39.46
CA ALA A 64 -15.01 -29.97 38.14
C ALA A 64 -14.28 -28.63 38.13
N LEU A 65 -14.85 -27.60 38.74
CA LEU A 65 -14.20 -26.30 38.81
C LEU A 65 -12.89 -26.36 39.57
N ASP A 66 -12.86 -27.10 40.66
CA ASP A 66 -11.62 -27.21 41.46
C ASP A 66 -10.50 -27.94 40.72
N ARG A 67 -10.88 -28.92 39.92
CA ARG A 67 -9.97 -29.59 38.97
C ARG A 67 -9.42 -28.72 37.85
N VAL A 68 -10.27 -27.96 37.18
CA VAL A 68 -9.84 -27.19 36.03
C VAL A 68 -9.14 -25.87 36.30
N MET A 69 -9.36 -25.25 37.45
CA MET A 69 -8.72 -23.96 37.72
C MET A 69 -7.32 -24.17 38.27
N SER A 70 -6.35 -23.44 37.73
CA SER A 70 -5.00 -23.42 38.31
C SER A 70 -5.06 -22.79 39.71
N ASP A 71 -4.00 -22.98 40.49
CA ASP A 71 -3.72 -22.09 41.63
C ASP A 71 -3.42 -20.68 41.14
N GLU A 72 -3.57 -19.73 42.03
CA GLU A 72 -3.31 -18.33 41.73
C GLU A 72 -1.85 -18.13 41.37
N ILE A 73 -1.61 -17.43 40.28
CA ILE A 73 -0.27 -17.07 39.81
C ILE A 73 -0.02 -15.66 40.29
N VAL A 74 1.06 -15.45 41.02
CA VAL A 74 1.43 -14.11 41.51
C VAL A 74 2.73 -13.73 40.82
N LEU A 75 2.73 -12.61 40.14
CA LEU A 75 3.94 -12.19 39.43
C LEU A 75 4.78 -11.25 40.30
N ASP A 76 6.10 -11.54 40.34
CA ASP A 76 7.10 -10.67 40.98
C ASP A 76 7.13 -9.38 40.21
N GLU A 77 7.90 -8.40 40.70
CA GLU A 77 8.20 -7.23 39.86
C GLU A 77 9.18 -7.68 38.76
N GLY A 78 9.06 -7.06 37.60
CA GLY A 78 9.84 -7.47 36.44
C GLY A 78 9.21 -8.58 35.60
N GLU A 79 8.24 -9.31 36.16
CA GLU A 79 7.64 -10.46 35.46
C GLU A 79 6.43 -10.06 34.59
N ALA A 80 6.32 -10.75 33.45
CA ALA A 80 5.18 -10.67 32.56
C ALA A 80 4.33 -11.94 32.62
N PHE A 81 3.04 -11.79 32.43
CA PHE A 81 2.17 -12.87 32.09
C PHE A 81 2.09 -12.89 30.54
N TYR A 82 2.42 -14.02 29.92
CA TYR A 82 2.26 -14.11 28.48
C TYR A 82 0.90 -14.67 28.05
N LEU A 83 0.07 -13.82 27.45
CA LEU A 83 -1.22 -14.22 26.96
C LEU A 83 -1.16 -14.55 25.46
N HIS A 84 -1.23 -15.83 25.18
CA HIS A 84 -1.13 -16.37 23.86
C HIS A 84 -2.45 -16.30 23.16
N PRO A 85 -2.45 -16.12 21.83
CA PRO A 85 -3.70 -16.16 21.03
C PRO A 85 -4.52 -17.41 21.31
N GLY A 86 -5.81 -17.19 21.54
CA GLY A 86 -6.74 -18.27 21.84
C GLY A 86 -6.79 -18.66 23.30
N GLU A 87 -6.09 -17.96 24.16
CA GLU A 87 -6.09 -18.37 25.55
C GLU A 87 -6.89 -17.37 26.35
N LEU A 88 -7.71 -17.94 27.24
CA LEU A 88 -8.45 -17.21 28.22
C LEU A 88 -7.71 -17.32 29.55
N ALA A 89 -7.55 -16.20 30.24
CA ALA A 89 -6.96 -16.19 31.57
C ALA A 89 -7.75 -15.26 32.46
N LEU A 90 -7.74 -15.47 33.77
CA LEU A 90 -8.32 -14.52 34.68
C LEU A 90 -7.25 -13.63 35.31
N ALA A 91 -7.58 -12.37 35.48
CA ALA A 91 -6.69 -11.43 36.13
C ALA A 91 -7.58 -10.55 37.02
N VAL A 92 -6.97 -9.56 37.64
CA VAL A 92 -7.67 -8.71 38.58
C VAL A 92 -7.18 -7.24 38.37
N THR A 93 -8.05 -6.26 38.62
CA THR A 93 -7.62 -4.86 38.58
C THR A 93 -6.76 -4.58 39.82
N LEU A 94 -5.81 -3.67 39.71
CA LEU A 94 -5.06 -3.13 40.87
C LEU A 94 -6.02 -2.42 41.86
N GLU A 95 -6.93 -1.63 41.32
CA GLU A 95 -7.86 -0.85 42.14
C GLU A 95 -9.01 -1.66 42.68
N SER A 96 -9.37 -1.35 43.93
CA SER A 96 -10.65 -1.75 44.49
C SER A 96 -11.66 -0.61 44.26
N VAL A 97 -12.88 -0.97 43.89
CA VAL A 97 -13.94 -0.02 43.62
C VAL A 97 -15.13 -0.28 44.56
N THR A 98 -15.68 0.77 45.12
CA THR A 98 -16.90 0.70 45.91
C THR A 98 -17.94 1.64 45.31
N LEU A 99 -19.09 1.08 44.95
CA LEU A 99 -20.18 1.89 44.42
C LEU A 99 -21.31 2.01 45.44
N PRO A 100 -21.95 3.19 45.48
CA PRO A 100 -23.17 3.34 46.28
C PRO A 100 -24.37 2.69 45.58
N ALA A 101 -25.51 2.69 46.26
CA ALA A 101 -26.74 2.06 45.79
C ALA A 101 -27.36 2.76 44.59
N ASP A 102 -26.98 4.00 44.33
CA ASP A 102 -27.57 4.75 43.23
C ASP A 102 -26.66 4.95 42.00
N LEU A 103 -25.63 4.10 41.85
CA LEU A 103 -24.69 4.18 40.69
C LEU A 103 -24.38 2.80 40.16
N VAL A 104 -24.29 2.67 38.83
CA VAL A 104 -23.79 1.46 38.21
C VAL A 104 -22.50 1.80 37.46
N GLY A 105 -21.57 0.85 37.44
CA GLY A 105 -20.29 1.07 36.74
C GLY A 105 -20.15 0.08 35.58
N TRP A 106 -19.30 0.42 34.62
CA TRP A 106 -19.14 -0.30 33.36
C TRP A 106 -17.68 -0.34 33.00
N LEU A 107 -17.18 -1.56 32.83
CA LEU A 107 -15.80 -1.78 32.40
C LEU A 107 -15.65 -1.86 30.89
N ASP A 108 -14.73 -1.09 30.34
CA ASP A 108 -14.39 -1.15 28.93
C ASP A 108 -12.88 -1.44 28.81
N GLY A 109 -12.48 -1.87 27.63
CA GLY A 109 -11.07 -2.02 27.33
C GLY A 109 -10.54 -0.71 26.75
N ARG A 110 -9.32 -0.76 26.24
CA ARG A 110 -8.65 0.37 25.56
C ARG A 110 -8.47 0.06 24.12
N SER A 111 -8.79 1.02 23.27
CA SER A 111 -8.62 0.86 21.85
C SER A 111 -7.21 0.40 21.45
N SER A 112 -6.16 0.91 22.10
CA SER A 112 -4.76 0.50 21.84
C SER A 112 -4.49 -0.98 22.03
N LEU A 113 -5.20 -1.59 22.97
CA LEU A 113 -5.10 -3.01 23.26
C LEU A 113 -6.00 -3.86 22.39
N ALA A 114 -7.21 -3.35 22.18
CA ALA A 114 -8.17 -3.91 21.25
C ALA A 114 -7.65 -4.05 19.86
N ARG A 115 -6.85 -3.08 19.38
CA ARG A 115 -6.24 -3.16 18.06
C ARG A 115 -5.12 -4.19 17.97
N LEU A 116 -4.74 -4.79 19.09
CA LEU A 116 -3.85 -5.95 19.13
C LEU A 116 -4.61 -7.28 19.44
N GLY A 117 -5.93 -7.18 19.63
CA GLY A 117 -6.72 -8.33 19.95
C GLY A 117 -7.06 -8.59 21.42
N LEU A 118 -6.62 -7.76 22.32
CA LEU A 118 -6.89 -8.01 23.73
C LEU A 118 -8.31 -7.62 24.10
N MET A 119 -9.10 -8.60 24.50
CA MET A 119 -10.39 -8.39 25.16
C MET A 119 -10.22 -8.46 26.66
N VAL A 120 -10.76 -7.46 27.37
CA VAL A 120 -10.60 -7.38 28.80
C VAL A 120 -11.80 -7.93 29.55
N HIS A 121 -12.86 -8.24 28.83
CA HIS A 121 -13.99 -8.97 29.38
C HIS A 121 -14.65 -9.79 28.24
N VAL A 122 -15.55 -10.65 28.64
CA VAL A 122 -16.18 -11.66 27.81
C VAL A 122 -17.71 -11.49 27.97
N THR A 123 -18.17 -10.32 27.63
CA THR A 123 -19.60 -9.92 27.71
C THR A 123 -20.19 -9.73 29.12
N ALA A 124 -19.40 -9.77 30.17
CA ALA A 124 -19.92 -9.40 31.49
C ALA A 124 -19.06 -8.21 31.95
N HIS A 125 -19.59 -7.01 31.92
CA HIS A 125 -18.78 -5.81 32.21
C HIS A 125 -19.49 -4.81 33.18
N ARG A 126 -20.53 -5.25 33.87
CA ARG A 126 -21.29 -4.40 34.76
C ARG A 126 -20.79 -4.53 36.21
N ILE A 127 -20.59 -3.38 36.84
CA ILE A 127 -20.22 -3.29 38.21
C ILE A 127 -21.45 -2.78 38.93
N ASP A 128 -22.02 -3.62 39.76
CA ASP A 128 -23.32 -3.37 40.36
C ASP A 128 -23.34 -2.30 41.46
N PRO A 129 -24.47 -1.61 41.59
CA PRO A 129 -24.64 -0.76 42.77
C PRO A 129 -24.47 -1.59 44.05
N GLY A 130 -23.78 -1.01 45.04
CA GLY A 130 -23.42 -1.74 46.24
C GLY A 130 -22.19 -2.61 46.12
N TRP A 131 -21.56 -2.69 44.95
CA TRP A 131 -20.32 -3.46 44.76
C TRP A 131 -19.19 -2.85 45.61
N SER A 132 -18.37 -3.71 46.17
CA SER A 132 -17.15 -3.28 46.79
C SER A 132 -16.12 -4.35 46.55
N GLY A 133 -15.01 -4.01 45.92
CA GLY A 133 -13.93 -4.96 45.66
C GLY A 133 -13.11 -4.70 44.41
N CYS A 134 -12.06 -5.47 44.25
CA CYS A 134 -11.37 -5.56 43.03
C CYS A 134 -12.23 -6.24 41.93
N ILE A 135 -11.97 -5.88 40.70
CA ILE A 135 -12.69 -6.40 39.58
C ILE A 135 -11.86 -7.48 38.87
N VAL A 136 -12.44 -8.66 38.74
CA VAL A 136 -11.80 -9.76 38.03
C VAL A 136 -12.02 -9.54 36.51
N LEU A 137 -10.94 -9.74 35.76
CA LEU A 137 -10.90 -9.56 34.34
C LEU A 137 -10.76 -10.93 33.70
N ASP A 138 -11.54 -11.20 32.65
CA ASP A 138 -11.36 -12.38 31.84
C ASP A 138 -10.75 -11.95 30.53
N PHE A 139 -9.43 -12.12 30.44
CA PHE A 139 -8.68 -11.73 29.26
C PHE A 139 -8.76 -12.82 28.20
N TYR A 140 -8.95 -12.41 26.97
CA TYR A 140 -8.85 -13.28 25.83
C TYR A 140 -8.05 -12.57 24.76
N ASN A 141 -7.08 -13.26 24.18
CA ASN A 141 -6.28 -12.72 23.10
C ASN A 141 -6.83 -13.25 21.73
N SER A 142 -7.53 -12.40 21.01
CA SER A 142 -8.08 -12.73 19.71
C SER A 142 -7.13 -12.35 18.55
N GLY A 143 -5.94 -11.86 18.88
CA GLY A 143 -4.97 -11.42 17.89
C GLY A 143 -4.06 -12.54 17.45
N LYS A 144 -3.00 -12.18 16.74
CA LYS A 144 -2.08 -13.15 16.13
C LYS A 144 -0.81 -13.31 16.97
N LEU A 145 -0.53 -12.42 17.91
CA LEU A 145 0.68 -12.46 18.66
C LEU A 145 0.42 -12.57 20.14
N PRO A 146 1.29 -13.30 20.84
CA PRO A 146 1.32 -13.24 22.28
C PRO A 146 1.53 -11.77 22.79
N LEU A 147 0.85 -11.48 23.89
CA LEU A 147 0.92 -10.22 24.55
C LEU A 147 1.47 -10.37 25.93
N ALA A 148 2.56 -9.65 26.18
CA ALA A 148 3.19 -9.64 27.50
C ALA A 148 2.45 -8.66 28.38
N LEU A 149 1.79 -9.15 29.41
CA LEU A 149 1.06 -8.28 30.30
C LEU A 149 1.85 -8.15 31.60
N ARG A 150 2.03 -6.92 32.08
CA ARG A 150 2.78 -6.64 33.30
C ARG A 150 1.89 -5.97 34.34
N PRO A 151 1.98 -6.37 35.60
CA PRO A 151 1.23 -5.67 36.64
C PRO A 151 1.53 -4.16 36.62
N GLY A 152 0.48 -3.36 36.81
CA GLY A 152 0.64 -1.92 36.86
C GLY A 152 0.30 -1.26 35.55
N MET A 153 0.31 -1.99 34.43
CA MET A 153 -0.01 -1.37 33.15
C MET A 153 -1.50 -0.89 33.14
N LEU A 154 -1.77 0.11 32.32
CA LEU A 154 -3.17 0.55 32.07
C LEU A 154 -3.86 -0.44 31.20
N ILE A 155 -4.98 -0.96 31.68
CA ILE A 155 -5.61 -2.11 31.06
C ILE A 155 -7.07 -1.83 30.56
N GLY A 156 -7.74 -0.83 31.14
CA GLY A 156 -9.08 -0.53 30.74
C GLY A 156 -9.56 0.74 31.35
N ALA A 157 -10.86 0.93 31.31
CA ALA A 157 -11.52 2.12 31.76
C ALA A 157 -12.86 1.83 32.41
N LEU A 158 -13.21 2.60 33.43
CA LEU A 158 -14.52 2.50 34.06
C LEU A 158 -15.32 3.76 33.78
N SER A 159 -16.58 3.59 33.45
CA SER A 159 -17.48 4.74 33.43
C SER A 159 -18.62 4.44 34.38
N PHE A 160 -19.38 5.48 34.73
CA PHE A 160 -20.36 5.43 35.81
C PHE A 160 -21.68 6.12 35.39
N GLU A 161 -22.77 5.46 35.74
CA GLU A 161 -24.09 5.91 35.35
C GLU A 161 -24.98 5.97 36.59
N PRO A 162 -25.51 7.16 36.93
CA PRO A 162 -26.56 7.25 37.99
C PRO A 162 -27.78 6.41 37.66
N LEU A 163 -28.34 5.75 38.66
CA LEU A 163 -29.58 5.01 38.48
C LEU A 163 -30.77 5.94 38.64
N SER A 164 -31.94 5.48 38.23
CA SER A 164 -33.17 6.29 38.32
C SER A 164 -33.48 6.57 39.80
N GLY A 165 -33.00 5.71 40.69
CA GLY A 165 -33.09 5.94 42.12
C GLY A 165 -32.17 4.95 42.81
N PRO A 166 -32.07 5.00 44.14
CA PRO A 166 -31.24 4.02 44.81
C PRO A 166 -31.81 2.62 44.65
N ALA A 167 -30.95 1.64 44.38
CA ALA A 167 -31.36 0.26 44.29
C ALA A 167 -31.91 -0.19 45.65
N VAL A 168 -33.01 -0.95 45.62
CA VAL A 168 -33.57 -1.56 46.80
C VAL A 168 -32.80 -2.80 47.20
N ARG A 169 -32.27 -3.53 46.21
CA ARG A 169 -31.52 -4.76 46.43
C ARG A 169 -30.13 -4.63 45.81
N PRO A 170 -29.26 -3.78 46.41
CA PRO A 170 -27.91 -3.61 45.95
C PRO A 170 -27.03 -4.78 46.36
N TYR A 171 -25.87 -4.89 45.74
CA TYR A 171 -25.07 -6.11 45.74
C TYR A 171 -24.64 -6.51 47.14
N ASN A 172 -24.23 -5.52 47.91
CA ASN A 172 -23.80 -5.77 49.28
C ASN A 172 -24.88 -6.34 50.20
N ARG A 173 -26.16 -6.15 49.85
CA ARG A 173 -27.28 -6.65 50.66
C ARG A 173 -27.89 -7.95 50.14
N ARG A 174 -27.55 -8.41 48.92
CA ARG A 174 -28.17 -9.60 48.34
C ARG A 174 -27.55 -10.82 48.95
N GLU A 175 -28.39 -11.68 49.52
CA GLU A 175 -27.93 -12.88 50.21
C GLU A 175 -27.23 -13.86 49.26
N ASP A 176 -27.76 -13.99 48.05
CA ASP A 176 -27.19 -14.92 47.07
C ASP A 176 -26.13 -14.31 46.12
N ALA A 177 -25.69 -13.08 46.40
CA ALA A 177 -24.57 -12.49 45.67
C ALA A 177 -23.33 -13.34 45.87
N LYS A 178 -22.61 -13.64 44.78
CA LYS A 178 -21.49 -14.59 44.83
C LYS A 178 -20.12 -13.95 45.09
N TYR A 179 -19.92 -12.71 44.67
CA TYR A 179 -18.60 -12.15 44.62
C TYR A 179 -18.33 -10.94 45.56
N ARG A 180 -19.10 -10.83 46.64
CA ARG A 180 -18.85 -9.78 47.62
C ARG A 180 -17.43 -9.79 48.19
N ASN A 181 -16.79 -8.63 48.13
CA ASN A 181 -15.44 -8.39 48.68
C ASN A 181 -14.37 -9.25 48.09
N GLN A 182 -14.42 -9.37 46.77
CA GLN A 182 -13.53 -10.25 46.03
C GLN A 182 -12.15 -9.59 45.99
N GLN A 183 -11.08 -10.36 46.12
CA GLN A 183 -9.75 -9.73 46.18
C GLN A 183 -8.66 -10.15 45.18
N GLY A 184 -8.60 -11.43 44.87
CA GLY A 184 -7.66 -11.89 43.87
C GLY A 184 -8.35 -12.27 42.58
N ALA A 185 -7.69 -13.12 41.79
CA ALA A 185 -8.24 -13.64 40.56
C ALA A 185 -9.21 -14.78 40.90
N VAL A 186 -10.41 -14.40 41.34
CA VAL A 186 -11.42 -15.35 41.80
C VAL A 186 -12.07 -16.06 40.58
N ALA A 187 -12.02 -17.38 40.63
CA ALA A 187 -12.66 -18.26 39.66
C ALA A 187 -14.18 -18.21 39.72
N SER A 188 -14.80 -18.70 38.65
CA SER A 188 -16.24 -18.78 38.60
C SER A 188 -16.81 -19.45 39.84
N ARG A 189 -17.89 -18.89 40.39
CA ARG A 189 -18.63 -19.54 41.46
C ARG A 189 -20.02 -20.01 40.98
N ILE A 190 -20.07 -20.41 39.73
CA ILE A 190 -21.29 -20.87 39.09
C ILE A 190 -21.93 -22.03 39.88
N ASP A 191 -21.12 -22.80 40.58
CA ASP A 191 -21.63 -23.84 41.50
C ASP A 191 -22.54 -23.33 42.66
N LYS A 192 -22.52 -22.03 42.96
CA LYS A 192 -23.38 -21.48 44.00
C LYS A 192 -24.78 -21.17 43.48
N ASP A 193 -25.00 -21.18 42.18
CA ASP A 193 -26.35 -20.93 41.64
C ASP A 193 -27.41 -21.89 42.20
N MET B 1 -29.59 7.79 29.74
CA MET B 1 -30.45 8.30 28.68
C MET B 1 -29.68 8.27 27.36
N ARG B 2 -30.18 7.55 26.39
CA ARG B 2 -29.70 7.72 25.02
C ARG B 2 -30.60 8.65 24.26
N LEU B 3 -30.02 9.36 23.31
CA LEU B 3 -30.79 10.14 22.38
C LEU B 3 -31.63 9.22 21.43
N CYS B 4 -32.92 9.50 21.35
CA CYS B 4 -33.82 8.90 20.40
C CYS B 4 -33.53 9.48 19.01
N ASP B 5 -34.01 8.79 17.97
CA ASP B 5 -33.80 9.18 16.57
C ASP B 5 -34.08 10.68 16.33
N ARG B 6 -35.23 11.14 16.81
CA ARG B 6 -35.61 12.54 16.67
C ARG B 6 -34.57 13.53 17.26
N ASP B 7 -34.09 13.23 18.44
CA ASP B 7 -33.07 14.11 19.03
C ASP B 7 -31.69 13.97 18.33
N ILE B 8 -31.39 12.79 17.79
CA ILE B 8 -30.14 12.67 17.03
C ILE B 8 -30.22 13.61 15.84
N GLU B 9 -31.33 13.58 15.12
CA GLU B 9 -31.57 14.52 14.03
C GLU B 9 -31.47 16.00 14.45
N ALA B 10 -32.03 16.35 15.60
CA ALA B 10 -31.91 17.73 16.15
C ALA B 10 -30.48 18.12 16.49
N TRP B 11 -29.74 17.21 17.13
CA TRP B 11 -28.34 17.52 17.44
C TRP B 11 -27.54 17.70 16.17
N LEU B 12 -27.83 16.91 15.13
CA LEU B 12 -27.17 17.06 13.83
C LEU B 12 -27.55 18.40 13.16
N ASP B 13 -28.83 18.74 13.16
CA ASP B 13 -29.29 20.03 12.59
C ASP B 13 -28.68 21.22 13.30
N GLU B 14 -28.63 21.16 14.62
CA GLU B 14 -27.97 22.20 15.40
C GLU B 14 -26.44 22.25 15.26
N GLY B 15 -25.82 21.26 14.64
CA GLY B 15 -24.37 21.26 14.50
C GLY B 15 -23.65 20.94 15.80
N ARG B 16 -24.39 20.45 16.80
CA ARG B 16 -23.77 19.98 18.05
C ARG B 16 -22.90 18.72 17.81
N LEU B 17 -23.51 17.79 17.11
CA LEU B 17 -22.93 16.56 16.72
C LEU B 17 -22.77 16.63 15.21
N SER B 18 -21.69 16.07 14.69
CA SER B 18 -21.65 15.86 13.23
C SER B 18 -21.23 14.44 12.83
N ILE B 19 -21.85 13.99 11.76
CA ILE B 19 -21.53 12.76 11.09
C ILE B 19 -21.44 13.10 9.60
N ASN B 20 -20.31 12.79 9.00
CA ASN B 20 -19.99 13.18 7.63
C ASN B 20 -19.50 11.97 6.87
N PRO B 21 -20.18 11.60 5.77
CA PRO B 21 -21.44 12.12 5.26
C PRO B 21 -22.63 11.84 6.15
N ARG B 22 -23.57 12.76 6.18
CA ARG B 22 -24.73 12.61 7.06
C ARG B 22 -25.64 11.46 6.57
N PRO B 23 -25.93 10.49 7.44
CA PRO B 23 -26.77 9.43 6.96
C PRO B 23 -28.20 9.90 6.74
N PRO B 24 -28.87 9.33 5.76
CA PRO B 24 -30.25 9.68 5.53
C PRO B 24 -31.17 9.12 6.64
N VAL B 25 -32.38 9.64 6.64
CA VAL B 25 -33.40 9.33 7.64
C VAL B 25 -33.65 7.83 7.82
N GLU B 26 -33.52 7.09 6.73
CA GLU B 26 -33.64 5.63 6.77
C GLU B 26 -32.59 4.95 7.65
N ARG B 27 -31.47 5.61 7.89
CA ARG B 27 -30.38 5.09 8.69
C ARG B 27 -30.38 5.60 10.12
N ILE B 28 -31.39 6.37 10.49
CA ILE B 28 -31.49 6.91 11.84
C ILE B 28 -32.82 6.45 12.38
N ASN B 29 -32.79 5.54 13.33
CA ASN B 29 -34.03 5.06 13.91
C ASN B 29 -33.80 4.47 15.30
N GLY B 30 -34.88 4.51 16.09
CA GLY B 30 -34.84 4.12 17.47
C GLY B 30 -33.95 5.06 18.28
N ALA B 31 -32.80 4.53 18.66
CA ALA B 31 -31.79 5.21 19.43
C ALA B 31 -30.41 5.13 18.77
N THR B 32 -30.38 4.86 17.46
CA THR B 32 -29.12 4.61 16.73
C THR B 32 -29.06 5.15 15.32
N VAL B 33 -27.83 5.42 14.91
CA VAL B 33 -27.47 5.73 13.55
C VAL B 33 -26.68 4.55 13.00
N ASP B 34 -27.08 4.03 11.87
CA ASP B 34 -26.29 2.97 11.20
C ASP B 34 -25.03 3.54 10.52
N VAL B 35 -23.88 2.89 10.69
CA VAL B 35 -22.65 3.26 10.02
C VAL B 35 -22.17 2.18 9.02
N ARG B 36 -21.36 2.64 8.06
CA ARG B 36 -20.94 1.84 6.92
C ARG B 36 -19.46 1.66 6.87
N LEU B 37 -19.06 0.59 6.18
CA LEU B 37 -17.69 0.16 6.14
C LEU B 37 -16.89 1.03 5.13
N GLY B 38 -15.72 1.48 5.52
CA GLY B 38 -14.82 2.22 4.64
C GLY B 38 -14.08 1.23 3.76
N ASN B 39 -12.99 1.69 3.14
CA ASN B 39 -12.24 0.85 2.23
C ASN B 39 -10.76 0.69 2.54
N LYS B 40 -10.38 0.96 3.78
CA LYS B 40 -9.03 0.75 4.25
C LYS B 40 -8.99 -0.35 5.33
N PHE B 41 -8.01 -1.23 5.20
CA PHE B 41 -7.84 -2.38 6.06
C PHE B 41 -6.35 -2.60 6.38
N ARG B 42 -6.11 -3.29 7.49
CA ARG B 42 -4.77 -3.68 7.87
C ARG B 42 -4.86 -5.06 8.51
N THR B 43 -3.86 -5.88 8.23
CA THR B 43 -3.67 -7.18 8.81
C THR B 43 -2.37 -7.24 9.62
N PHE B 44 -2.08 -8.45 10.12
CA PHE B 44 -0.93 -8.71 10.96
C PHE B 44 0.06 -9.67 10.30
N ARG B 45 1.33 -9.44 10.51
CA ARG B 45 2.38 -10.31 10.02
C ARG B 45 3.10 -10.93 11.20
N GLY B 46 2.66 -12.10 11.64
CA GLY B 46 3.19 -12.76 12.84
C GLY B 46 4.64 -13.28 12.74
N HIS B 47 5.07 -13.65 11.55
CA HIS B 47 6.35 -14.31 11.37
C HIS B 47 7.57 -13.43 11.64
N THR B 48 7.32 -12.13 11.77
CA THR B 48 8.39 -11.14 12.01
C THR B 48 8.68 -10.86 13.50
N ALA B 49 7.84 -11.35 14.40
CA ALA B 49 8.08 -11.15 15.79
C ALA B 49 7.49 -12.27 16.67
N ALA B 50 8.07 -12.44 17.83
CA ALA B 50 7.68 -13.47 18.77
C ALA B 50 6.50 -13.01 19.66
N PHE B 51 6.47 -11.73 19.96
CA PHE B 51 5.45 -11.18 20.83
C PHE B 51 5.51 -9.68 20.87
N ILE B 52 4.48 -9.09 21.47
CA ILE B 52 4.45 -7.66 21.70
C ILE B 52 4.44 -7.37 23.18
N ASP B 53 5.45 -6.62 23.62
CA ASP B 53 5.63 -6.25 25.02
C ASP B 53 4.92 -4.95 25.27
N LEU B 54 3.68 -5.03 25.71
CA LEU B 54 2.79 -3.89 25.71
C LEU B 54 3.27 -2.68 26.53
N SER B 55 3.84 -2.93 27.71
CA SER B 55 4.40 -1.85 28.51
C SER B 55 5.90 -1.99 28.63
N GLY B 56 6.55 -2.38 27.54
CA GLY B 56 8.02 -2.44 27.49
C GLY B 56 8.59 -1.06 27.15
N PRO B 57 9.90 -0.99 26.85
CA PRO B 57 10.56 0.21 26.36
C PRO B 57 9.99 0.71 25.02
N LYS B 58 9.63 1.99 24.97
CA LYS B 58 8.91 2.58 23.85
C LYS B 58 9.47 2.23 22.46
N ASP B 59 10.80 2.27 22.33
CA ASP B 59 11.47 2.05 21.04
C ASP B 59 11.41 0.59 20.57
N GLU B 60 11.49 -0.34 21.52
CA GLU B 60 11.27 -1.77 21.24
C GLU B 60 9.83 -2.05 20.83
N VAL B 61 8.88 -1.50 21.59
CA VAL B 61 7.45 -1.67 21.27
C VAL B 61 7.19 -1.09 19.87
N SER B 62 7.70 0.10 19.63
CA SER B 62 7.48 0.78 18.36
C SER B 62 8.03 0.00 17.15
N ALA B 63 9.18 -0.63 17.33
CA ALA B 63 9.82 -1.44 16.29
C ALA B 63 9.07 -2.75 16.05
N ALA B 64 8.59 -3.36 17.12
CA ALA B 64 7.74 -4.56 17.00
C ALA B 64 6.44 -4.28 16.26
N LEU B 65 5.78 -3.18 16.60
CA LEU B 65 4.53 -2.80 15.95
C LEU B 65 4.70 -2.51 14.49
N ASP B 66 5.79 -1.84 14.12
CA ASP B 66 6.07 -1.59 12.73
C ASP B 66 6.34 -2.87 11.93
N ARG B 67 7.00 -3.83 12.53
CA ARG B 67 7.20 -5.15 11.93
C ARG B 67 5.92 -5.96 11.70
N VAL B 68 5.02 -5.99 12.69
CA VAL B 68 3.85 -6.87 12.62
C VAL B 68 2.65 -6.33 11.85
N MET B 69 2.52 -5.02 11.72
CA MET B 69 1.39 -4.45 10.99
C MET B 69 1.66 -4.42 9.49
N SER B 70 0.70 -4.87 8.70
CA SER B 70 0.80 -4.77 7.23
C SER B 70 0.72 -3.30 6.84
N ASP B 71 1.10 -3.00 5.60
CA ASP B 71 0.73 -1.74 4.97
C ASP B 71 -0.78 -1.68 4.79
N GLU B 72 -1.31 -0.48 4.64
CA GLU B 72 -2.75 -0.32 4.47
C GLU B 72 -3.21 -0.97 3.18
N ILE B 73 -4.30 -1.71 3.25
CA ILE B 73 -4.92 -2.33 2.12
C ILE B 73 -6.04 -1.39 1.71
N VAL B 74 -6.09 -1.02 0.44
CA VAL B 74 -7.18 -0.22 -0.10
C VAL B 74 -7.89 -1.06 -1.13
N LEU B 75 -9.20 -1.24 -0.94
CA LEU B 75 -9.97 -2.02 -1.90
C LEU B 75 -10.59 -1.13 -2.98
N ASP B 76 -10.41 -1.58 -4.23
CA ASP B 76 -11.09 -0.97 -5.38
C ASP B 76 -12.60 -1.13 -5.18
N GLU B 77 -13.37 -0.59 -6.12
CA GLU B 77 -14.79 -0.94 -6.17
C GLU B 77 -14.88 -2.34 -6.78
N GLY B 78 -15.88 -3.08 -6.31
CA GLY B 78 -16.03 -4.50 -6.68
C GLY B 78 -15.27 -5.48 -5.77
N GLU B 79 -14.28 -4.98 -5.01
CA GLU B 79 -13.39 -5.86 -4.24
C GLU B 79 -13.96 -6.16 -2.85
N ALA B 80 -13.74 -7.38 -2.39
CA ALA B 80 -14.10 -7.80 -1.06
C ALA B 80 -12.85 -7.99 -0.27
N PHE B 81 -12.91 -7.73 1.04
CA PHE B 81 -11.93 -8.19 2.02
C PHE B 81 -12.49 -9.49 2.59
N TYR B 82 -11.75 -10.59 2.50
CA TYR B 82 -12.20 -11.87 3.08
C TYR B 82 -11.66 -12.04 4.49
N LEU B 83 -12.55 -12.00 5.46
CA LEU B 83 -12.25 -12.16 6.88
C LEU B 83 -12.55 -13.61 7.25
N HIS B 84 -11.47 -14.34 7.46
CA HIS B 84 -11.51 -15.76 7.77
C HIS B 84 -11.74 -15.99 9.24
N PRO B 85 -12.37 -17.12 9.61
CA PRO B 85 -12.52 -17.45 11.01
C PRO B 85 -11.18 -17.38 11.77
N GLY B 86 -11.22 -16.74 12.94
CA GLY B 86 -10.05 -16.67 13.82
C GLY B 86 -9.14 -15.53 13.47
N GLU B 87 -9.46 -14.73 12.45
CA GLU B 87 -8.56 -13.65 12.03
C GLU B 87 -9.10 -12.33 12.55
N LEU B 88 -8.17 -11.53 13.07
CA LEU B 88 -8.39 -10.19 13.50
C LEU B 88 -7.85 -9.27 12.39
N ALA B 89 -8.66 -8.30 11.97
CA ALA B 89 -8.24 -7.27 10.98
C ALA B 89 -8.71 -5.91 11.44
N LEU B 90 -7.99 -4.87 11.02
CA LEU B 90 -8.43 -3.50 11.27
C LEU B 90 -9.10 -2.93 10.07
N ALA B 91 -10.18 -2.18 10.30
CA ALA B 91 -10.90 -1.52 9.23
C ALA B 91 -11.32 -0.13 9.73
N VAL B 92 -12.11 0.57 8.95
CA VAL B 92 -12.49 1.96 9.30
C VAL B 92 -13.91 2.19 8.88
N THR B 93 -14.63 3.06 9.56
CA THR B 93 -15.96 3.46 9.13
C THR B 93 -15.78 4.40 7.97
N LEU B 94 -16.77 4.40 7.09
CA LEU B 94 -16.86 5.37 6.03
C LEU B 94 -17.06 6.80 6.57
N GLU B 95 -17.92 6.93 7.59
CA GLU B 95 -18.24 8.18 8.23
C GLU B 95 -17.19 8.68 9.20
N SER B 96 -17.03 9.99 9.22
CA SER B 96 -16.32 10.68 10.27
C SER B 96 -17.31 11.22 11.25
N VAL B 97 -16.96 11.12 12.53
CA VAL B 97 -17.86 11.56 13.59
C VAL B 97 -17.14 12.60 14.43
N THR B 98 -17.86 13.66 14.77
CA THR B 98 -17.38 14.69 15.70
C THR B 98 -18.38 14.89 16.84
N LEU B 99 -17.90 14.69 18.08
CA LEU B 99 -18.72 14.80 19.25
C LEU B 99 -18.33 16.03 20.04
N PRO B 100 -19.33 16.71 20.63
CA PRO B 100 -19.05 17.84 21.52
C PRO B 100 -18.60 17.34 22.89
N ALA B 101 -18.21 18.28 23.75
CA ALA B 101 -17.68 17.95 25.04
C ALA B 101 -18.67 17.32 26.00
N ASP B 102 -19.98 17.39 25.71
CA ASP B 102 -21.02 16.90 26.61
C ASP B 102 -21.77 15.64 26.07
N LEU B 103 -21.14 14.94 25.13
CA LEU B 103 -21.73 13.73 24.57
C LEU B 103 -20.70 12.59 24.46
N VAL B 104 -21.12 11.38 24.77
CA VAL B 104 -20.29 10.22 24.57
C VAL B 104 -21.02 9.31 23.56
N GLY B 105 -20.25 8.67 22.68
CA GLY B 105 -20.82 7.75 21.72
C GLY B 105 -20.37 6.32 21.92
N TRP B 106 -21.13 5.40 21.40
CA TRP B 106 -21.00 3.94 21.66
C TRP B 106 -21.25 3.20 20.38
N LEU B 107 -20.27 2.41 19.99
CA LEU B 107 -20.33 1.58 18.80
C LEU B 107 -20.85 0.20 19.12
N ASP B 108 -21.85 -0.28 18.41
CA ASP B 108 -22.38 -1.63 18.53
C ASP B 108 -22.27 -2.30 17.14
N GLY B 109 -22.30 -3.62 17.10
CA GLY B 109 -22.43 -4.31 15.81
C GLY B 109 -23.89 -4.40 15.38
N ARG B 110 -24.15 -5.29 14.46
CA ARG B 110 -25.53 -5.61 14.01
C ARG B 110 -25.88 -7.09 14.28
N SER B 111 -27.06 -7.32 14.84
CA SER B 111 -27.50 -8.70 15.08
C SER B 111 -27.38 -9.67 13.87
N SER B 112 -27.63 -9.17 12.68
CA SER B 112 -27.48 -9.92 11.43
C SER B 112 -26.08 -10.44 11.18
N LEU B 113 -25.11 -9.65 11.58
CA LEU B 113 -23.69 -9.98 11.41
C LEU B 113 -23.19 -10.81 12.58
N ALA B 114 -23.66 -10.47 13.78
CA ALA B 114 -23.36 -11.23 14.98
C ALA B 114 -23.79 -12.69 14.88
N ARG B 115 -24.92 -12.92 14.25
CA ARG B 115 -25.41 -14.29 14.03
C ARG B 115 -24.59 -15.08 13.04
N LEU B 116 -23.65 -14.43 12.35
CA LEU B 116 -22.63 -15.11 11.54
C LEU B 116 -21.26 -15.08 12.20
N GLY B 117 -21.16 -14.54 13.43
CA GLY B 117 -19.90 -14.48 14.10
C GLY B 117 -19.06 -13.21 13.92
N LEU B 118 -19.56 -12.21 13.23
CA LEU B 118 -18.76 -11.00 13.08
C LEU B 118 -18.81 -10.06 14.29
N MET B 119 -17.68 -9.90 14.99
CA MET B 119 -17.52 -8.87 16.02
C MET B 119 -16.92 -7.63 15.36
N VAL B 120 -17.47 -6.48 15.63
CA VAL B 120 -17.00 -5.22 15.06
C VAL B 120 -16.12 -4.45 16.02
N HIS B 121 -16.00 -4.95 17.24
CA HIS B 121 -15.01 -4.41 18.17
C HIS B 121 -14.64 -5.50 19.16
N VAL B 122 -13.58 -5.22 19.90
CA VAL B 122 -12.94 -6.19 20.78
C VAL B 122 -12.90 -5.57 22.17
N THR B 123 -14.05 -5.22 22.70
CA THR B 123 -14.21 -4.60 24.04
C THR B 123 -13.84 -3.12 24.17
N ALA B 124 -13.43 -2.45 23.11
CA ALA B 124 -13.23 -0.99 23.17
C ALA B 124 -14.18 -0.33 22.21
N HIS B 125 -15.27 0.22 22.68
CA HIS B 125 -16.34 0.67 21.79
C HIS B 125 -16.88 2.06 22.16
N ARG B 126 -16.12 2.80 22.99
CA ARG B 126 -16.47 4.18 23.39
C ARG B 126 -15.85 5.18 22.42
N ILE B 127 -16.66 6.16 22.01
CA ILE B 127 -16.23 7.32 21.25
C ILE B 127 -16.29 8.52 22.23
N ASP B 128 -15.15 9.10 22.51
CA ASP B 128 -15.07 10.10 23.58
C ASP B 128 -15.65 11.47 23.25
N PRO B 129 -16.12 12.19 24.27
CA PRO B 129 -16.45 13.61 24.06
C PRO B 129 -15.23 14.32 23.49
N GLY B 130 -15.45 15.20 22.54
CA GLY B 130 -14.31 15.89 21.85
C GLY B 130 -13.68 15.10 20.72
N TRP B 131 -14.14 13.89 20.46
CA TRP B 131 -13.63 13.07 19.35
C TRP B 131 -13.98 13.69 18.02
N SER B 132 -13.05 13.59 17.08
CA SER B 132 -13.34 13.98 15.73
C SER B 132 -12.54 13.11 14.77
N GLY B 133 -13.23 12.37 13.91
CA GLY B 133 -12.56 11.47 12.99
C GLY B 133 -13.35 10.24 12.64
N CYS B 134 -12.79 9.47 11.72
CA CYS B 134 -13.31 8.14 11.41
C CYS B 134 -12.96 7.18 12.50
N ILE B 135 -13.81 6.17 12.68
CA ILE B 135 -13.63 5.22 13.75
C ILE B 135 -12.98 3.95 13.18
N VAL B 136 -11.91 3.51 13.85
CA VAL B 136 -11.22 2.25 13.52
C VAL B 136 -12.00 1.11 14.17
N LEU B 137 -12.26 0.08 13.37
CA LEU B 137 -12.93 -1.15 13.78
C LEU B 137 -11.92 -2.30 13.87
N ASP B 138 -11.98 -3.06 14.96
CA ASP B 138 -11.20 -4.29 15.03
C ASP B 138 -12.16 -5.44 14.80
N PHE B 139 -12.20 -5.99 13.61
CA PHE B 139 -13.04 -7.10 13.25
C PHE B 139 -12.46 -8.41 13.64
N TYR B 140 -13.29 -9.27 14.21
CA TYR B 140 -12.90 -10.64 14.47
C TYR B 140 -14.04 -11.54 13.99
N ASN B 141 -13.70 -12.59 13.25
CA ASN B 141 -14.66 -13.58 12.83
C ASN B 141 -14.65 -14.77 13.76
N SER B 142 -15.69 -14.87 14.58
CA SER B 142 -15.81 -16.01 15.55
C SER B 142 -16.68 -17.16 14.97
N GLY B 143 -17.13 -17.01 13.74
CA GLY B 143 -18.00 -17.99 13.10
C GLY B 143 -17.19 -19.07 12.38
N LYS B 144 -17.90 -19.84 11.58
CA LYS B 144 -17.35 -21.01 10.89
C LYS B 144 -17.02 -20.72 9.45
N LEU B 145 -17.54 -19.62 8.91
CA LEU B 145 -17.32 -19.30 7.54
C LEU B 145 -16.60 -17.99 7.32
N PRO B 146 -15.72 -17.94 6.31
CA PRO B 146 -15.22 -16.64 5.85
C PRO B 146 -16.39 -15.68 5.46
N LEU B 147 -16.18 -14.43 5.79
CA LEU B 147 -17.12 -13.39 5.46
C LEU B 147 -16.49 -12.39 4.50
N ALA B 148 -17.15 -12.17 3.37
CA ALA B 148 -16.72 -11.22 2.38
C ALA B 148 -17.26 -9.83 2.76
N LEU B 149 -16.34 -8.93 3.07
CA LEU B 149 -16.72 -7.60 3.48
C LEU B 149 -16.43 -6.67 2.32
N ARG B 150 -17.41 -5.84 1.96
CA ARG B 150 -17.27 -4.87 0.90
C ARG B 150 -17.46 -3.43 1.42
N PRO B 151 -16.61 -2.52 0.99
CA PRO B 151 -16.79 -1.11 1.35
C PRO B 151 -18.20 -0.64 1.04
N GLY B 152 -18.76 0.15 1.95
CA GLY B 152 -20.08 0.68 1.76
C GLY B 152 -21.17 -0.13 2.44
N MET B 153 -20.90 -1.36 2.85
CA MET B 153 -21.93 -2.14 3.52
C MET B 153 -22.21 -1.56 4.92
N LEU B 154 -23.43 -1.80 5.42
CA LEU B 154 -23.78 -1.44 6.79
C LEU B 154 -23.06 -2.37 7.76
N ILE B 155 -22.37 -1.82 8.71
CA ILE B 155 -21.47 -2.65 9.53
C ILE B 155 -21.78 -2.54 11.05
N GLY B 156 -22.48 -1.49 11.45
CA GLY B 156 -22.75 -1.33 12.87
C GLY B 156 -23.68 -0.19 13.12
N ALA B 157 -23.70 0.25 14.36
CA ALA B 157 -24.57 1.30 14.80
C ALA B 157 -23.96 2.13 15.95
N LEU B 158 -24.21 3.43 15.91
CA LEU B 158 -23.75 4.32 16.95
C LEU B 158 -24.99 4.77 17.75
N SER B 159 -24.84 4.80 19.05
CA SER B 159 -25.75 5.50 19.92
C SER B 159 -24.98 6.57 20.69
N PHE B 160 -25.74 7.50 21.27
CA PHE B 160 -25.21 8.70 21.93
C PHE B 160 -25.86 8.90 23.26
N GLU B 161 -25.04 9.26 24.22
CA GLU B 161 -25.46 9.49 25.59
C GLU B 161 -24.94 10.83 26.11
N PRO B 162 -25.85 11.74 26.52
CA PRO B 162 -25.42 13.00 27.18
C PRO B 162 -24.60 12.71 28.42
N LEU B 163 -23.57 13.50 28.64
CA LEU B 163 -22.88 13.46 29.90
C LEU B 163 -23.56 14.34 30.97
N SER B 164 -23.22 14.12 32.23
CA SER B 164 -23.74 14.91 33.38
C SER B 164 -23.30 16.40 33.30
N GLY B 165 -22.30 16.69 32.50
CA GLY B 165 -21.97 18.06 32.10
C GLY B 165 -20.89 18.02 31.02
N PRO B 166 -20.48 19.18 30.52
CA PRO B 166 -19.41 19.15 29.56
C PRO B 166 -18.10 18.61 30.21
N ALA B 167 -17.38 17.76 29.50
CA ALA B 167 -16.11 17.27 29.95
C ALA B 167 -15.09 18.42 30.04
N VAL B 168 -14.32 18.43 31.13
CA VAL B 168 -13.26 19.39 31.33
C VAL B 168 -12.02 18.99 30.48
N ARG B 169 -11.81 17.68 30.35
CA ARG B 169 -10.69 17.16 29.56
C ARG B 169 -11.18 16.27 28.40
N PRO B 170 -11.80 16.90 27.40
CA PRO B 170 -12.30 16.17 26.25
C PRO B 170 -11.17 15.79 25.32
N TYR B 171 -11.46 14.88 24.39
CA TYR B 171 -10.39 14.21 23.63
C TYR B 171 -9.52 15.17 22.78
N ASN B 172 -10.16 16.15 22.18
CA ASN B 172 -9.45 17.13 21.37
C ASN B 172 -8.48 18.03 22.16
N ARG B 173 -8.65 18.15 23.48
CA ARG B 173 -7.80 18.97 24.34
C ARG B 173 -6.78 18.16 25.15
N ARG B 174 -6.84 16.83 25.14
CA ARG B 174 -5.89 16.03 25.92
C ARG B 174 -4.57 15.94 25.16
N GLU B 175 -3.48 16.35 25.81
CA GLU B 175 -2.16 16.36 25.19
C GLU B 175 -1.71 14.95 24.83
N ASP B 176 -1.95 14.00 25.72
CA ASP B 176 -1.53 12.63 25.53
C ASP B 176 -2.57 11.73 24.78
N ALA B 177 -3.64 12.31 24.22
CA ALA B 177 -4.59 11.53 23.42
C ALA B 177 -3.80 10.97 22.19
N LYS B 178 -3.98 9.70 21.88
CA LYS B 178 -3.20 9.07 20.82
C LYS B 178 -3.83 9.15 19.42
N TYR B 179 -5.15 9.24 19.33
CA TYR B 179 -5.83 9.03 18.03
C TYR B 179 -6.58 10.23 17.48
N ARG B 180 -6.20 11.45 17.89
CA ARG B 180 -6.85 12.66 17.31
C ARG B 180 -6.75 12.79 15.78
N ASN B 181 -7.91 13.02 15.14
CA ASN B 181 -8.06 13.19 13.67
C ASN B 181 -7.54 11.99 12.87
N GLN B 182 -7.95 10.80 13.31
CA GLN B 182 -7.51 9.54 12.70
C GLN B 182 -8.31 9.38 11.42
N GLN B 183 -7.67 8.90 10.35
CA GLN B 183 -8.36 8.83 9.02
C GLN B 183 -8.44 7.49 8.29
N GLY B 184 -7.37 6.71 8.34
CA GLY B 184 -7.44 5.34 7.83
C GLY B 184 -7.57 4.26 8.91
N ALA B 185 -7.14 3.05 8.54
CA ALA B 185 -7.06 1.92 9.48
C ALA B 185 -5.79 2.06 10.34
N VAL B 186 -5.83 2.94 11.33
CA VAL B 186 -4.68 3.23 12.13
C VAL B 186 -4.42 2.06 13.12
N ALA B 187 -3.18 1.61 13.13
CA ALA B 187 -2.70 0.61 14.01
C ALA B 187 -2.60 1.11 15.48
N SER B 188 -2.47 0.14 16.39
CA SER B 188 -2.28 0.48 17.80
C SER B 188 -1.10 1.46 18.01
N ARG B 189 -1.32 2.48 18.84
CA ARG B 189 -0.24 3.42 19.20
C ARG B 189 0.13 3.25 20.66
N ILE B 190 0.04 2.01 21.11
CA ILE B 190 0.33 1.62 22.49
C ILE B 190 1.75 2.03 22.89
N ASP B 191 2.64 2.14 21.90
CA ASP B 191 3.98 2.67 22.12
C ASP B 191 4.04 4.12 22.60
N LYS B 192 2.97 4.88 22.47
CA LYS B 192 2.94 6.26 22.96
C LYS B 192 2.58 6.33 24.44
N ASP B 193 2.11 5.25 25.05
CA ASP B 193 1.81 5.27 26.49
C ASP B 193 3.01 5.71 27.35
N MET C 1 -28.76 7.17 32.47
CA MET C 1 -29.54 6.68 33.61
C MET C 1 -30.09 5.32 33.26
N ARG C 2 -29.77 4.31 34.06
CA ARG C 2 -30.45 3.03 33.98
C ARG C 2 -31.53 3.02 35.05
N LEU C 3 -32.59 2.28 34.78
CA LEU C 3 -33.60 2.01 35.78
C LEU C 3 -33.02 1.12 36.87
N CYS C 4 -33.23 1.53 38.13
CA CYS C 4 -32.93 0.67 39.26
C CYS C 4 -34.04 -0.39 39.39
N ASP C 5 -33.74 -1.47 40.12
CA ASP C 5 -34.68 -2.57 40.39
C ASP C 5 -36.12 -2.10 40.66
N ARG C 6 -36.27 -1.15 41.58
CA ARG C 6 -37.58 -0.65 41.99
C ARG C 6 -38.35 -0.03 40.81
N ASP C 7 -37.68 0.77 40.02
CA ASP C 7 -38.29 1.33 38.83
C ASP C 7 -38.55 0.31 37.70
N ILE C 8 -37.75 -0.74 37.61
CA ILE C 8 -38.03 -1.82 36.67
C ILE C 8 -39.38 -2.45 37.05
N GLU C 9 -39.55 -2.77 38.33
CA GLU C 9 -40.81 -3.32 38.84
C GLU C 9 -42.00 -2.35 38.58
N ALA C 10 -41.78 -1.06 38.76
CA ALA C 10 -42.83 -0.08 38.48
C ALA C 10 -43.22 0.00 37.02
N TRP C 11 -42.23 -0.04 36.13
CA TRP C 11 -42.54 -0.12 34.70
C TRP C 11 -43.28 -1.44 34.33
N LEU C 12 -42.91 -2.56 34.95
CA LEU C 12 -43.58 -3.83 34.71
C LEU C 12 -45.04 -3.79 35.21
N ASP C 13 -45.26 -3.27 36.42
CA ASP C 13 -46.59 -3.12 37.02
C ASP C 13 -47.49 -2.22 36.21
N GLU C 14 -46.94 -1.12 35.73
CA GLU C 14 -47.64 -0.21 34.85
C GLU C 14 -47.87 -0.73 33.42
N GLY C 15 -47.27 -1.87 33.06
CA GLY C 15 -47.44 -2.42 31.70
C GLY C 15 -46.67 -1.61 30.62
N ARG C 16 -45.81 -0.70 31.03
CA ARG C 16 -44.97 0.04 30.10
C ARG C 16 -43.97 -0.89 29.38
N LEU C 17 -43.31 -1.70 30.19
CA LEU C 17 -42.37 -2.70 29.78
C LEU C 17 -43.07 -4.02 30.09
N SER C 18 -42.83 -5.04 29.30
CA SER C 18 -43.18 -6.40 29.73
C SER C 18 -42.07 -7.40 29.49
N ILE C 19 -42.01 -8.35 30.40
CA ILE C 19 -41.17 -9.52 30.31
C ILE C 19 -42.03 -10.70 30.68
N ASN C 20 -42.11 -11.68 29.78
CA ASN C 20 -43.01 -12.81 29.88
C ASN C 20 -42.23 -14.10 29.68
N PRO C 21 -42.26 -15.00 30.68
CA PRO C 21 -42.84 -14.89 32.02
C PRO C 21 -42.14 -13.86 32.89
N ARG C 22 -42.88 -13.24 33.76
CA ARG C 22 -42.32 -12.19 34.57
C ARG C 22 -41.39 -12.75 35.64
N PRO C 23 -40.12 -12.31 35.67
CA PRO C 23 -39.22 -12.90 36.65
C PRO C 23 -39.56 -12.49 38.07
N PRO C 24 -39.33 -13.40 39.01
CA PRO C 24 -39.62 -13.07 40.38
C PRO C 24 -38.64 -12.04 40.96
N VAL C 25 -39.04 -11.50 42.09
CA VAL C 25 -38.27 -10.47 42.79
C VAL C 25 -36.80 -10.82 43.01
N GLU C 26 -36.53 -12.10 43.22
CA GLU C 26 -35.17 -12.61 43.36
C GLU C 26 -34.28 -12.41 42.12
N ARG C 27 -34.87 -12.23 40.95
CA ARG C 27 -34.18 -12.08 39.69
C ARG C 27 -34.10 -10.63 39.26
N ILE C 28 -34.66 -9.73 40.04
CA ILE C 28 -34.62 -8.32 39.71
C ILE C 28 -33.89 -7.60 40.81
N ASN C 29 -32.69 -7.12 40.53
CA ASN C 29 -31.89 -6.46 41.54
C ASN C 29 -30.88 -5.53 40.94
N GLY C 30 -30.51 -4.52 41.73
CA GLY C 30 -29.61 -3.51 41.27
C GLY C 30 -30.17 -2.67 40.13
N ALA C 31 -29.63 -2.89 38.94
CA ALA C 31 -30.10 -2.27 37.74
C ALA C 31 -30.45 -3.29 36.62
N THR C 32 -30.73 -4.54 36.98
CA THR C 32 -30.88 -5.59 36.02
C THR C 32 -31.96 -6.63 36.39
N VAL C 33 -32.43 -7.29 35.33
CA VAL C 33 -33.26 -8.47 35.37
C VAL C 33 -32.50 -9.65 34.75
N ASP C 34 -32.42 -10.76 35.48
CA ASP C 34 -31.78 -11.96 35.00
C ASP C 34 -32.69 -12.67 34.01
N VAL C 35 -32.11 -13.17 32.93
CA VAL C 35 -32.83 -13.93 31.96
C VAL C 35 -32.28 -15.36 31.85
N ARG C 36 -33.15 -16.22 31.38
CA ARG C 36 -32.89 -17.62 31.31
C ARG C 36 -32.80 -18.17 29.87
N LEU C 37 -32.18 -19.32 29.74
CA LEU C 37 -31.95 -19.95 28.47
C LEU C 37 -33.17 -20.72 28.00
N GLY C 38 -33.58 -20.53 26.75
CA GLY C 38 -34.65 -21.30 26.13
C GLY C 38 -34.19 -22.70 25.74
N ASN C 39 -34.97 -23.35 24.90
CA ASN C 39 -34.58 -24.70 24.46
C ASN C 39 -34.39 -24.93 22.96
N LYS C 40 -34.23 -23.85 22.20
CA LYS C 40 -33.99 -23.92 20.77
C LYS C 40 -32.58 -23.45 20.43
N PHE C 41 -31.91 -24.23 19.59
CA PHE C 41 -30.55 -23.93 19.19
C PHE C 41 -30.36 -24.11 17.70
N ARG C 42 -29.32 -23.49 17.17
CA ARG C 42 -28.91 -23.67 15.78
C ARG C 42 -27.40 -23.65 15.68
N THR C 43 -26.88 -24.52 14.84
CA THR C 43 -25.45 -24.55 14.53
C THR C 43 -25.21 -24.28 13.02
N PHE C 44 -23.95 -24.34 12.62
CA PHE C 44 -23.50 -24.03 11.28
C PHE C 44 -22.88 -25.27 10.64
N ARG C 45 -23.12 -25.43 9.34
CA ARG C 45 -22.63 -26.53 8.50
C ARG C 45 -21.68 -25.94 7.47
N GLY C 46 -20.41 -25.88 7.79
CA GLY C 46 -19.42 -25.21 6.92
C GLY C 46 -19.14 -25.91 5.60
N HIS C 47 -19.35 -27.23 5.54
CA HIS C 47 -18.88 -28.02 4.42
C HIS C 47 -19.63 -27.76 3.14
N THR C 48 -20.76 -27.07 3.25
CA THR C 48 -21.68 -26.78 2.14
C THR C 48 -21.36 -25.48 1.40
N ALA C 49 -20.47 -24.66 1.94
CA ALA C 49 -20.16 -23.41 1.32
C ALA C 49 -18.75 -22.90 1.63
N ALA C 50 -18.21 -22.16 0.71
CA ALA C 50 -16.89 -21.62 0.89
C ALA C 50 -16.89 -20.33 1.72
N PHE C 51 -17.95 -19.56 1.59
CA PHE C 51 -18.04 -18.30 2.27
C PHE C 51 -19.46 -17.70 2.18
N ILE C 52 -19.63 -16.60 2.92
CA ILE C 52 -20.84 -15.82 2.86
C ILE C 52 -20.51 -14.39 2.39
N ASP C 53 -21.13 -14.03 1.27
CA ASP C 53 -20.97 -12.71 0.69
C ASP C 53 -22.03 -11.80 1.27
N LEU C 54 -21.67 -11.09 2.33
CA LEU C 54 -22.64 -10.38 3.16
C LEU C 54 -23.51 -9.34 2.42
N SER C 55 -22.88 -8.55 1.54
CA SER C 55 -23.59 -7.59 0.73
C SER C 55 -23.60 -7.98 -0.75
N GLY C 56 -23.68 -9.27 -1.03
CA GLY C 56 -23.78 -9.76 -2.40
C GLY C 56 -25.22 -9.67 -2.86
N PRO C 57 -25.54 -10.26 -4.03
CA PRO C 57 -26.91 -10.39 -4.54
C PRO C 57 -27.80 -11.20 -3.58
N LYS C 58 -28.96 -10.66 -3.26
CA LYS C 58 -29.87 -11.22 -2.27
C LYS C 58 -30.16 -12.73 -2.39
N ASP C 59 -30.40 -13.20 -3.61
CA ASP C 59 -30.69 -14.60 -3.88
C ASP C 59 -29.49 -15.53 -3.60
N GLU C 60 -28.29 -15.06 -3.90
CA GLU C 60 -27.09 -15.81 -3.59
C GLU C 60 -26.80 -15.87 -2.09
N VAL C 61 -26.96 -14.75 -1.43
CA VAL C 61 -26.81 -14.69 0.02
C VAL C 61 -27.83 -15.58 0.70
N SER C 62 -29.06 -15.53 0.24
CA SER C 62 -30.13 -16.33 0.81
C SER C 62 -29.87 -17.84 0.66
N ALA C 63 -29.31 -18.23 -0.48
CA ALA C 63 -29.05 -19.63 -0.75
C ALA C 63 -27.87 -20.14 0.07
N ALA C 64 -26.88 -19.30 0.26
CA ALA C 64 -25.77 -19.64 1.13
C ALA C 64 -26.19 -19.80 2.59
N LEU C 65 -27.05 -18.91 3.07
CA LEU C 65 -27.54 -18.97 4.43
C LEU C 65 -28.34 -20.22 4.65
N ASP C 66 -29.18 -20.58 3.70
CA ASP C 66 -29.99 -21.79 3.86
C ASP C 66 -29.13 -23.08 3.88
N ARG C 67 -28.06 -23.06 3.10
CA ARG C 67 -27.10 -24.15 3.15
C ARG C 67 -26.28 -24.28 4.47
N VAL C 68 -25.85 -23.16 5.02
CA VAL C 68 -24.99 -23.23 6.18
C VAL C 68 -25.69 -23.39 7.53
N MET C 69 -26.95 -23.00 7.63
CA MET C 69 -27.62 -23.08 8.93
C MET C 69 -28.18 -24.48 9.12
N SER C 70 -27.97 -25.06 10.30
CA SER C 70 -28.64 -26.32 10.66
C SER C 70 -30.15 -26.06 10.81
N ASP C 71 -30.91 -27.13 10.83
CA ASP C 71 -32.27 -27.09 11.36
C ASP C 71 -32.24 -26.79 12.88
N GLU C 72 -33.37 -26.31 13.37
CA GLU C 72 -33.51 -25.97 14.76
C GLU C 72 -33.33 -27.22 15.59
N ILE C 73 -32.54 -27.11 16.62
CA ILE C 73 -32.33 -28.17 17.59
C ILE C 73 -33.20 -27.84 18.80
N VAL C 74 -34.05 -28.78 19.20
CA VAL C 74 -34.89 -28.60 20.36
C VAL C 74 -34.47 -29.63 21.37
N LEU C 75 -34.10 -29.19 22.54
CA LEU C 75 -33.69 -30.08 23.58
C LEU C 75 -34.91 -30.55 24.42
N ASP C 76 -34.96 -31.85 24.67
CA ASP C 76 -35.87 -32.40 25.69
C ASP C 76 -35.48 -31.94 27.06
N GLU C 77 -36.29 -32.28 28.06
CA GLU C 77 -35.89 -32.00 29.45
C GLU C 77 -34.84 -33.06 29.76
N GLY C 78 -33.88 -32.65 30.58
CA GLY C 78 -32.72 -33.47 30.88
C GLY C 78 -31.53 -33.27 29.96
N GLU C 79 -31.76 -32.78 28.76
CA GLU C 79 -30.72 -32.72 27.71
C GLU C 79 -29.88 -31.46 27.84
N ALA C 80 -28.60 -31.58 27.51
CA ALA C 80 -27.68 -30.46 27.42
C ALA C 80 -27.29 -30.19 25.97
N PHE C 81 -27.07 -28.91 25.64
CA PHE C 81 -26.35 -28.52 24.46
C PHE C 81 -24.86 -28.39 24.86
N TYR C 82 -23.96 -29.07 24.14
CA TYR C 82 -22.52 -28.94 24.46
C TYR C 82 -21.84 -27.95 23.57
N LEU C 83 -21.47 -26.80 24.16
CA LEU C 83 -20.79 -25.73 23.46
C LEU C 83 -19.30 -25.90 23.62
N HIS C 84 -18.69 -26.35 22.54
CA HIS C 84 -17.25 -26.62 22.54
C HIS C 84 -16.45 -25.37 22.26
N PRO C 85 -15.17 -25.31 22.74
CA PRO C 85 -14.32 -24.13 22.52
C PRO C 85 -14.22 -23.77 21.03
N GLY C 86 -14.33 -22.48 20.72
CA GLY C 86 -14.20 -22.05 19.32
C GLY C 86 -15.47 -22.21 18.49
N GLU C 87 -16.57 -22.68 19.08
CA GLU C 87 -17.79 -22.90 18.31
C GLU C 87 -18.78 -21.80 18.62
N LEU C 88 -19.41 -21.33 17.55
CA LEU C 88 -20.47 -20.34 17.64
C LEU C 88 -21.76 -21.08 17.47
N ALA C 89 -22.75 -20.81 18.30
CA ALA C 89 -24.09 -21.43 18.18
C ALA C 89 -25.12 -20.38 18.51
N LEU C 90 -26.30 -20.51 17.91
CA LEU C 90 -27.42 -19.64 18.20
C LEU C 90 -28.33 -20.28 19.22
N ALA C 91 -28.86 -19.47 20.12
CA ALA C 91 -29.83 -19.91 21.10
C ALA C 91 -30.87 -18.79 21.30
N VAL C 92 -31.78 -18.99 22.25
CA VAL C 92 -32.82 -18.02 22.45
C VAL C 92 -33.09 -17.90 23.97
N THR C 93 -33.51 -16.72 24.43
CA THR C 93 -33.93 -16.54 25.81
C THR C 93 -35.32 -17.21 26.03
N LEU C 94 -35.52 -17.73 27.22
CA LEU C 94 -36.82 -18.23 27.62
C LEU C 94 -37.87 -17.11 27.59
N GLU C 95 -37.50 -15.94 28.07
CA GLU C 95 -38.41 -14.80 28.16
C GLU C 95 -38.55 -14.01 26.88
N SER C 96 -39.78 -13.56 26.64
CA SER C 96 -40.08 -12.58 25.64
C SER C 96 -40.09 -11.23 26.31
N VAL C 97 -39.59 -10.23 25.60
CA VAL C 97 -39.50 -8.89 26.10
C VAL C 97 -40.22 -7.95 25.17
N THR C 98 -40.95 -6.98 25.71
CA THR C 98 -41.59 -5.95 24.93
C THR C 98 -41.22 -4.57 25.47
N LEU C 99 -40.65 -3.73 24.60
CA LEU C 99 -40.24 -2.40 25.00
C LEU C 99 -41.12 -1.32 24.37
N PRO C 100 -41.40 -0.25 25.15
CA PRO C 100 -42.13 0.86 24.61
C PRO C 100 -41.19 1.73 23.75
N ALA C 101 -41.75 2.72 23.09
CA ALA C 101 -41.02 3.58 22.23
C ALA C 101 -39.99 4.46 22.94
N ASP C 102 -40.09 4.60 24.26
CA ASP C 102 -39.19 5.51 24.97
C ASP C 102 -38.17 4.80 25.89
N LEU C 103 -37.87 3.54 25.60
CA LEU C 103 -36.92 2.74 26.37
C LEU C 103 -36.07 1.93 25.44
N VAL C 104 -34.78 1.80 25.76
CA VAL C 104 -33.88 0.87 25.10
C VAL C 104 -33.36 -0.12 26.14
N GLY C 105 -33.18 -1.37 25.73
CA GLY C 105 -32.63 -2.42 26.58
C GLY C 105 -31.27 -2.90 26.12
N TRP C 106 -30.56 -3.52 27.05
CA TRP C 106 -29.16 -3.93 26.84
C TRP C 106 -28.93 -5.27 27.46
N LEU C 107 -28.45 -6.21 26.67
CA LEU C 107 -28.16 -7.56 27.14
C LEU C 107 -26.71 -7.67 27.58
N ASP C 108 -26.47 -8.24 28.77
CA ASP C 108 -25.11 -8.52 29.27
C ASP C 108 -25.07 -10.05 29.57
N GLY C 109 -23.86 -10.57 29.70
CA GLY C 109 -23.71 -11.93 30.19
C GLY C 109 -23.59 -11.89 31.70
N ARG C 110 -23.12 -12.97 32.27
CA ARG C 110 -22.88 -13.08 33.73
C ARG C 110 -21.42 -13.35 33.98
N SER C 111 -20.87 -12.63 34.95
CA SER C 111 -19.46 -12.81 35.30
C SER C 111 -19.08 -14.28 35.57
N SER C 112 -19.94 -15.03 36.22
CA SER C 112 -19.69 -16.50 36.47
C SER C 112 -19.48 -17.37 35.25
N LEU C 113 -20.16 -16.99 34.16
CA LEU C 113 -20.03 -17.65 32.87
C LEU C 113 -18.89 -17.13 32.02
N ALA C 114 -18.67 -15.83 32.10
CA ALA C 114 -17.55 -15.15 31.48
C ALA C 114 -16.21 -15.69 31.96
N ARG C 115 -16.13 -15.96 33.26
CA ARG C 115 -14.94 -16.55 33.84
C ARG C 115 -14.63 -17.94 33.38
N LEU C 116 -15.56 -18.54 32.66
CA LEU C 116 -15.34 -19.83 31.97
C LEU C 116 -15.26 -19.71 30.44
N GLY C 117 -15.38 -18.49 29.91
CA GLY C 117 -15.23 -18.21 28.51
C GLY C 117 -16.49 -18.06 27.71
N LEU C 118 -17.66 -18.09 28.36
CA LEU C 118 -18.91 -17.99 27.63
C LEU C 118 -19.33 -16.56 27.29
N MET C 119 -19.29 -16.21 26.02
CA MET C 119 -19.85 -14.98 25.54
C MET C 119 -21.29 -15.22 25.12
N VAL C 120 -22.21 -14.34 25.56
CA VAL C 120 -23.60 -14.49 25.25
C VAL C 120 -24.04 -13.63 24.07
N HIS C 121 -23.17 -12.74 23.61
CA HIS C 121 -23.41 -12.04 22.39
C HIS C 121 -22.04 -11.74 21.75
N VAL C 122 -22.10 -11.30 20.53
CA VAL C 122 -20.93 -11.06 19.65
C VAL C 122 -21.04 -9.58 19.15
N THR C 123 -20.93 -8.65 20.08
CA THR C 123 -21.01 -7.20 19.83
C THR C 123 -22.37 -6.64 19.31
N ALA C 124 -23.44 -7.40 19.36
CA ALA C 124 -24.74 -6.83 19.11
C ALA C 124 -25.61 -7.12 20.34
N HIS C 125 -25.84 -6.13 21.17
CA HIS C 125 -26.54 -6.42 22.45
C HIS C 125 -27.67 -5.44 22.81
N ARG C 126 -28.09 -4.65 21.83
CA ARG C 126 -29.14 -3.65 22.00
C ARG C 126 -30.53 -4.22 21.67
N ILE C 127 -31.47 -3.95 22.54
CA ILE C 127 -32.85 -4.28 22.33
C ILE C 127 -33.60 -2.98 22.08
N ASP C 128 -34.14 -2.82 20.89
CA ASP C 128 -34.64 -1.55 20.44
C ASP C 128 -35.98 -1.13 21.03
N PRO C 129 -36.18 0.19 21.13
CA PRO C 129 -37.53 0.63 21.51
C PRO C 129 -38.53 0.06 20.46
N GLY C 130 -39.69 -0.38 20.93
CA GLY C 130 -40.68 -1.00 20.10
C GLY C 130 -40.44 -2.50 19.83
N TRP C 131 -39.38 -3.06 20.39
CA TRP C 131 -39.08 -4.46 20.26
C TRP C 131 -40.13 -5.28 20.97
N SER C 132 -40.45 -6.42 20.40
CA SER C 132 -41.28 -7.40 21.06
C SER C 132 -40.81 -8.80 20.62
N GLY C 133 -40.51 -9.66 21.58
CA GLY C 133 -40.11 -10.99 21.24
C GLY C 133 -39.03 -11.60 22.15
N CYS C 134 -38.81 -12.87 21.94
CA CYS C 134 -37.65 -13.53 22.48
C CYS C 134 -36.36 -13.02 21.80
N ILE C 135 -35.29 -13.01 22.58
CA ILE C 135 -33.99 -12.53 22.17
C ILE C 135 -33.12 -13.70 21.74
N VAL C 136 -32.54 -13.58 20.55
CA VAL C 136 -31.63 -14.54 20.04
C VAL C 136 -30.25 -14.23 20.57
N LEU C 137 -29.59 -15.28 21.07
CA LEU C 137 -28.25 -15.19 21.61
C LEU C 137 -27.29 -15.87 20.67
N ASP C 138 -26.15 -15.24 20.46
CA ASP C 138 -25.05 -15.84 19.73
C ASP C 138 -23.97 -16.20 20.78
N PHE C 139 -23.91 -17.45 21.12
CA PHE C 139 -22.94 -17.99 22.08
C PHE C 139 -21.65 -18.39 21.44
N TYR C 140 -20.56 -17.98 22.09
CA TYR C 140 -19.21 -18.36 21.68
C TYR C 140 -18.47 -18.78 22.93
N ASN C 141 -17.85 -19.95 22.86
CA ASN C 141 -17.02 -20.43 23.96
C ASN C 141 -15.56 -20.12 23.66
N SER C 142 -15.01 -19.11 24.35
CA SER C 142 -13.63 -18.68 24.22
C SER C 142 -12.73 -19.34 25.26
N GLY C 143 -13.29 -20.25 26.06
CA GLY C 143 -12.55 -20.95 27.08
C GLY C 143 -11.90 -22.23 26.63
N LYS C 144 -11.41 -23.00 27.58
CA LYS C 144 -10.65 -24.20 27.30
C LYS C 144 -11.52 -25.44 27.41
N LEU C 145 -12.69 -25.34 28.04
CA LEU C 145 -13.55 -26.52 28.22
C LEU C 145 -14.88 -26.39 27.56
N PRO C 146 -15.38 -27.52 27.04
CA PRO C 146 -16.80 -27.58 26.70
C PRO C 146 -17.70 -27.23 27.87
N LEU C 147 -18.74 -26.50 27.57
CA LEU C 147 -19.75 -26.12 28.55
C LEU C 147 -21.10 -26.75 28.18
N ALA C 148 -21.68 -27.42 29.16
CA ALA C 148 -22.99 -28.03 28.99
C ALA C 148 -24.04 -26.99 29.34
N LEU C 149 -24.80 -26.58 28.36
CA LEU C 149 -25.87 -25.59 28.56
C LEU C 149 -27.23 -26.34 28.61
N ARG C 150 -28.02 -26.01 29.62
CA ARG C 150 -29.33 -26.61 29.81
C ARG C 150 -30.43 -25.57 29.81
N PRO C 151 -31.54 -25.85 29.15
CA PRO C 151 -32.71 -24.94 29.17
C PRO C 151 -33.13 -24.56 30.59
N GLY C 152 -33.44 -23.32 30.79
CA GLY C 152 -33.87 -22.88 32.07
C GLY C 152 -32.77 -22.29 32.90
N MET C 153 -31.50 -22.47 32.55
CA MET C 153 -30.41 -21.88 33.33
C MET C 153 -30.41 -20.35 33.18
N LEU C 154 -29.90 -19.66 34.20
CA LEU C 154 -29.66 -18.20 34.13
C LEU C 154 -28.49 -17.94 33.25
N ILE C 155 -28.67 -17.11 32.24
CA ILE C 155 -27.69 -16.98 31.18
C ILE C 155 -27.18 -15.55 31.01
N GLY C 156 -27.93 -14.58 31.50
CA GLY C 156 -27.54 -13.22 31.29
C GLY C 156 -28.47 -12.29 32.01
N ALA C 157 -28.32 -11.02 31.67
CA ALA C 157 -28.99 -9.95 32.37
C ALA C 157 -29.42 -8.85 31.42
N LEU C 158 -30.56 -8.22 31.70
CA LEU C 158 -31.05 -7.09 30.91
C LEU C 158 -31.07 -5.88 31.77
N SER C 159 -30.59 -4.76 31.23
CA SER C 159 -30.81 -3.46 31.86
C SER C 159 -31.57 -2.57 30.88
N PHE C 160 -32.10 -1.47 31.39
CA PHE C 160 -33.02 -0.62 30.65
C PHE C 160 -32.73 0.88 30.85
N GLU C 161 -32.75 1.59 29.75
CA GLU C 161 -32.35 2.97 29.73
C GLU C 161 -33.43 3.82 29.07
N PRO C 162 -33.97 4.81 29.79
CA PRO C 162 -34.91 5.75 29.16
C PRO C 162 -34.28 6.51 28.01
N LEU C 163 -35.04 6.72 26.94
CA LEU C 163 -34.56 7.57 25.86
C LEU C 163 -34.87 9.04 26.14
N SER C 164 -34.19 9.93 25.42
CA SER C 164 -34.42 11.36 25.57
C SER C 164 -35.87 11.74 25.24
N GLY C 165 -36.56 10.95 24.43
CA GLY C 165 -37.99 11.09 24.22
C GLY C 165 -38.47 9.79 23.55
N PRO C 166 -39.77 9.71 23.23
CA PRO C 166 -40.20 8.53 22.47
C PRO C 166 -39.58 8.51 21.06
N ALA C 167 -39.18 7.32 20.63
CA ALA C 167 -38.65 7.17 19.29
C ALA C 167 -39.75 7.45 18.28
N VAL C 168 -39.39 8.14 17.21
CA VAL C 168 -40.31 8.37 16.08
C VAL C 168 -40.40 7.14 15.14
N ARG C 169 -39.28 6.39 15.04
CA ARG C 169 -39.23 5.20 14.25
C ARG C 169 -38.82 4.02 15.09
N PRO C 170 -39.69 3.56 15.97
CA PRO C 170 -39.38 2.41 16.78
C PRO C 170 -39.50 1.10 15.96
N TYR C 171 -39.01 0.00 16.54
CA TYR C 171 -38.81 -1.20 15.80
C TYR C 171 -40.13 -1.77 15.18
N ASN C 172 -41.20 -1.71 15.96
CA ASN C 172 -42.48 -2.19 15.54
C ASN C 172 -43.12 -1.39 14.43
N ARG C 173 -42.62 -0.20 14.15
CA ARG C 173 -43.11 0.58 13.03
C ARG C 173 -42.17 0.69 11.80
N ARG C 174 -40.97 0.14 11.86
CA ARG C 174 -40.01 0.24 10.76
C ARG C 174 -40.29 -0.86 9.76
N GLU C 175 -40.51 -0.46 8.51
CA GLU C 175 -40.90 -1.40 7.45
C GLU C 175 -39.75 -2.40 7.18
N ASP C 176 -38.53 -1.91 7.21
CA ASP C 176 -37.39 -2.78 6.92
C ASP C 176 -36.77 -3.48 8.20
N ALA C 177 -37.48 -3.45 9.33
CA ALA C 177 -37.01 -4.17 10.50
C ALA C 177 -37.12 -5.68 10.25
N LYS C 178 -36.06 -6.43 10.56
CA LYS C 178 -35.91 -7.84 10.13
C LYS C 178 -36.46 -8.82 11.14
N TYR C 179 -36.41 -8.49 12.41
CA TYR C 179 -36.58 -9.51 13.41
C TYR C 179 -37.81 -9.35 14.33
N ARG C 180 -38.80 -8.58 13.88
CA ARG C 180 -40.09 -8.41 14.60
C ARG C 180 -40.72 -9.78 14.96
N ASN C 181 -40.98 -9.97 16.24
CA ASN C 181 -41.79 -11.10 16.74
C ASN C 181 -41.07 -12.44 16.48
N GLN C 182 -39.80 -12.38 16.67
CA GLN C 182 -38.96 -13.51 16.47
C GLN C 182 -39.27 -14.49 17.64
N GLN C 183 -39.25 -15.78 17.36
CA GLN C 183 -39.65 -16.73 18.45
C GLN C 183 -38.70 -17.91 18.80
N GLY C 184 -38.10 -18.52 17.76
CA GLY C 184 -37.03 -19.48 17.98
C GLY C 184 -35.62 -18.93 17.73
N ALA C 185 -34.68 -19.83 17.50
CA ALA C 185 -33.28 -19.47 17.23
C ALA C 185 -33.21 -19.04 15.77
N VAL C 186 -33.63 -17.81 15.48
CA VAL C 186 -33.71 -17.33 14.14
C VAL C 186 -32.28 -16.99 13.64
N ALA C 187 -31.95 -17.53 12.48
CA ALA C 187 -30.73 -17.28 11.80
C ALA C 187 -30.64 -15.85 11.26
N SER C 188 -29.43 -15.45 10.87
CA SER C 188 -29.22 -14.11 10.28
C SER C 188 -30.19 -13.90 9.12
N ARG C 189 -30.76 -12.70 9.02
CA ARG C 189 -31.55 -12.30 7.84
C ARG C 189 -30.91 -11.19 7.08
N ILE C 190 -29.57 -11.23 7.04
CA ILE C 190 -28.72 -10.28 6.33
C ILE C 190 -29.12 -10.20 4.85
N ASP C 191 -29.65 -11.29 4.30
CA ASP C 191 -30.17 -11.30 2.93
C ASP C 191 -31.33 -10.30 2.71
N LYS C 192 -31.97 -9.82 3.75
CA LYS C 192 -33.04 -8.82 3.58
C LYS C 192 -32.53 -7.40 3.50
N ASP C 193 -31.24 -7.15 3.76
CA ASP C 193 -30.67 -5.80 3.59
C ASP C 193 -30.89 -5.27 2.17
N MET D 1 -11.49 50.67 0.58
CA MET D 1 -11.09 50.80 1.98
C MET D 1 -10.92 49.42 2.61
N ARG D 2 -9.70 49.11 3.06
CA ARG D 2 -9.51 47.96 3.89
C ARG D 2 -9.53 48.41 5.34
N LEU D 3 -9.97 47.48 6.19
CA LEU D 3 -9.88 47.66 7.63
C LEU D 3 -8.42 47.63 8.08
N CYS D 4 -8.02 48.62 8.85
CA CYS D 4 -6.72 48.62 9.50
C CYS D 4 -6.77 47.66 10.67
N ASP D 5 -5.58 47.30 11.20
CA ASP D 5 -5.46 46.39 12.34
C ASP D 5 -6.40 46.73 13.52
N ARG D 6 -6.41 48.00 13.92
CA ARG D 6 -7.29 48.46 14.98
C ARG D 6 -8.76 48.15 14.73
N ASP D 7 -9.26 48.42 13.53
CA ASP D 7 -10.66 48.10 13.17
C ASP D 7 -10.96 46.62 12.99
N ILE D 8 -9.97 45.83 12.62
CA ILE D 8 -10.13 44.38 12.59
C ILE D 8 -10.39 43.88 14.01
N GLU D 9 -9.60 44.37 14.96
CA GLU D 9 -9.78 44.03 16.37
C GLU D 9 -11.16 44.47 16.90
N ALA D 10 -11.61 45.65 16.50
CA ALA D 10 -12.96 46.13 16.85
C ALA D 10 -14.06 45.30 16.26
N TRP D 11 -13.96 44.91 14.99
CA TRP D 11 -14.95 44.00 14.41
C TRP D 11 -14.95 42.65 15.11
N LEU D 12 -13.77 42.12 15.47
CA LEU D 12 -13.69 40.85 16.17
C LEU D 12 -14.32 40.97 17.57
N ASP D 13 -14.00 42.03 18.29
CA ASP D 13 -14.59 42.28 19.63
C ASP D 13 -16.09 42.36 19.59
N GLU D 14 -16.60 43.10 18.61
CA GLU D 14 -18.02 43.26 18.41
C GLU D 14 -18.76 42.01 17.92
N GLY D 15 -18.02 40.96 17.53
CA GLY D 15 -18.61 39.75 17.02
C GLY D 15 -19.19 39.90 15.63
N ARG D 16 -18.85 40.98 14.94
CA ARG D 16 -19.24 41.18 13.53
C ARG D 16 -18.55 40.14 12.62
N LEU D 17 -17.26 40.04 12.83
CA LEU D 17 -16.39 39.16 12.14
C LEU D 17 -15.94 38.12 13.18
N SER D 18 -15.77 36.88 12.78
CA SER D 18 -15.09 35.96 13.66
C SER D 18 -14.04 35.09 12.97
N ILE D 19 -12.97 34.84 13.71
CA ILE D 19 -11.87 34.02 13.30
C ILE D 19 -11.60 33.13 14.49
N ASN D 20 -11.60 31.84 14.27
CA ASN D 20 -11.53 30.86 15.33
C ASN D 20 -10.48 29.78 15.00
N PRO D 21 -9.44 29.65 15.81
CA PRO D 21 -9.11 30.41 17.01
C PRO D 21 -8.73 31.85 16.67
N ARG D 22 -9.01 32.78 17.58
CA ARG D 22 -8.70 34.15 17.33
C ARG D 22 -7.22 34.38 17.39
N PRO D 23 -6.63 34.97 16.34
CA PRO D 23 -5.18 35.16 16.41
C PRO D 23 -4.83 36.23 17.43
N PRO D 24 -3.65 36.07 18.06
CA PRO D 24 -3.17 37.11 18.96
C PRO D 24 -2.76 38.39 18.21
N VAL D 25 -2.63 39.45 18.99
CA VAL D 25 -2.27 40.80 18.54
C VAL D 25 -1.04 40.83 17.62
N GLU D 26 -0.08 39.96 17.90
CA GLU D 26 1.14 39.86 17.09
C GLU D 26 0.85 39.47 15.64
N ARG D 27 -0.29 38.80 15.42
CA ARG D 27 -0.69 38.33 14.11
C ARG D 27 -1.66 39.25 13.40
N ILE D 28 -2.00 40.37 14.02
CA ILE D 28 -2.88 41.35 13.40
C ILE D 28 -2.11 42.65 13.27
N ASN D 29 -1.77 43.03 12.06
CA ASN D 29 -1.00 44.25 11.86
C ASN D 29 -1.19 44.84 10.47
N GLY D 30 -1.04 46.16 10.42
CA GLY D 30 -1.29 46.88 9.20
C GLY D 30 -2.75 46.79 8.80
N ALA D 31 -3.01 46.01 7.76
CA ALA D 31 -4.34 45.82 7.22
C ALA D 31 -4.64 44.33 7.07
N THR D 32 -3.96 43.47 7.81
CA THR D 32 -4.10 42.02 7.63
C THR D 32 -4.01 41.23 8.92
N VAL D 33 -4.59 40.03 8.85
CA VAL D 33 -4.47 39.00 9.85
C VAL D 33 -3.71 37.80 9.26
N ASP D 34 -2.65 37.36 9.91
CA ASP D 34 -1.92 36.18 9.44
C ASP D 34 -2.68 34.91 9.70
N VAL D 35 -2.71 33.99 8.74
CA VAL D 35 -3.34 32.70 8.95
C VAL D 35 -2.32 31.56 8.79
N ARG D 36 -2.67 30.44 9.42
CA ARG D 36 -1.81 29.31 9.61
C ARG D 36 -2.33 28.09 8.83
N LEU D 37 -1.40 27.19 8.57
CA LEU D 37 -1.67 26.00 7.84
C LEU D 37 -2.34 24.93 8.75
N GLY D 38 -3.40 24.31 8.26
CA GLY D 38 -4.06 23.17 8.94
C GLY D 38 -3.32 21.88 8.66
N ASN D 39 -3.93 20.76 8.98
CA ASN D 39 -3.20 19.48 8.82
C ASN D 39 -3.90 18.45 7.91
N LYS D 40 -4.81 18.93 7.08
CA LYS D 40 -5.45 18.12 6.05
C LYS D 40 -5.00 18.54 4.64
N PHE D 41 -4.66 17.54 3.85
CA PHE D 41 -4.19 17.74 2.49
C PHE D 41 -4.86 16.78 1.54
N ARG D 42 -4.84 17.10 0.24
CA ARG D 42 -5.32 16.23 -0.82
C ARG D 42 -4.45 16.42 -2.04
N THR D 43 -4.16 15.32 -2.74
CA THR D 43 -3.41 15.32 -3.97
C THR D 43 -4.29 14.71 -5.11
N PHE D 44 -3.67 14.58 -6.28
CA PHE D 44 -4.33 14.15 -7.46
C PHE D 44 -3.69 12.88 -7.98
N ARG D 45 -4.52 12.00 -8.53
CA ARG D 45 -4.08 10.73 -9.09
C ARG D 45 -4.39 10.78 -10.57
N GLY D 46 -3.45 11.18 -11.40
CA GLY D 46 -3.69 11.32 -12.85
C GLY D 46 -3.87 10.02 -13.66
N HIS D 47 -3.36 8.92 -13.16
CA HIS D 47 -3.35 7.72 -13.95
C HIS D 47 -4.67 7.06 -14.14
N THR D 48 -5.69 7.51 -13.40
CA THR D 48 -7.05 6.95 -13.43
C THR D 48 -7.97 7.64 -14.45
N ALA D 49 -7.54 8.78 -14.99
CA ALA D 49 -8.39 9.47 -15.97
C ALA D 49 -7.55 10.22 -17.01
N ALA D 50 -8.14 10.41 -18.17
CA ALA D 50 -7.51 11.15 -19.24
C ALA D 50 -7.68 12.67 -19.05
N PHE D 51 -8.82 13.09 -18.52
CA PHE D 51 -9.16 14.53 -18.44
C PHE D 51 -10.40 14.76 -17.55
N ILE D 52 -10.66 16.04 -17.27
CA ILE D 52 -11.86 16.43 -16.60
C ILE D 52 -12.64 17.35 -17.49
N ASP D 53 -13.88 16.95 -17.78
CA ASP D 53 -14.80 17.71 -18.60
C ASP D 53 -15.59 18.62 -17.71
N LEU D 54 -15.14 19.85 -17.57
CA LEU D 54 -15.63 20.76 -16.56
C LEU D 54 -17.13 21.09 -16.62
N SER D 55 -17.65 21.30 -17.82
CA SER D 55 -19.09 21.50 -17.99
C SER D 55 -19.68 20.34 -18.79
N GLY D 56 -19.26 19.12 -18.47
CA GLY D 56 -19.87 17.93 -19.05
C GLY D 56 -21.06 17.48 -18.21
N PRO D 57 -21.63 16.30 -18.52
CA PRO D 57 -22.73 15.71 -17.75
C PRO D 57 -22.37 15.41 -16.28
N LYS D 58 -23.20 15.91 -15.37
CA LYS D 58 -22.89 15.94 -13.93
C LYS D 58 -22.35 14.65 -13.37
N ASP D 59 -22.92 13.53 -13.81
CA ASP D 59 -22.54 12.19 -13.31
C ASP D 59 -21.16 11.74 -13.80
N GLU D 60 -20.84 12.08 -15.05
CA GLU D 60 -19.51 11.82 -15.60
C GLU D 60 -18.44 12.63 -14.90
N VAL D 61 -18.72 13.92 -14.69
CA VAL D 61 -17.78 14.82 -14.00
C VAL D 61 -17.56 14.30 -12.57
N SER D 62 -18.66 13.98 -11.91
CA SER D 62 -18.59 13.50 -10.52
C SER D 62 -17.72 12.23 -10.36
N ALA D 63 -17.88 11.31 -11.30
CA ALA D 63 -17.13 10.06 -11.29
C ALA D 63 -15.64 10.28 -11.59
N ALA D 64 -15.36 11.19 -12.52
CA ALA D 64 -13.96 11.60 -12.80
C ALA D 64 -13.27 12.25 -11.61
N LEU D 65 -13.98 13.15 -10.93
CA LEU D 65 -13.44 13.82 -9.76
C LEU D 65 -13.12 12.83 -8.63
N ASP D 66 -14.03 11.87 -8.44
CA ASP D 66 -13.83 10.85 -7.40
C ASP D 66 -12.62 9.94 -7.71
N ARG D 67 -12.41 9.67 -8.98
CA ARG D 67 -11.22 8.91 -9.41
C ARG D 67 -9.91 9.67 -9.21
N VAL D 68 -9.88 10.97 -9.53
CA VAL D 68 -8.61 11.69 -9.52
C VAL D 68 -8.19 12.22 -8.14
N MET D 69 -9.13 12.47 -7.25
CA MET D 69 -8.76 13.03 -5.94
C MET D 69 -8.31 11.96 -4.96
N SER D 70 -7.16 12.15 -4.31
CA SER D 70 -6.73 11.23 -3.25
C SER D 70 -7.72 11.31 -2.10
N ASP D 71 -7.62 10.35 -1.19
CA ASP D 71 -8.23 10.48 0.13
C ASP D 71 -7.50 11.58 0.90
N GLU D 72 -8.17 12.13 1.90
CA GLU D 72 -7.59 13.18 2.72
C GLU D 72 -6.35 12.65 3.47
N ILE D 73 -5.28 13.41 3.40
CA ILE D 73 -4.05 13.13 4.09
C ILE D 73 -4.08 13.94 5.39
N VAL D 74 -3.86 13.25 6.51
CA VAL D 74 -3.79 13.94 7.80
C VAL D 74 -2.41 13.73 8.33
N LEU D 75 -1.72 14.83 8.63
CA LEU D 75 -0.37 14.73 9.15
C LEU D 75 -0.40 14.70 10.68
N ASP D 76 0.38 13.78 11.22
CA ASP D 76 0.68 13.75 12.65
C ASP D 76 1.46 15.00 13.02
N GLU D 77 1.72 15.17 14.32
CA GLU D 77 2.67 16.19 14.75
C GLU D 77 4.07 15.68 14.38
N GLY D 78 4.95 16.61 14.02
CA GLY D 78 6.28 16.26 13.51
C GLY D 78 6.38 16.02 12.00
N GLU D 79 5.24 15.73 11.35
CA GLU D 79 5.22 15.39 9.92
C GLU D 79 5.18 16.62 9.03
N ALA D 80 5.88 16.55 7.91
CA ALA D 80 5.82 17.54 6.84
C ALA D 80 5.04 16.99 5.63
N PHE D 81 4.35 17.90 4.94
CA PHE D 81 3.89 17.63 3.58
C PHE D 81 4.98 18.18 2.66
N TYR D 82 5.51 17.34 1.75
CA TYR D 82 6.54 17.82 0.78
C TYR D 82 5.92 18.22 -0.52
N LEU D 83 5.92 19.54 -0.79
CA LEU D 83 5.36 20.10 -2.01
C LEU D 83 6.49 20.30 -3.04
N HIS D 84 6.50 19.42 -4.02
CA HIS D 84 7.51 19.40 -5.06
C HIS D 84 7.17 20.41 -6.15
N PRO D 85 8.19 20.94 -6.84
CA PRO D 85 7.98 21.88 -7.92
C PRO D 85 7.06 21.26 -8.99
N GLY D 86 6.09 22.05 -9.42
CA GLY D 86 5.17 21.65 -10.45
C GLY D 86 4.01 20.84 -9.93
N GLU D 87 3.90 20.68 -8.63
CA GLU D 87 2.77 19.92 -8.07
C GLU D 87 1.78 20.87 -7.42
N LEU D 88 0.51 20.59 -7.70
CA LEU D 88 -0.61 21.25 -7.06
C LEU D 88 -1.18 20.32 -5.98
N ALA D 89 -1.46 20.88 -4.81
CA ALA D 89 -2.07 20.14 -3.70
C ALA D 89 -3.09 21.02 -3.03
N LEU D 90 -4.09 20.40 -2.43
CA LEU D 90 -5.06 21.13 -1.65
C LEU D 90 -4.72 21.07 -0.16
N ALA D 91 -4.94 22.17 0.53
CA ALA D 91 -4.68 22.22 1.95
C ALA D 91 -5.76 23.07 2.58
N VAL D 92 -5.72 23.28 3.88
CA VAL D 92 -6.77 24.02 4.56
C VAL D 92 -6.12 24.94 5.57
N THR D 93 -6.73 26.08 5.87
CA THR D 93 -6.25 26.93 6.96
C THR D 93 -6.62 26.31 8.27
N LEU D 94 -5.80 26.54 9.29
CA LEU D 94 -6.15 26.13 10.67
C LEU D 94 -7.43 26.88 11.15
N GLU D 95 -7.50 28.13 10.82
CA GLU D 95 -8.60 28.99 11.25
C GLU D 95 -9.84 28.85 10.40
N SER D 96 -10.97 28.89 11.10
CA SER D 96 -12.27 29.07 10.52
C SER D 96 -12.56 30.57 10.58
N VAL D 97 -13.21 31.06 9.52
CA VAL D 97 -13.57 32.44 9.40
C VAL D 97 -15.08 32.52 9.13
N THR D 98 -15.72 33.50 9.77
CA THR D 98 -17.09 33.85 9.50
C THR D 98 -17.22 35.32 9.20
N LEU D 99 -17.81 35.62 8.05
CA LEU D 99 -18.00 36.99 7.63
C LEU D 99 -19.47 37.35 7.62
N PRO D 100 -19.80 38.60 8.05
CA PRO D 100 -21.16 39.10 7.97
C PRO D 100 -21.48 39.44 6.53
N ALA D 101 -22.73 39.80 6.29
CA ALA D 101 -23.23 40.18 4.96
C ALA D 101 -22.63 41.47 4.39
N ASP D 102 -22.03 42.31 5.23
CA ASP D 102 -21.48 43.58 4.73
C ASP D 102 -19.95 43.68 4.69
N LEU D 103 -19.28 42.52 4.61
CA LEU D 103 -17.84 42.44 4.50
C LEU D 103 -17.38 41.37 3.47
N VAL D 104 -16.35 41.67 2.71
CA VAL D 104 -15.68 40.68 1.89
C VAL D 104 -14.24 40.53 2.38
N GLY D 105 -13.72 39.30 2.28
CA GLY D 105 -12.35 38.98 2.68
C GLY D 105 -11.52 38.56 1.47
N TRP D 106 -10.23 38.70 1.60
CA TRP D 106 -9.25 38.46 0.51
C TRP D 106 -8.04 37.76 1.07
N LEU D 107 -7.73 36.61 0.52
CA LEU D 107 -6.55 35.82 0.90
C LEU D 107 -5.33 36.19 0.04
N ASP D 108 -4.19 36.44 0.68
CA ASP D 108 -2.92 36.69 0.00
C ASP D 108 -1.96 35.67 0.56
N GLY D 109 -0.82 35.52 -0.11
CA GLY D 109 0.29 34.76 0.42
C GLY D 109 1.25 35.65 1.21
N ARG D 110 2.43 35.12 1.50
CA ARG D 110 3.46 35.86 2.15
C ARG D 110 4.63 35.99 1.23
N SER D 111 5.19 37.19 1.19
CA SER D 111 6.37 37.44 0.38
C SER D 111 7.52 36.48 0.65
N SER D 112 7.72 36.08 1.89
CA SER D 112 8.80 35.12 2.25
C SER D 112 8.65 33.77 1.56
N LEU D 113 7.41 33.40 1.34
CA LEU D 113 7.08 32.13 0.67
C LEU D 113 7.00 32.26 -0.86
N ALA D 114 6.47 33.38 -1.31
CA ALA D 114 6.50 33.76 -2.71
C ALA D 114 7.91 33.80 -3.30
N ARG D 115 8.88 34.24 -2.51
CA ARG D 115 10.27 34.30 -2.95
C ARG D 115 10.96 32.92 -3.06
N LEU D 116 10.27 31.89 -2.59
CA LEU D 116 10.63 30.50 -2.82
C LEU D 116 9.74 29.77 -3.85
N GLY D 117 8.74 30.46 -4.40
CA GLY D 117 7.82 29.91 -5.37
C GLY D 117 6.48 29.38 -4.88
N LEU D 118 6.15 29.56 -3.63
CA LEU D 118 4.90 29.06 -3.11
C LEU D 118 3.76 29.99 -3.39
N MET D 119 2.83 29.52 -4.20
CA MET D 119 1.54 30.17 -4.41
C MET D 119 0.50 29.52 -3.50
N VAL D 120 -0.27 30.32 -2.79
CA VAL D 120 -1.25 29.80 -1.80
C VAL D 120 -2.66 29.78 -2.35
N HIS D 121 -2.84 30.38 -3.53
CA HIS D 121 -4.06 30.21 -4.31
C HIS D 121 -3.76 30.29 -5.81
N VAL D 122 -4.75 29.94 -6.60
CA VAL D 122 -4.65 29.79 -8.02
C VAL D 122 -5.75 30.69 -8.65
N THR D 123 -5.64 31.99 -8.40
CA THR D 123 -6.56 33.04 -8.89
C THR D 123 -7.98 33.06 -8.30
N ALA D 124 -8.24 32.30 -7.23
CA ALA D 124 -9.52 32.43 -6.54
C ALA D 124 -9.21 32.69 -5.09
N HIS D 125 -9.38 33.93 -4.66
CA HIS D 125 -8.90 34.32 -3.37
C HIS D 125 -9.90 35.15 -2.60
N ARG D 126 -11.15 35.14 -3.01
CA ARG D 126 -12.20 35.92 -2.40
C ARG D 126 -12.98 35.11 -1.38
N ILE D 127 -13.19 35.70 -0.19
CA ILE D 127 -14.02 35.08 0.83
C ILE D 127 -15.31 35.90 0.88
N ASP D 128 -16.40 35.25 0.57
CA ASP D 128 -17.63 35.96 0.40
C ASP D 128 -18.28 36.45 1.64
N PRO D 129 -19.06 37.54 1.51
CA PRO D 129 -19.96 37.88 2.63
C PRO D 129 -20.85 36.70 2.94
N GLY D 130 -21.05 36.42 4.23
CA GLY D 130 -21.87 35.29 4.67
C GLY D 130 -21.10 33.99 4.77
N TRP D 131 -19.82 34.01 4.40
CA TRP D 131 -18.98 32.80 4.46
C TRP D 131 -18.76 32.38 5.89
N SER D 132 -18.78 31.08 6.15
CA SER D 132 -18.43 30.53 7.43
C SER D 132 -17.69 29.23 7.23
N GLY D 133 -16.46 29.17 7.69
CA GLY D 133 -15.69 27.94 7.54
C GLY D 133 -14.19 28.15 7.37
N CYS D 134 -13.46 27.03 7.44
CA CYS D 134 -12.12 26.98 7.07
C CYS D 134 -11.96 27.18 5.54
N ILE D 135 -10.83 27.74 5.17
CA ILE D 135 -10.55 28.13 3.79
C ILE D 135 -9.67 27.09 3.20
N VAL D 136 -10.06 26.62 2.02
CA VAL D 136 -9.26 25.61 1.28
C VAL D 136 -8.23 26.38 0.47
N LEU D 137 -6.98 25.92 0.55
CA LEU D 137 -5.84 26.53 -0.16
C LEU D 137 -5.45 25.59 -1.28
N ASP D 138 -5.14 26.13 -2.46
CA ASP D 138 -4.61 25.35 -3.58
C ASP D 138 -3.20 25.81 -3.72
N PHE D 139 -2.28 24.99 -3.25
CA PHE D 139 -0.87 25.28 -3.26
C PHE D 139 -0.26 24.82 -4.57
N TYR D 140 0.63 25.66 -5.09
CA TYR D 140 1.43 25.30 -6.23
C TYR D 140 2.84 25.79 -5.95
N ASN D 141 3.82 24.93 -6.16
CA ASN D 141 5.22 25.24 -6.04
C ASN D 141 5.79 25.54 -7.46
N SER D 142 6.03 26.84 -7.71
CA SER D 142 6.61 27.33 -8.96
C SER D 142 8.14 27.49 -8.87
N GLY D 143 8.72 27.09 -7.74
CA GLY D 143 10.13 27.26 -7.54
C GLY D 143 10.92 26.02 -7.94
N LYS D 144 12.18 25.99 -7.53
CA LYS D 144 13.13 24.95 -7.95
C LYS D 144 13.33 23.92 -6.89
N LEU D 145 12.88 24.17 -5.67
CA LEU D 145 13.07 23.18 -4.63
C LEU D 145 11.79 22.70 -4.02
N PRO D 146 11.79 21.46 -3.55
CA PRO D 146 10.70 21.02 -2.69
C PRO D 146 10.64 21.80 -1.39
N LEU D 147 9.43 22.09 -0.96
CA LEU D 147 9.16 22.80 0.24
C LEU D 147 8.42 21.88 1.23
N ALA D 148 9.00 21.78 2.41
CA ALA D 148 8.42 20.99 3.51
C ALA D 148 7.44 21.86 4.27
N LEU D 149 6.16 21.57 4.13
CA LEU D 149 5.10 22.34 4.79
C LEU D 149 4.65 21.59 6.04
N ARG D 150 4.61 22.29 7.18
CA ARG D 150 4.19 21.73 8.46
C ARG D 150 2.91 22.42 8.99
N PRO D 151 1.96 21.63 9.48
CA PRO D 151 0.81 22.22 10.13
C PRO D 151 1.21 23.23 11.18
N GLY D 152 0.49 24.33 11.22
CA GLY D 152 0.75 25.34 12.19
C GLY D 152 1.58 26.49 11.68
N MET D 153 2.29 26.31 10.56
CA MET D 153 3.11 27.40 10.01
C MET D 153 2.27 28.55 9.47
N LEU D 154 2.84 29.76 9.53
CA LEU D 154 2.19 30.94 8.93
C LEU D 154 2.27 30.86 7.42
N ILE D 155 1.13 30.88 6.79
CA ILE D 155 1.00 30.52 5.38
C ILE D 155 0.42 31.65 4.51
N GLY D 156 -0.27 32.60 5.10
CA GLY D 156 -0.86 33.65 4.34
C GLY D 156 -1.45 34.69 5.22
N ALA D 157 -2.22 35.57 4.60
CA ALA D 157 -2.80 36.75 5.24
C ALA D 157 -4.19 37.04 4.69
N LEU D 158 -5.09 37.50 5.55
CA LEU D 158 -6.43 37.91 5.18
C LEU D 158 -6.57 39.40 5.37
N SER D 159 -7.16 40.06 4.39
CA SER D 159 -7.60 41.41 4.58
C SER D 159 -9.09 41.49 4.36
N PHE D 160 -9.68 42.58 4.81
CA PHE D 160 -11.14 42.75 4.86
C PHE D 160 -11.60 44.09 4.37
N GLU D 161 -12.63 44.05 3.53
CA GLU D 161 -13.15 45.20 2.86
C GLU D 161 -14.66 45.34 3.08
N PRO D 162 -15.10 46.45 3.70
CA PRO D 162 -16.53 46.74 3.79
C PRO D 162 -17.21 46.84 2.46
N LEU D 163 -18.42 46.33 2.35
CA LEU D 163 -19.16 46.47 1.12
C LEU D 163 -19.94 47.77 1.13
N SER D 164 -20.46 48.16 -0.02
CA SER D 164 -21.22 49.40 -0.13
C SER D 164 -22.49 49.30 0.68
N GLY D 165 -22.97 48.09 0.94
CA GLY D 165 -24.10 47.85 1.84
C GLY D 165 -24.13 46.39 2.13
N PRO D 166 -25.09 45.92 2.94
CA PRO D 166 -25.16 44.48 3.18
C PRO D 166 -25.55 43.76 1.91
N ALA D 167 -24.95 42.62 1.65
CA ALA D 167 -25.32 41.78 0.52
C ALA D 167 -26.78 41.27 0.71
N VAL D 168 -27.53 41.25 -0.37
CA VAL D 168 -28.86 40.70 -0.38
C VAL D 168 -28.81 39.17 -0.51
N ARG D 169 -27.82 38.67 -1.26
CA ARG D 169 -27.64 37.25 -1.47
C ARG D 169 -26.24 36.80 -0.99
N PRO D 170 -26.04 36.75 0.34
CA PRO D 170 -24.80 36.35 0.89
C PRO D 170 -24.64 34.82 0.92
N TYR D 171 -23.41 34.37 1.10
CA TYR D 171 -23.09 32.98 0.81
C TYR D 171 -23.93 31.98 1.61
N ASN D 172 -24.20 32.30 2.87
CA ASN D 172 -24.97 31.42 3.73
C ASN D 172 -26.43 31.26 3.33
N ARG D 173 -26.95 32.19 2.53
CA ARG D 173 -28.34 32.16 2.05
C ARG D 173 -28.50 31.70 0.59
N ARG D 174 -27.39 31.53 -0.16
CA ARG D 174 -27.50 31.11 -1.57
C ARG D 174 -27.73 29.61 -1.66
N GLU D 175 -28.84 29.22 -2.30
CA GLU D 175 -29.21 27.81 -2.39
C GLU D 175 -28.17 27.00 -3.17
N ASP D 176 -27.62 27.59 -4.23
CA ASP D 176 -26.65 26.87 -5.05
C ASP D 176 -25.18 27.06 -4.62
N ALA D 177 -24.93 27.66 -3.45
CA ALA D 177 -23.58 27.81 -2.93
C ALA D 177 -23.02 26.42 -2.67
N LYS D 178 -21.78 26.15 -3.10
CA LYS D 178 -21.23 24.77 -3.04
C LYS D 178 -20.46 24.45 -1.78
N TYR D 179 -19.92 25.45 -1.09
CA TYR D 179 -18.89 25.19 -0.07
C TYR D 179 -19.24 25.65 1.32
N ARG D 180 -20.53 25.78 1.60
CA ARG D 180 -20.98 26.16 2.95
C ARG D 180 -20.49 25.19 4.04
N ASN D 181 -19.88 25.77 5.09
CA ASN D 181 -19.42 25.05 6.28
C ASN D 181 -18.42 23.97 5.88
N GLN D 182 -17.45 24.37 5.10
CA GLN D 182 -16.43 23.46 4.64
C GLN D 182 -15.41 23.29 5.79
N GLN D 183 -14.93 22.06 5.99
CA GLN D 183 -14.03 21.80 7.15
C GLN D 183 -12.65 21.19 6.88
N GLY D 184 -12.57 20.24 5.94
CA GLY D 184 -11.25 19.74 5.53
C GLY D 184 -10.76 20.24 4.17
N ALA D 185 -9.84 19.49 3.58
CA ALA D 185 -9.34 19.79 2.27
C ALA D 185 -10.36 19.30 1.21
N VAL D 186 -11.42 20.07 1.07
CA VAL D 186 -12.54 19.73 0.22
C VAL D 186 -12.18 19.98 -1.28
N ALA D 187 -12.37 18.92 -2.06
CA ALA D 187 -12.10 18.89 -3.48
C ALA D 187 -13.11 19.73 -4.27
N SER D 188 -12.75 20.05 -5.51
CA SER D 188 -13.64 20.83 -6.37
C SER D 188 -15.06 20.19 -6.47
N ARG D 189 -16.10 21.01 -6.33
CA ARG D 189 -17.47 20.55 -6.48
C ARG D 189 -18.08 21.07 -7.77
N ILE D 190 -17.21 21.26 -8.77
CA ILE D 190 -17.59 21.77 -10.09
C ILE D 190 -18.72 20.93 -10.72
N ASP D 191 -18.82 19.66 -10.32
CA ASP D 191 -19.97 18.82 -10.70
C ASP D 191 -21.35 19.33 -10.24
N LYS D 192 -21.40 20.23 -9.25
CA LYS D 192 -22.67 20.76 -8.75
C LYS D 192 -23.17 21.92 -9.62
N ASP D 193 -22.33 22.48 -10.48
CA ASP D 193 -22.76 23.57 -11.37
C ASP D 193 -23.97 23.18 -12.24
N MET E 1 -12.27 51.47 -1.97
CA MET E 1 -11.97 52.70 -2.72
C MET E 1 -10.50 52.77 -3.05
N ARG E 2 -10.20 52.76 -4.33
CA ARG E 2 -8.85 53.07 -4.76
C ARG E 2 -8.76 54.56 -5.08
N LEU E 3 -7.57 55.09 -4.87
CA LEU E 3 -7.27 56.44 -5.30
C LEU E 3 -7.23 56.53 -6.83
N CYS E 4 -7.94 57.52 -7.38
CA CYS E 4 -7.87 57.79 -8.80
C CYS E 4 -6.58 58.52 -9.06
N ASP E 5 -6.20 58.60 -10.34
CA ASP E 5 -4.96 59.25 -10.77
C ASP E 5 -4.75 60.65 -10.17
N ARG E 6 -5.79 61.48 -10.24
CA ARG E 6 -5.77 62.81 -9.65
C ARG E 6 -5.44 62.81 -8.19
N ASP E 7 -6.05 61.95 -7.40
CA ASP E 7 -5.73 61.82 -5.97
C ASP E 7 -4.37 61.18 -5.65
N ILE E 8 -3.86 60.28 -6.49
CA ILE E 8 -2.49 59.82 -6.37
C ILE E 8 -1.55 61.03 -6.48
N GLU E 9 -1.76 61.86 -7.49
CA GLU E 9 -0.92 63.05 -7.69
C GLU E 9 -0.99 64.02 -6.51
N ALA E 10 -2.17 64.20 -5.93
CA ALA E 10 -2.33 64.98 -4.70
C ALA E 10 -1.58 64.40 -3.46
N TRP E 11 -1.67 63.09 -3.27
CA TRP E 11 -0.93 62.44 -2.16
C TRP E 11 0.58 62.56 -2.40
N LEU E 12 1.01 62.45 -3.63
CA LEU E 12 2.45 62.66 -3.93
C LEU E 12 2.89 64.11 -3.67
N ASP E 13 2.07 65.08 -4.10
CA ASP E 13 2.38 66.50 -3.89
C ASP E 13 2.46 66.85 -2.44
N GLU E 14 1.51 66.33 -1.66
CA GLU E 14 1.44 66.53 -0.22
C GLU E 14 2.57 65.82 0.55
N GLY E 15 3.24 64.87 -0.07
CA GLY E 15 4.29 64.11 0.59
C GLY E 15 3.78 63.03 1.52
N ARG E 16 2.48 62.74 1.43
CA ARG E 16 1.88 61.63 2.19
C ARG E 16 2.51 60.31 1.73
N LEU E 17 2.42 60.11 0.42
CA LEU E 17 2.94 58.96 -0.31
C LEU E 17 4.21 59.46 -1.00
N SER E 18 5.22 58.64 -1.13
CA SER E 18 6.30 58.96 -2.06
C SER E 18 6.74 57.79 -2.91
N ILE E 19 7.10 58.12 -4.15
CA ILE E 19 7.62 57.19 -5.14
C ILE E 19 8.85 57.88 -5.70
N ASN E 20 9.98 57.21 -5.65
CA ASN E 20 11.25 57.77 -6.01
C ASN E 20 12.03 56.85 -6.96
N PRO E 21 12.30 57.30 -8.20
CA PRO E 21 11.92 58.57 -8.83
C PRO E 21 10.41 58.68 -9.11
N ARG E 22 9.90 59.90 -9.04
CA ARG E 22 8.50 60.13 -9.24
C ARG E 22 8.18 59.94 -10.69
N PRO E 23 7.22 59.06 -10.99
CA PRO E 23 6.87 58.87 -12.38
C PRO E 23 6.16 60.08 -12.95
N PRO E 24 6.37 60.33 -14.24
CA PRO E 24 5.69 61.42 -14.89
C PRO E 24 4.20 61.14 -15.07
N VAL E 25 3.47 62.20 -15.40
CA VAL E 25 2.02 62.19 -15.58
C VAL E 25 1.52 61.14 -16.51
N GLU E 26 2.31 60.83 -17.54
CA GLU E 26 2.01 59.76 -18.50
C GLU E 26 1.88 58.36 -17.84
N ARG E 27 2.53 58.18 -16.70
CA ARG E 27 2.60 56.90 -16.02
C ARG E 27 1.60 56.79 -14.89
N ILE E 28 0.82 57.85 -14.70
CA ILE E 28 -0.19 57.87 -13.66
C ILE E 28 -1.55 58.06 -14.32
N ASN E 29 -2.34 57.00 -14.37
CA ASN E 29 -3.64 57.09 -15.00
C ASN E 29 -4.63 56.06 -14.43
N GLY E 30 -5.89 56.42 -14.54
CA GLY E 30 -6.94 55.64 -13.98
C GLY E 30 -6.89 55.57 -12.47
N ALA E 31 -6.44 54.44 -11.98
CA ALA E 31 -6.30 54.20 -10.58
C ALA E 31 -4.90 53.56 -10.30
N THR E 32 -3.95 53.74 -11.22
CA THR E 32 -2.63 53.12 -11.08
C THR E 32 -1.44 54.04 -11.45
N VAL E 33 -0.29 53.67 -10.92
CA VAL E 33 1.01 54.18 -11.31
C VAL E 33 1.80 53.01 -11.89
N ASP E 34 2.37 53.21 -13.07
CA ASP E 34 3.17 52.19 -13.71
C ASP E 34 4.55 52.16 -13.09
N VAL E 35 5.09 50.97 -12.86
CA VAL E 35 6.44 50.83 -12.33
C VAL E 35 7.34 50.07 -13.31
N ARG E 36 8.63 50.32 -13.15
CA ARG E 36 9.67 49.87 -14.05
C ARG E 36 10.58 48.86 -13.36
N LEU E 37 11.24 48.07 -14.18
CA LEU E 37 12.13 47.02 -13.76
C LEU E 37 13.50 47.58 -13.43
N GLY E 38 14.05 47.21 -12.29
CA GLY E 38 15.41 47.62 -11.86
C GLY E 38 16.43 46.70 -12.51
N ASN E 39 17.66 46.73 -12.03
CA ASN E 39 18.71 45.96 -12.70
C ASN E 39 19.39 44.90 -11.84
N LYS E 40 18.77 44.54 -10.73
CA LYS E 40 19.26 43.50 -9.84
C LYS E 40 18.38 42.27 -9.84
N PHE E 41 18.99 41.11 -9.99
CA PHE E 41 18.29 39.86 -10.13
C PHE E 41 18.94 38.83 -9.24
N ARG E 42 18.21 37.77 -8.97
CA ARG E 42 18.75 36.57 -8.30
C ARG E 42 18.07 35.31 -8.84
N THR E 43 18.84 34.25 -8.97
CA THR E 43 18.32 32.94 -9.40
C THR E 43 18.61 31.89 -8.31
N PHE E 44 18.20 30.65 -8.57
CA PHE E 44 18.29 29.55 -7.62
C PHE E 44 19.28 28.50 -8.15
N ARG E 45 20.01 27.89 -7.24
CA ARG E 45 20.96 26.84 -7.51
C ARG E 45 20.48 25.59 -6.79
N GLY E 46 19.66 24.79 -7.49
CA GLY E 46 19.06 23.59 -6.91
C GLY E 46 20.01 22.45 -6.53
N HIS E 47 21.17 22.36 -7.17
CA HIS E 47 22.03 21.20 -7.03
C HIS E 47 22.72 21.10 -5.66
N THR E 48 22.63 22.17 -4.89
CA THR E 48 23.27 22.31 -3.60
C THR E 48 22.41 21.90 -2.43
N ALA E 49 21.12 21.65 -2.66
CA ALA E 49 20.26 21.16 -1.60
C ALA E 49 19.11 20.30 -2.13
N ALA E 50 18.61 19.44 -1.27
CA ALA E 50 17.50 18.56 -1.63
C ALA E 50 16.14 19.27 -1.46
N PHE E 51 16.03 20.14 -0.46
CA PHE E 51 14.78 20.80 -0.16
C PHE E 51 15.02 21.94 0.82
N ILE E 52 14.00 22.74 1.03
CA ILE E 52 13.98 23.76 2.05
C ILE E 52 12.91 23.36 3.07
N ASP E 53 13.35 23.27 4.31
CA ASP E 53 12.43 23.06 5.43
C ASP E 53 11.97 24.38 6.02
N LEU E 54 10.80 24.88 5.54
CA LEU E 54 10.37 26.27 5.77
C LEU E 54 10.27 26.63 7.26
N SER E 55 9.66 25.74 8.04
CA SER E 55 9.53 25.98 9.49
C SER E 55 10.42 24.96 10.25
N GLY E 56 11.59 24.69 9.69
CA GLY E 56 12.59 23.89 10.40
C GLY E 56 13.41 24.78 11.34
N PRO E 57 14.51 24.26 11.91
CA PRO E 57 15.44 24.99 12.78
C PRO E 57 16.18 26.12 12.08
N LYS E 58 16.10 27.33 12.64
CA LYS E 58 16.53 28.59 11.99
C LYS E 58 17.90 28.53 11.32
N ASP E 59 18.85 27.89 11.97
CA ASP E 59 20.22 27.77 11.45
C ASP E 59 20.36 26.82 10.24
N GLU E 60 19.57 25.75 10.22
CA GLU E 60 19.49 24.85 9.07
C GLU E 60 18.87 25.61 7.90
N VAL E 61 17.72 26.26 8.13
CA VAL E 61 17.00 26.98 7.09
C VAL E 61 17.93 28.07 6.51
N SER E 62 18.58 28.80 7.40
CA SER E 62 19.42 29.88 6.98
C SER E 62 20.60 29.45 6.14
N ALA E 63 21.20 28.29 6.45
CA ALA E 63 22.28 27.67 5.67
C ALA E 63 21.76 27.19 4.31
N ALA E 64 20.60 26.53 4.28
CA ALA E 64 20.02 26.07 3.02
C ALA E 64 19.79 27.26 2.06
N LEU E 65 19.17 28.32 2.57
CA LEU E 65 18.89 29.50 1.77
C LEU E 65 20.13 30.15 1.21
N ASP E 66 21.20 30.17 1.98
CA ASP E 66 22.44 30.72 1.50
C ASP E 66 23.06 29.88 0.39
N ARG E 67 22.96 28.55 0.49
CA ARG E 67 23.38 27.63 -0.56
C ARG E 67 22.55 27.81 -1.87
N VAL E 68 21.23 27.93 -1.78
CA VAL E 68 20.41 27.88 -2.98
C VAL E 68 20.28 29.19 -3.74
N MET E 69 20.52 30.31 -3.09
CA MET E 69 20.39 31.60 -3.77
C MET E 69 21.70 31.94 -4.47
N SER E 70 21.63 32.35 -5.73
CA SER E 70 22.78 32.91 -6.42
C SER E 70 23.19 34.22 -5.75
N ASP E 71 24.38 34.67 -6.09
CA ASP E 71 24.76 36.06 -5.82
C ASP E 71 23.90 37.01 -6.66
N GLU E 72 23.86 38.27 -6.28
CA GLU E 72 23.07 39.25 -7.03
C GLU E 72 23.64 39.47 -8.43
N ILE E 73 22.76 39.38 -9.42
CA ILE E 73 23.11 39.60 -10.82
C ILE E 73 22.81 41.10 -11.09
N VAL E 74 23.80 41.84 -11.58
CA VAL E 74 23.60 43.21 -11.95
C VAL E 74 23.82 43.27 -13.45
N LEU E 75 22.84 43.79 -14.18
CA LEU E 75 22.98 43.92 -15.60
C LEU E 75 23.56 45.30 -15.97
N ASP E 76 24.52 45.29 -16.88
CA ASP E 76 25.00 46.52 -17.54
C ASP E 76 23.86 47.13 -18.34
N GLU E 77 24.09 48.30 -18.92
CA GLU E 77 23.16 48.81 -19.92
C GLU E 77 23.38 47.96 -21.17
N GLY E 78 22.30 47.77 -21.92
CA GLY E 78 22.31 46.90 -23.11
C GLY E 78 22.04 45.44 -22.84
N GLU E 79 22.19 45.00 -21.59
CA GLU E 79 22.06 43.59 -21.25
C GLU E 79 20.62 43.23 -20.92
N ALA E 80 20.24 41.99 -21.27
CA ALA E 80 18.96 41.39 -20.92
C ALA E 80 19.13 40.29 -19.87
N PHE E 81 18.10 40.13 -19.03
CA PHE E 81 17.95 38.91 -18.26
C PHE E 81 16.99 38.00 -19.03
N TYR E 82 17.41 36.80 -19.37
CA TYR E 82 16.52 35.88 -20.09
C TYR E 82 15.72 35.01 -19.13
N LEU E 83 14.42 35.22 -19.06
CA LEU E 83 13.53 34.44 -18.22
C LEU E 83 12.90 33.31 -19.02
N HIS E 84 13.41 32.12 -18.81
CA HIS E 84 12.95 30.94 -19.52
C HIS E 84 11.68 30.38 -18.93
N PRO E 85 10.83 29.74 -19.75
CA PRO E 85 9.62 29.07 -19.26
C PRO E 85 9.95 28.15 -18.08
N GLY E 86 9.17 28.24 -17.02
CA GLY E 86 9.32 27.35 -15.89
C GLY E 86 10.37 27.79 -14.89
N GLU E 87 10.97 28.95 -15.08
CA GLU E 87 11.98 29.42 -14.18
C GLU E 87 11.40 30.54 -13.35
N LEU E 88 11.74 30.49 -12.06
CA LEU E 88 11.44 31.57 -11.11
C LEU E 88 12.72 32.36 -10.89
N ALA E 89 12.61 33.68 -10.93
CA ALA E 89 13.73 34.56 -10.65
C ALA E 89 13.23 35.72 -9.78
N LEU E 90 14.11 36.29 -9.00
CA LEU E 90 13.80 37.48 -8.24
C LEU E 90 14.35 38.68 -8.98
N ALA E 91 13.59 39.76 -8.98
CA ALA E 91 14.04 41.03 -9.51
C ALA E 91 13.55 42.13 -8.57
N VAL E 92 13.80 43.38 -8.93
CA VAL E 92 13.40 44.52 -8.08
C VAL E 92 12.78 45.63 -8.96
N THR E 93 11.90 46.45 -8.41
CA THR E 93 11.47 47.66 -9.08
C THR E 93 12.53 48.74 -9.07
N LEU E 94 12.58 49.54 -10.12
CA LEU E 94 13.46 50.70 -10.17
C LEU E 94 13.08 51.69 -9.06
N GLU E 95 11.78 51.89 -8.91
CA GLU E 95 11.25 52.85 -7.89
C GLU E 95 11.25 52.29 -6.46
N SER E 96 11.59 53.17 -5.53
CA SER E 96 11.37 52.98 -4.12
C SER E 96 10.06 53.63 -3.72
N VAL E 97 9.29 53.00 -2.88
CA VAL E 97 7.98 53.46 -2.50
C VAL E 97 7.94 53.62 -0.98
N THR E 98 7.35 54.70 -0.52
CA THR E 98 7.10 54.89 0.90
C THR E 98 5.62 55.14 1.15
N LEU E 99 5.01 54.31 2.00
CA LEU E 99 3.61 54.48 2.33
C LEU E 99 3.43 54.97 3.74
N PRO E 100 2.43 55.85 3.94
CA PRO E 100 2.07 56.26 5.31
C PRO E 100 1.27 55.16 6.01
N ALA E 101 0.97 55.40 7.29
CA ALA E 101 0.28 54.41 8.12
C ALA E 101 -1.17 54.16 7.73
N ASP E 102 -1.77 55.05 6.94
CA ASP E 102 -3.18 54.95 6.58
C ASP E 102 -3.45 54.60 5.08
N LEU E 103 -2.47 53.99 4.43
CA LEU E 103 -2.60 53.56 3.05
C LEU E 103 -1.96 52.17 2.85
N VAL E 104 -2.63 51.33 2.08
CA VAL E 104 -2.07 50.06 1.61
C VAL E 104 -1.90 50.12 0.06
N GLY E 105 -0.82 49.51 -0.42
CA GLY E 105 -0.54 49.41 -1.86
C GLY E 105 -0.67 47.98 -2.36
N TRP E 106 -0.88 47.87 -3.64
CA TRP E 106 -1.15 46.59 -4.35
C TRP E 106 -0.44 46.56 -5.69
N LEU E 107 0.43 45.57 -5.85
CA LEU E 107 1.17 45.34 -7.09
C LEU E 107 0.40 44.44 -8.06
N ASP E 108 0.20 44.91 -9.29
CA ASP E 108 -0.36 44.11 -10.37
C ASP E 108 0.69 44.01 -11.50
N GLY E 109 0.48 43.05 -12.40
CA GLY E 109 1.24 42.98 -13.62
C GLY E 109 0.61 43.84 -14.67
N ARG E 110 1.03 43.64 -15.91
CA ARG E 110 0.45 44.28 -17.10
C ARG E 110 -0.16 43.20 -17.98
N SER E 111 -1.35 43.45 -18.48
CA SER E 111 -2.01 42.53 -19.40
C SER E 111 -1.16 42.11 -20.65
N SER E 112 -0.39 43.07 -21.20
CA SER E 112 0.54 42.81 -22.32
C SER E 112 1.61 41.76 -22.03
N LEU E 113 2.06 41.70 -20.78
CA LEU E 113 3.05 40.73 -20.34
C LEU E 113 2.38 39.42 -19.90
N ALA E 114 1.21 39.53 -19.27
CA ALA E 114 0.42 38.39 -18.87
C ALA E 114 0.06 37.52 -20.06
N ARG E 115 -0.29 38.16 -21.18
CA ARG E 115 -0.63 37.44 -22.42
C ARG E 115 0.55 36.73 -23.06
N LEU E 116 1.76 36.95 -22.55
CA LEU E 116 2.96 36.16 -22.90
C LEU E 116 3.38 35.18 -21.79
N GLY E 117 2.65 35.16 -20.67
CA GLY E 117 2.93 34.27 -19.55
C GLY E 117 3.73 34.84 -18.39
N LEU E 118 4.07 36.15 -18.44
CA LEU E 118 4.86 36.73 -17.37
C LEU E 118 4.02 37.06 -16.12
N MET E 119 4.28 36.33 -15.03
CA MET E 119 3.78 36.67 -13.72
C MET E 119 4.79 37.52 -13.01
N VAL E 120 4.35 38.63 -12.44
CA VAL E 120 5.24 39.56 -11.73
C VAL E 120 5.23 39.34 -10.22
N HIS E 121 4.33 38.51 -9.74
CA HIS E 121 4.36 38.05 -8.36
C HIS E 121 3.69 36.67 -8.27
N VAL E 122 3.83 36.05 -7.11
CA VAL E 122 3.49 34.67 -6.87
C VAL E 122 2.54 34.63 -5.65
N THR E 123 1.41 35.31 -5.79
CA THR E 123 0.38 35.48 -4.74
C THR E 123 0.74 36.30 -3.50
N ALA E 124 1.86 37.03 -3.47
CA ALA E 124 2.12 38.03 -2.43
C ALA E 124 2.27 39.36 -3.15
N HIS E 125 1.26 40.22 -3.07
CA HIS E 125 1.33 41.48 -3.81
C HIS E 125 0.98 42.75 -3.03
N ARG E 126 0.92 42.63 -1.71
CA ARG E 126 0.51 43.71 -0.85
C ARG E 126 1.76 44.51 -0.38
N ILE E 127 1.62 45.82 -0.43
CA ILE E 127 2.63 46.73 0.10
C ILE E 127 2.01 47.35 1.37
N ASP E 128 2.63 47.06 2.49
CA ASP E 128 2.01 47.44 3.78
C ASP E 128 2.07 48.92 4.07
N PRO E 129 1.12 49.41 4.87
CA PRO E 129 1.26 50.76 5.44
C PRO E 129 2.54 50.83 6.21
N GLY E 130 3.25 51.93 6.11
CA GLY E 130 4.58 52.08 6.75
C GLY E 130 5.75 51.52 5.95
N TRP E 131 5.46 50.88 4.82
CA TRP E 131 6.51 50.33 3.95
C TRP E 131 7.38 51.46 3.41
N SER E 132 8.67 51.22 3.31
CA SER E 132 9.57 52.12 2.62
C SER E 132 10.65 51.33 1.93
N GLY E 133 10.72 51.40 0.60
CA GLY E 133 11.76 50.65 -0.09
C GLY E 133 11.37 50.24 -1.48
N CYS E 134 12.36 49.71 -2.20
CA CYS E 134 12.12 49.03 -3.45
C CYS E 134 11.35 47.73 -3.24
N ILE E 135 10.54 47.39 -4.21
CA ILE E 135 9.73 46.18 -4.14
C ILE E 135 10.41 45.06 -4.90
N VAL E 136 10.52 43.91 -4.25
CA VAL E 136 11.07 42.71 -4.84
C VAL E 136 9.97 41.99 -5.61
N LEU E 137 10.34 41.62 -6.85
CA LEU E 137 9.44 40.91 -7.73
C LEU E 137 9.89 39.46 -7.81
N ASP E 138 8.93 38.54 -7.83
CA ASP E 138 9.20 37.13 -8.08
C ASP E 138 8.58 36.89 -9.44
N PHE E 139 9.41 36.82 -10.47
CA PHE E 139 8.97 36.57 -11.82
C PHE E 139 8.88 35.11 -12.12
N TYR E 140 7.82 34.72 -12.79
CA TYR E 140 7.67 33.37 -13.28
C TYR E 140 7.13 33.44 -14.71
N ASN E 141 7.78 32.70 -15.60
CA ASN E 141 7.37 32.61 -16.97
C ASN E 141 6.53 31.33 -17.21
N SER E 142 5.24 31.53 -17.34
CA SER E 142 4.30 30.41 -17.53
C SER E 142 3.98 30.21 -18.99
N GLY E 143 4.64 30.97 -19.86
CA GLY E 143 4.43 30.85 -21.30
C GLY E 143 5.37 29.89 -22.01
N LYS E 144 5.39 29.96 -23.33
CA LYS E 144 6.11 29.00 -24.13
C LYS E 144 7.45 29.53 -24.57
N LEU E 145 7.67 30.82 -24.49
CA LEU E 145 8.92 31.38 -24.97
C LEU E 145 9.70 32.08 -23.92
N PRO E 146 11.02 32.02 -24.01
CA PRO E 146 11.84 32.92 -23.19
C PRO E 146 11.53 34.38 -23.47
N LEU E 147 11.62 35.15 -22.41
CA LEU E 147 11.37 36.60 -22.41
C LEU E 147 12.66 37.26 -22.00
N ALA E 148 13.14 38.16 -22.85
CA ALA E 148 14.27 39.00 -22.56
C ALA E 148 13.86 40.25 -21.81
N LEU E 149 14.22 40.33 -20.55
CA LEU E 149 13.81 41.42 -19.69
C LEU E 149 14.98 42.42 -19.64
N ARG E 150 14.71 43.69 -19.84
CA ARG E 150 15.71 44.74 -19.72
C ARG E 150 15.37 45.72 -18.64
N PRO E 151 16.39 46.14 -17.83
CA PRO E 151 16.19 47.19 -16.86
C PRO E 151 15.53 48.40 -17.47
N GLY E 152 14.59 48.98 -16.75
CA GLY E 152 13.92 50.16 -17.19
C GLY E 152 12.60 49.89 -17.87
N MET E 153 12.36 48.66 -18.31
CA MET E 153 11.06 48.41 -18.94
C MET E 153 9.88 48.53 -17.96
N LEU E 154 8.70 48.83 -18.47
CA LEU E 154 7.50 48.90 -17.67
C LEU E 154 7.07 47.49 -17.41
N ILE E 155 6.93 47.17 -16.13
CA ILE E 155 6.79 45.80 -15.70
C ILE E 155 5.49 45.52 -14.94
N GLY E 156 4.85 46.57 -14.41
CA GLY E 156 3.67 46.42 -13.60
C GLY E 156 3.06 47.73 -13.21
N ALA E 157 2.16 47.64 -12.25
CA ALA E 157 1.37 48.78 -11.81
C ALA E 157 1.04 48.71 -10.29
N LEU E 158 0.99 49.87 -9.64
CA LEU E 158 0.63 49.98 -8.27
C LEU E 158 -0.67 50.72 -8.15
N SER E 159 -1.56 50.20 -7.33
CA SER E 159 -2.72 50.97 -6.89
C SER E 159 -2.69 51.13 -5.38
N PHE E 160 -3.50 52.04 -4.89
CA PHE E 160 -3.48 52.50 -3.50
C PHE E 160 -4.89 52.58 -2.93
N GLU E 161 -5.03 52.10 -1.71
CA GLU E 161 -6.28 52.00 -1.01
C GLU E 161 -6.12 52.60 0.39
N PRO E 162 -6.88 53.64 0.70
CA PRO E 162 -6.97 54.14 2.07
C PRO E 162 -7.44 53.10 3.06
N LEU E 163 -6.88 53.10 4.26
CA LEU E 163 -7.33 52.20 5.31
C LEU E 163 -8.46 52.87 6.11
N SER E 164 -9.18 52.09 6.88
CA SER E 164 -10.30 52.61 7.70
C SER E 164 -9.76 53.60 8.75
N GLY E 165 -8.48 53.49 9.08
CA GLY E 165 -7.80 54.51 9.87
C GLY E 165 -6.31 54.24 9.80
N PRO E 166 -5.51 55.04 10.53
CA PRO E 166 -4.08 54.72 10.57
C PRO E 166 -3.77 53.41 11.29
N ALA E 167 -2.87 52.62 10.71
CA ALA E 167 -2.45 51.37 11.34
C ALA E 167 -1.72 51.64 12.64
N VAL E 168 -2.01 50.84 13.66
CA VAL E 168 -1.37 50.93 14.94
C VAL E 168 0.00 50.25 14.86
N ARG E 169 0.08 49.20 14.04
CA ARG E 169 1.33 48.48 13.87
C ARG E 169 1.74 48.46 12.39
N PRO E 170 2.15 49.63 11.87
CA PRO E 170 2.62 49.70 10.51
C PRO E 170 4.03 49.11 10.39
N TYR E 171 4.41 48.83 9.15
CA TYR E 171 5.58 48.00 8.86
C TYR E 171 6.89 48.58 9.43
N ASN E 172 7.04 49.89 9.37
CA ASN E 172 8.22 50.55 9.94
C ASN E 172 8.37 50.47 11.46
N ARG E 173 7.27 50.21 12.17
CA ARG E 173 7.31 50.06 13.63
C ARG E 173 7.31 48.62 14.13
N ARG E 174 7.04 47.64 13.28
CA ARG E 174 6.99 46.24 13.72
C ARG E 174 8.39 45.70 13.91
N GLU E 175 8.66 45.22 15.12
CA GLU E 175 10.01 44.71 15.47
C GLU E 175 10.36 43.47 14.64
N ASP E 176 9.40 42.60 14.40
CA ASP E 176 9.70 41.39 13.64
C ASP E 176 9.45 41.51 12.12
N ALA E 177 9.27 42.71 11.58
CA ALA E 177 9.19 42.91 10.13
C ALA E 177 10.54 42.53 9.48
N LYS E 178 10.50 41.78 8.39
CA LYS E 178 11.72 41.21 7.81
C LYS E 178 12.38 42.01 6.76
N TYR E 179 11.61 42.86 6.08
CA TYR E 179 12.08 43.47 4.83
C TYR E 179 12.18 44.99 4.87
N ARG E 180 12.28 45.61 6.05
CA ARG E 180 12.45 47.07 6.15
C ARG E 180 13.66 47.60 5.36
N ASN E 181 13.42 48.61 4.53
CA ASN E 181 14.49 49.29 3.74
C ASN E 181 15.27 48.34 2.83
N GLN E 182 14.51 47.52 2.14
CA GLN E 182 15.07 46.56 1.25
C GLN E 182 15.52 47.34 0.00
N GLN E 183 16.67 47.00 -0.55
CA GLN E 183 17.19 47.75 -1.72
C GLN E 183 17.49 46.97 -2.99
N GLY E 184 18.05 45.76 -2.88
CA GLY E 184 18.24 44.95 -4.09
C GLY E 184 17.23 43.82 -4.20
N ALA E 185 17.60 42.79 -4.96
CA ALA E 185 16.81 41.55 -5.10
C ALA E 185 16.99 40.65 -3.87
N VAL E 186 16.34 41.03 -2.75
CA VAL E 186 16.54 40.38 -1.48
C VAL E 186 15.81 39.03 -1.47
N ALA E 187 16.56 38.00 -1.09
CA ALA E 187 16.06 36.65 -1.01
C ALA E 187 15.11 36.47 0.19
N SER E 188 14.39 35.36 0.17
CA SER E 188 13.48 35.05 1.26
C SER E 188 14.18 35.11 2.62
N ARG E 189 13.54 35.74 3.61
CA ARG E 189 14.04 35.75 4.97
C ARG E 189 13.14 34.92 5.86
N ILE E 190 12.65 33.82 5.28
CA ILE E 190 11.78 32.89 5.99
C ILE E 190 12.45 32.28 7.25
N ASP E 191 13.79 32.24 7.26
CA ASP E 191 14.58 31.88 8.44
C ASP E 191 14.43 32.82 9.65
N LYS E 192 13.91 34.02 9.46
CA LYS E 192 13.70 34.96 10.59
C LYS E 192 12.37 34.69 11.32
N ASP E 193 11.48 33.91 10.74
CA ASP E 193 10.21 33.59 11.41
C ASP E 193 10.42 32.98 12.80
N MET F 1 -13.88 49.65 -0.48
CA MET F 1 -15.30 49.35 -0.58
C MET F 1 -15.64 48.72 -1.92
N ARG F 2 -16.13 47.48 -1.91
CA ARG F 2 -16.67 46.91 -3.10
C ARG F 2 -18.18 47.14 -3.09
N LEU F 3 -18.75 47.25 -4.28
CA LEU F 3 -20.20 47.26 -4.41
C LEU F 3 -20.81 45.91 -4.06
N CYS F 4 -21.83 45.91 -3.21
CA CYS F 4 -22.59 44.69 -2.92
C CYS F 4 -23.54 44.41 -4.06
N ASP F 5 -24.05 43.18 -4.13
CA ASP F 5 -24.95 42.75 -5.19
C ASP F 5 -26.05 43.78 -5.53
N ARG F 6 -26.72 44.27 -4.51
CA ARG F 6 -27.78 45.26 -4.66
C ARG F 6 -27.33 46.55 -5.35
N ASP F 7 -26.18 47.07 -4.96
CA ASP F 7 -25.59 48.22 -5.64
C ASP F 7 -25.08 47.94 -7.07
N ILE F 8 -24.58 46.74 -7.33
CA ILE F 8 -24.22 46.37 -8.68
C ILE F 8 -25.49 46.47 -9.55
N GLU F 9 -26.58 45.90 -9.07
CA GLU F 9 -27.84 46.00 -9.81
C GLU F 9 -28.32 47.46 -10.02
N ALA F 10 -28.15 48.31 -9.02
CA ALA F 10 -28.46 49.74 -9.15
C ALA F 10 -27.59 50.49 -10.16
N TRP F 11 -26.30 50.19 -10.16
CA TRP F 11 -25.40 50.77 -11.19
C TRP F 11 -25.78 50.29 -12.58
N LEU F 12 -26.15 49.02 -12.70
CA LEU F 12 -26.59 48.49 -14.00
C LEU F 12 -27.89 49.15 -14.48
N ASP F 13 -28.88 49.26 -13.59
CA ASP F 13 -30.15 49.92 -13.92
C ASP F 13 -29.93 51.36 -14.35
N GLU F 14 -29.13 52.10 -13.59
CA GLU F 14 -28.82 53.49 -13.90
C GLU F 14 -27.97 53.68 -15.18
N GLY F 15 -27.42 52.60 -15.73
CA GLY F 15 -26.58 52.70 -16.92
C GLY F 15 -25.17 53.25 -16.66
N ARG F 16 -24.79 53.33 -15.39
CA ARG F 16 -23.45 53.78 -15.00
C ARG F 16 -22.40 52.75 -15.51
N LEU F 17 -22.69 51.51 -15.16
CA LEU F 17 -21.93 50.38 -15.49
C LEU F 17 -22.77 49.61 -16.52
N SER F 18 -22.14 49.00 -17.53
CA SER F 18 -22.89 48.01 -18.32
C SER F 18 -22.12 46.73 -18.53
N ILE F 19 -22.88 45.64 -18.55
CA ILE F 19 -22.42 44.32 -18.83
C ILE F 19 -23.40 43.78 -19.88
N ASN F 20 -22.87 43.34 -21.01
CA ASN F 20 -23.68 42.92 -22.13
C ASN F 20 -23.22 41.57 -22.63
N PRO F 21 -24.10 40.55 -22.61
CA PRO F 21 -25.48 40.51 -22.07
C PRO F 21 -25.49 40.64 -20.59
N ARG F 22 -26.53 41.27 -20.07
CA ARG F 22 -26.66 41.48 -18.63
C ARG F 22 -26.94 40.16 -17.95
N PRO F 23 -26.13 39.77 -16.94
CA PRO F 23 -26.39 38.50 -16.26
C PRO F 23 -27.64 38.55 -15.42
N PRO F 24 -28.34 37.42 -15.30
CA PRO F 24 -29.51 37.37 -14.46
C PRO F 24 -29.14 37.41 -12.97
N VAL F 25 -30.14 37.73 -12.16
CA VAL F 25 -30.04 37.87 -10.71
C VAL F 25 -29.32 36.71 -10.05
N GLU F 26 -29.50 35.50 -10.57
CA GLU F 26 -28.82 34.34 -10.04
C GLU F 26 -27.28 34.46 -10.14
N ARG F 27 -26.79 35.28 -11.07
CA ARG F 27 -25.35 35.45 -11.30
C ARG F 27 -24.80 36.64 -10.63
N ILE F 28 -25.61 37.38 -9.89
CA ILE F 28 -25.11 38.56 -9.17
C ILE F 28 -25.38 38.31 -7.72
N ASN F 29 -24.33 38.11 -6.94
CA ASN F 29 -24.54 37.85 -5.52
C ASN F 29 -23.29 38.21 -4.71
N GLY F 30 -23.50 38.58 -3.46
CA GLY F 30 -22.47 39.02 -2.57
C GLY F 30 -21.93 40.32 -3.06
N ALA F 31 -20.70 40.27 -3.56
CA ALA F 31 -19.99 41.40 -4.06
C ALA F 31 -19.49 41.16 -5.49
N THR F 32 -20.07 40.19 -6.19
CA THR F 32 -19.58 39.79 -7.51
C THR F 32 -20.67 39.45 -8.54
N VAL F 33 -20.24 39.57 -9.81
CA VAL F 33 -20.99 39.10 -10.96
C VAL F 33 -20.19 38.02 -11.65
N ASP F 34 -20.83 36.87 -11.86
CA ASP F 34 -20.19 35.76 -12.49
C ASP F 34 -20.11 36.00 -13.99
N VAL F 35 -18.99 35.66 -14.60
CA VAL F 35 -18.82 35.76 -16.02
C VAL F 35 -18.58 34.42 -16.67
N ARG F 36 -18.91 34.37 -17.94
CA ARG F 36 -18.86 33.14 -18.73
C ARG F 36 -17.77 33.18 -19.79
N LEU F 37 -17.35 32.01 -20.24
CA LEU F 37 -16.35 31.84 -21.25
C LEU F 37 -16.95 32.04 -22.64
N GLY F 38 -16.24 32.81 -23.46
CA GLY F 38 -16.60 33.00 -24.88
C GLY F 38 -16.15 31.84 -25.73
N ASN F 39 -16.08 32.02 -27.04
CA ASN F 39 -15.70 30.92 -27.92
C ASN F 39 -14.52 31.20 -28.84
N LYS F 40 -13.70 32.16 -28.48
CA LYS F 40 -12.47 32.48 -29.22
C LYS F 40 -11.25 32.20 -28.35
N PHE F 41 -10.27 31.52 -28.93
CA PHE F 41 -9.06 31.13 -28.23
C PHE F 41 -7.85 31.39 -29.11
N ARG F 42 -6.69 31.43 -28.48
CA ARG F 42 -5.42 31.50 -29.16
C ARG F 42 -4.38 30.71 -28.39
N THR F 43 -3.50 30.04 -29.13
CA THR F 43 -2.36 29.33 -28.59
C THR F 43 -1.06 29.91 -29.14
N PHE F 44 0.06 29.34 -28.70
CA PHE F 44 1.39 29.76 -29.03
C PHE F 44 2.14 28.69 -29.84
N ARG F 45 2.94 29.14 -30.81
CA ARG F 45 3.73 28.26 -31.70
C ARG F 45 5.19 28.58 -31.39
N GLY F 46 5.78 27.81 -30.48
CA GLY F 46 7.17 28.04 -30.08
C GLY F 46 8.26 27.77 -31.14
N HIS F 47 7.97 26.88 -32.09
CA HIS F 47 8.99 26.41 -33.01
C HIS F 47 9.46 27.43 -34.02
N THR F 48 8.77 28.55 -34.12
CA THR F 48 9.04 29.63 -35.06
C THR F 48 9.95 30.78 -34.49
N ALA F 49 10.18 30.80 -33.20
CA ALA F 49 11.10 31.78 -32.65
C ALA F 49 11.85 31.25 -31.47
N ALA F 50 13.01 31.81 -31.20
CA ALA F 50 13.82 31.45 -30.06
C ALA F 50 13.35 32.15 -28.77
N PHE F 51 12.91 33.41 -28.89
CA PHE F 51 12.52 34.20 -27.72
C PHE F 51 11.81 35.46 -28.12
N ILE F 52 11.19 36.13 -27.15
CA ILE F 52 10.57 37.43 -27.36
C ILE F 52 11.39 38.47 -26.60
N ASP F 53 11.90 39.44 -27.33
CA ASP F 53 12.58 40.56 -26.71
C ASP F 53 11.67 41.71 -26.38
N LEU F 54 11.14 41.74 -25.15
CA LEU F 54 9.95 42.52 -24.79
C LEU F 54 10.09 44.03 -25.03
N SER F 55 11.27 44.55 -24.70
CA SER F 55 11.54 45.96 -24.91
C SER F 55 12.66 46.07 -25.93
N GLY F 56 12.59 45.26 -26.98
CA GLY F 56 13.49 45.40 -28.12
C GLY F 56 12.87 46.37 -29.12
N PRO F 57 13.41 46.46 -30.33
CA PRO F 57 12.89 47.26 -31.44
C PRO F 57 11.55 46.83 -31.95
N LYS F 58 10.62 47.78 -32.02
CA LYS F 58 9.21 47.54 -32.23
C LYS F 58 8.90 46.58 -33.34
N ASP F 59 9.59 46.75 -34.47
CA ASP F 59 9.37 45.91 -35.66
C ASP F 59 9.77 44.46 -35.46
N GLU F 60 10.88 44.23 -34.76
CA GLU F 60 11.34 42.87 -34.41
C GLU F 60 10.33 42.20 -33.46
N VAL F 61 9.89 42.94 -32.46
CA VAL F 61 8.94 42.43 -31.49
C VAL F 61 7.64 42.07 -32.19
N SER F 62 7.20 42.97 -33.05
CA SER F 62 5.96 42.78 -33.78
C SER F 62 5.99 41.55 -34.69
N ALA F 63 7.15 41.32 -35.33
CA ALA F 63 7.35 40.16 -36.22
C ALA F 63 7.37 38.84 -35.43
N ALA F 64 8.05 38.86 -34.28
CA ALA F 64 8.11 37.70 -33.39
C ALA F 64 6.70 37.31 -32.91
N LEU F 65 5.94 38.30 -32.44
CA LEU F 65 4.59 38.07 -31.95
C LEU F 65 3.71 37.49 -33.03
N ASP F 66 3.85 37.99 -34.25
CA ASP F 66 3.03 37.49 -35.34
C ASP F 66 3.37 36.02 -35.67
N ARG F 67 4.64 35.65 -35.55
CA ARG F 67 5.11 34.27 -35.73
C ARG F 67 4.58 33.33 -34.64
N VAL F 68 4.62 33.77 -33.38
CA VAL F 68 4.34 32.86 -32.27
C VAL F 68 2.85 32.65 -31.96
N MET F 69 2.00 33.60 -32.29
CA MET F 69 0.59 33.47 -32.02
C MET F 69 -0.13 32.69 -33.11
N SER F 70 -0.98 31.76 -32.69
CA SER F 70 -1.80 31.03 -33.61
C SER F 70 -2.84 32.00 -34.12
N ASP F 71 -3.48 31.60 -35.23
CA ASP F 71 -4.74 32.23 -35.65
C ASP F 71 -5.82 31.94 -34.59
N GLU F 72 -6.82 32.79 -34.56
CA GLU F 72 -7.93 32.63 -33.62
C GLU F 72 -8.65 31.30 -33.85
N ILE F 73 -8.87 30.57 -32.75
CA ILE F 73 -9.59 29.32 -32.75
C ILE F 73 -11.02 29.63 -32.29
N VAL F 74 -11.98 29.23 -33.10
CA VAL F 74 -13.37 29.42 -32.80
C VAL F 74 -13.99 28.06 -32.68
N LEU F 75 -14.65 27.83 -31.57
CA LEU F 75 -15.26 26.55 -31.32
C LEU F 75 -16.72 26.60 -31.70
N ASP F 76 -17.14 25.55 -32.41
CA ASP F 76 -18.54 25.28 -32.71
C ASP F 76 -19.26 25.00 -31.40
N GLU F 77 -20.57 24.82 -31.49
CA GLU F 77 -21.32 24.33 -30.33
C GLU F 77 -21.01 22.84 -30.23
N GLY F 78 -20.96 22.34 -29.00
CA GLY F 78 -20.52 20.98 -28.73
C GLY F 78 -19.02 20.78 -28.55
N GLU F 79 -18.22 21.72 -29.03
CA GLU F 79 -16.74 21.58 -29.00
C GLU F 79 -16.10 22.03 -27.68
N ALA F 80 -15.05 21.33 -27.28
CA ALA F 80 -14.24 21.71 -26.12
C ALA F 80 -12.86 22.19 -26.57
N PHE F 81 -12.32 23.15 -25.82
CA PHE F 81 -10.92 23.49 -25.87
C PHE F 81 -10.27 22.65 -24.76
N TYR F 82 -9.27 21.84 -25.11
CA TYR F 82 -8.52 21.06 -24.11
C TYR F 82 -7.26 21.79 -23.65
N LEU F 83 -7.31 22.25 -22.39
CA LEU F 83 -6.21 22.94 -21.75
C LEU F 83 -5.37 21.92 -20.95
N HIS F 84 -4.20 21.63 -21.50
CA HIS F 84 -3.30 20.68 -20.90
C HIS F 84 -2.41 21.29 -19.83
N PRO F 85 -2.00 20.49 -18.84
CA PRO F 85 -1.15 20.98 -17.80
C PRO F 85 0.10 21.67 -18.36
N GLY F 86 0.36 22.91 -17.90
CA GLY F 86 1.58 23.59 -18.29
C GLY F 86 1.43 24.41 -19.52
N GLU F 87 0.21 24.48 -20.05
CA GLU F 87 -0.05 25.22 -21.26
C GLU F 87 -0.80 26.49 -20.90
N LEU F 88 -0.37 27.58 -21.54
CA LEU F 88 -0.99 28.87 -21.50
C LEU F 88 -1.79 29.05 -22.80
N ALA F 89 -3.04 29.50 -22.67
CA ALA F 89 -3.83 29.85 -23.80
C ALA F 89 -4.56 31.14 -23.53
N LEU F 90 -4.92 31.87 -24.59
CA LEU F 90 -5.77 33.07 -24.47
C LEU F 90 -7.21 32.68 -24.76
N ALA F 91 -8.14 33.28 -24.03
CA ALA F 91 -9.55 33.13 -24.30
C ALA F 91 -10.18 34.49 -24.03
N VAL F 92 -11.50 34.53 -24.06
CA VAL F 92 -12.25 35.80 -23.94
C VAL F 92 -13.53 35.55 -23.15
N THR F 93 -14.02 36.55 -22.44
CA THR F 93 -15.29 36.42 -21.76
C THR F 93 -16.39 36.61 -22.79
N LEU F 94 -17.54 36.00 -22.54
CA LEU F 94 -18.70 36.13 -23.37
C LEU F 94 -19.21 37.56 -23.24
N GLU F 95 -19.25 38.05 -22.02
CA GLU F 95 -19.70 39.42 -21.79
C GLU F 95 -18.69 40.49 -22.15
N SER F 96 -19.24 41.58 -22.69
CA SER F 96 -18.56 42.86 -22.77
C SER F 96 -18.92 43.72 -21.56
N VAL F 97 -17.93 44.43 -21.06
CA VAL F 97 -18.08 45.27 -19.88
C VAL F 97 -17.67 46.68 -20.23
N THR F 98 -18.48 47.65 -19.81
CA THR F 98 -18.14 49.07 -19.90
C THR F 98 -18.12 49.72 -18.51
N LEU F 99 -17.00 50.34 -18.14
CA LEU F 99 -16.90 50.98 -16.84
C LEU F 99 -16.85 52.50 -17.00
N PRO F 100 -17.51 53.22 -16.09
CA PRO F 100 -17.41 54.67 -16.08
C PRO F 100 -16.08 55.09 -15.45
N ALA F 101 -15.77 56.36 -15.55
CA ALA F 101 -14.51 56.93 -15.08
C ALA F 101 -14.32 56.83 -13.58
N ASP F 102 -15.35 56.55 -12.81
CA ASP F 102 -15.21 56.52 -11.35
C ASP F 102 -15.33 55.13 -10.70
N LEU F 103 -15.11 54.09 -11.52
CA LEU F 103 -15.17 52.70 -11.06
C LEU F 103 -13.98 51.93 -11.64
N VAL F 104 -13.39 51.05 -10.85
CA VAL F 104 -12.44 50.06 -11.32
C VAL F 104 -13.02 48.67 -11.05
N GLY F 105 -12.74 47.74 -11.93
CA GLY F 105 -13.17 46.36 -11.84
C GLY F 105 -12.00 45.44 -11.63
N TRP F 106 -12.31 44.26 -11.08
CA TRP F 106 -11.31 43.23 -10.72
C TRP F 106 -11.85 41.84 -11.14
N LEU F 107 -11.07 41.13 -11.93
CA LEU F 107 -11.34 39.76 -12.31
C LEU F 107 -10.74 38.75 -11.31
N ASP F 108 -11.56 37.78 -10.87
CA ASP F 108 -11.12 36.66 -10.06
C ASP F 108 -11.52 35.36 -10.79
N GLY F 109 -10.88 34.28 -10.45
CA GLY F 109 -11.35 32.95 -10.89
C GLY F 109 -12.48 32.41 -9.98
N ARG F 110 -12.69 31.11 -10.04
CA ARG F 110 -13.62 30.41 -9.17
C ARG F 110 -12.88 29.35 -8.38
N SER F 111 -13.19 29.27 -7.10
CA SER F 111 -12.59 28.26 -6.26
C SER F 111 -12.73 26.80 -6.84
N SER F 112 -13.86 26.48 -7.44
CA SER F 112 -14.09 25.18 -8.04
C SER F 112 -13.13 24.80 -9.14
N LEU F 113 -12.67 25.82 -9.86
CA LEU F 113 -11.73 25.64 -10.94
C LEU F 113 -10.29 25.69 -10.44
N ALA F 114 -10.03 26.60 -9.49
CA ALA F 114 -8.75 26.70 -8.82
C ALA F 114 -8.36 25.41 -8.17
N ARG F 115 -9.32 24.70 -7.58
CA ARG F 115 -9.03 23.42 -6.95
C ARG F 115 -8.63 22.32 -7.95
N LEU F 116 -8.83 22.57 -9.26
CA LEU F 116 -8.34 21.72 -10.31
C LEU F 116 -7.12 22.33 -11.02
N GLY F 117 -6.64 23.49 -10.58
CA GLY F 117 -5.46 24.10 -11.15
C GLY F 117 -5.66 25.14 -12.25
N LEU F 118 -6.88 25.52 -12.55
CA LEU F 118 -7.11 26.52 -13.55
C LEU F 118 -6.94 27.94 -13.02
N MET F 119 -5.94 28.63 -13.52
CA MET F 119 -5.78 30.08 -13.35
C MET F 119 -6.44 30.80 -14.51
N VAL F 120 -7.21 31.83 -14.22
CA VAL F 120 -7.93 32.58 -15.23
C VAL F 120 -7.22 33.86 -15.62
N HIS F 121 -6.20 34.25 -14.84
CA HIS F 121 -5.29 35.30 -15.21
C HIS F 121 -3.90 35.01 -14.65
N VAL F 122 -2.94 35.79 -15.13
CA VAL F 122 -1.53 35.61 -14.85
C VAL F 122 -1.03 36.92 -14.27
N THR F 123 -1.56 37.30 -13.13
CA THR F 123 -1.25 38.54 -12.41
C THR F 123 -1.68 39.88 -13.02
N ALA F 124 -2.52 39.90 -14.04
CA ALA F 124 -3.07 41.17 -14.55
C ALA F 124 -4.55 41.02 -14.53
N HIS F 125 -5.22 41.60 -13.55
CA HIS F 125 -6.66 41.32 -13.38
C HIS F 125 -7.47 42.57 -13.14
N ARG F 126 -6.90 43.72 -13.46
CA ARG F 126 -7.58 45.01 -13.31
C ARG F 126 -8.32 45.42 -14.59
N ILE F 127 -9.57 45.88 -14.42
CA ILE F 127 -10.37 46.41 -15.49
C ILE F 127 -10.50 47.86 -15.21
N ASP F 128 -9.93 48.69 -16.09
CA ASP F 128 -9.73 50.13 -15.79
C ASP F 128 -10.98 50.97 -15.94
N PRO F 129 -11.06 52.07 -15.17
CA PRO F 129 -12.13 53.04 -15.42
C PRO F 129 -12.02 53.53 -16.88
N GLY F 130 -13.17 53.66 -17.53
CA GLY F 130 -13.22 53.99 -18.95
C GLY F 130 -13.09 52.78 -19.88
N TRP F 131 -12.91 51.58 -19.33
CA TRP F 131 -12.83 50.39 -20.16
C TRP F 131 -14.19 50.12 -20.86
N SER F 132 -14.12 49.67 -22.10
CA SER F 132 -15.27 49.09 -22.76
C SER F 132 -14.84 47.96 -23.65
N GLY F 133 -15.34 46.74 -23.41
CA GLY F 133 -14.98 45.61 -24.25
C GLY F 133 -15.03 44.28 -23.51
N CYS F 134 -14.91 43.22 -24.27
CA CYS F 134 -14.75 41.91 -23.76
C CYS F 134 -13.37 41.79 -23.13
N ILE F 135 -13.28 40.92 -22.12
CA ILE F 135 -12.06 40.75 -21.36
C ILE F 135 -11.31 39.52 -21.82
N VAL F 136 -10.03 39.68 -22.10
CA VAL F 136 -9.16 38.58 -22.51
C VAL F 136 -8.66 37.86 -21.27
N LEU F 137 -8.75 36.55 -21.31
CA LEU F 137 -8.29 35.70 -20.22
C LEU F 137 -7.02 35.00 -20.63
N ASP F 138 -6.03 34.95 -19.75
CA ASP F 138 -4.85 34.13 -19.98
C ASP F 138 -4.97 32.95 -19.06
N PHE F 139 -5.40 31.80 -19.58
CA PHE F 139 -5.57 30.56 -18.85
C PHE F 139 -4.29 29.77 -18.71
N TYR F 140 -4.04 29.24 -17.51
CA TYR F 140 -2.92 28.38 -17.29
C TYR F 140 -3.40 27.23 -16.43
N ASN F 141 -3.07 26.00 -16.86
CA ASN F 141 -3.45 24.82 -16.15
C ASN F 141 -2.29 24.37 -15.30
N SER F 142 -2.37 24.60 -13.99
CA SER F 142 -1.29 24.23 -13.05
C SER F 142 -1.50 22.89 -12.43
N GLY F 143 -2.58 22.23 -12.83
CA GLY F 143 -2.98 20.95 -12.27
C GLY F 143 -2.39 19.76 -13.02
N LYS F 144 -2.94 18.59 -12.71
CA LYS F 144 -2.37 17.33 -13.19
C LYS F 144 -3.16 16.81 -14.36
N LEU F 145 -4.33 17.35 -14.61
CA LEU F 145 -5.17 16.83 -15.65
C LEU F 145 -5.50 17.88 -16.66
N PRO F 146 -5.61 17.45 -17.93
CA PRO F 146 -6.28 18.29 -18.90
C PRO F 146 -7.71 18.60 -18.51
N LEU F 147 -8.12 19.82 -18.84
CA LEU F 147 -9.44 20.35 -18.55
C LEU F 147 -10.09 20.67 -19.87
N ALA F 148 -11.29 20.18 -20.04
CA ALA F 148 -12.09 20.51 -21.20
C ALA F 148 -12.92 21.76 -20.90
N LEU F 149 -12.62 22.84 -21.62
CA LEU F 149 -13.32 24.11 -21.46
C LEU F 149 -14.34 24.21 -22.59
N ARG F 150 -15.58 24.58 -22.26
CA ARG F 150 -16.63 24.79 -23.26
C ARG F 150 -17.19 26.21 -23.22
N PRO F 151 -17.40 26.83 -24.40
CA PRO F 151 -18.05 28.12 -24.43
C PRO F 151 -19.33 28.15 -23.62
N GLY F 152 -19.52 29.23 -22.87
CA GLY F 152 -20.73 29.40 -22.08
C GLY F 152 -20.61 28.97 -20.66
N MET F 153 -19.55 28.28 -20.28
CA MET F 153 -19.37 27.89 -18.87
C MET F 153 -18.99 29.07 -17.98
N LEU F 154 -19.33 28.98 -16.70
CA LEU F 154 -18.96 29.98 -15.72
C LEU F 154 -17.50 29.89 -15.37
N ILE F 155 -16.78 30.97 -15.61
CA ILE F 155 -15.33 30.91 -15.63
C ILE F 155 -14.66 31.81 -14.56
N GLY F 156 -15.38 32.81 -14.09
CA GLY F 156 -14.82 33.69 -13.14
C GLY F 156 -15.85 34.64 -12.63
N ALA F 157 -15.36 35.71 -11.98
CA ALA F 157 -16.20 36.67 -11.27
C ALA F 157 -15.60 38.06 -11.34
N LEU F 158 -16.45 39.07 -11.46
CA LEU F 158 -16.02 40.45 -11.45
C LEU F 158 -16.54 41.17 -10.23
N SER F 159 -15.67 41.94 -9.58
CA SER F 159 -16.12 42.83 -8.50
C SER F 159 -15.75 44.23 -8.93
N PHE F 160 -16.38 45.20 -8.26
CA PHE F 160 -16.29 46.62 -8.62
C PHE F 160 -16.05 47.53 -7.41
N GLU F 161 -15.12 48.45 -7.57
CA GLU F 161 -14.69 49.33 -6.52
C GLU F 161 -14.77 50.79 -6.99
N PRO F 162 -15.59 51.62 -6.32
CA PRO F 162 -15.58 53.07 -6.58
C PRO F 162 -14.22 53.67 -6.39
N LEU F 163 -13.83 54.58 -7.26
CA LEU F 163 -12.61 55.35 -7.06
C LEU F 163 -12.82 56.56 -6.12
N SER F 164 -11.74 57.14 -5.63
CA SER F 164 -11.82 58.34 -4.79
C SER F 164 -12.49 59.50 -5.54
N GLY F 165 -12.38 59.54 -6.85
CA GLY F 165 -13.12 60.49 -7.68
C GLY F 165 -13.06 60.00 -9.11
N PRO F 166 -13.66 60.73 -10.03
CA PRO F 166 -13.55 60.27 -11.42
C PRO F 166 -12.13 60.39 -11.91
N ALA F 167 -11.69 59.39 -12.68
CA ALA F 167 -10.33 59.43 -13.26
C ALA F 167 -10.23 60.57 -14.25
N VAL F 168 -9.13 61.29 -14.23
CA VAL F 168 -8.85 62.31 -15.21
C VAL F 168 -8.37 61.70 -16.55
N ARG F 169 -7.63 60.59 -16.47
CA ARG F 169 -7.14 59.88 -17.65
C ARG F 169 -7.68 58.46 -17.65
N PRO F 170 -8.96 58.31 -17.95
CA PRO F 170 -9.57 56.98 -18.05
C PRO F 170 -9.19 56.34 -19.36
N TYR F 171 -9.47 55.03 -19.47
CA TYR F 171 -8.87 54.19 -20.50
C TYR F 171 -9.33 54.65 -21.89
N ASN F 172 -10.60 54.98 -21.99
CA ASN F 172 -11.17 55.43 -23.30
C ASN F 172 -10.59 56.74 -23.86
N ARG F 173 -9.96 57.54 -22.99
CA ARG F 173 -9.35 58.79 -23.39
C ARG F 173 -7.85 58.75 -23.50
N ARG F 174 -7.20 57.68 -23.07
CA ARG F 174 -5.74 57.60 -23.16
C ARG F 174 -5.36 57.26 -24.61
N GLU F 175 -4.50 58.12 -25.19
CA GLU F 175 -4.03 57.95 -26.55
C GLU F 175 -3.25 56.67 -26.70
N ASP F 176 -2.37 56.37 -25.73
CA ASP F 176 -1.50 55.18 -25.84
C ASP F 176 -2.11 53.91 -25.20
N ALA F 177 -3.41 53.90 -24.89
CA ALA F 177 -4.10 52.68 -24.44
C ALA F 177 -4.13 51.63 -25.59
N LYS F 178 -3.73 50.40 -25.30
CA LYS F 178 -3.53 49.40 -26.34
C LYS F 178 -4.76 48.58 -26.70
N TYR F 179 -5.67 48.41 -25.76
CA TYR F 179 -6.73 47.42 -25.92
C TYR F 179 -8.14 47.97 -26.02
N ARG F 180 -8.31 49.22 -26.41
CA ARG F 180 -9.68 49.81 -26.56
C ARG F 180 -10.59 49.03 -27.50
N ASN F 181 -11.77 48.68 -27.00
CA ASN F 181 -12.80 47.98 -27.79
C ASN F 181 -12.34 46.63 -28.33
N GLN F 182 -11.73 45.87 -27.45
CA GLN F 182 -11.18 44.60 -27.80
C GLN F 182 -12.36 43.61 -27.94
N GLN F 183 -12.30 42.71 -28.90
CA GLN F 183 -13.46 41.82 -29.11
C GLN F 183 -13.23 40.30 -29.09
N GLY F 184 -12.14 39.84 -29.70
CA GLY F 184 -11.79 38.42 -29.62
C GLY F 184 -10.64 38.15 -28.67
N ALA F 185 -9.99 37.01 -28.83
CA ALA F 185 -8.83 36.65 -28.04
C ALA F 185 -7.62 37.43 -28.60
N VAL F 186 -7.53 38.70 -28.22
CA VAL F 186 -6.48 39.56 -28.72
C VAL F 186 -5.12 39.18 -28.05
N ALA F 187 -4.13 38.98 -28.87
CA ALA F 187 -2.78 38.74 -28.43
C ALA F 187 -2.14 39.99 -27.76
N SER F 188 -1.01 39.77 -27.10
CA SER F 188 -0.23 40.86 -26.53
C SER F 188 0.08 41.95 -27.58
N ARG F 189 -0.09 43.21 -27.19
CA ARG F 189 0.33 44.33 -28.00
C ARG F 189 1.51 45.04 -27.39
N ILE F 190 2.40 44.29 -26.78
CA ILE F 190 3.62 44.81 -26.14
C ILE F 190 4.51 45.57 -27.13
N ASP F 191 4.42 45.23 -28.40
CA ASP F 191 5.10 45.99 -29.46
C ASP F 191 4.65 47.46 -29.62
N LYS F 192 3.52 47.84 -29.02
CA LYS F 192 3.06 49.23 -29.06
C LYS F 192 3.66 50.08 -27.94
N ASP F 193 4.32 49.47 -26.97
CA ASP F 193 4.98 50.26 -25.93
C ASP F 193 5.97 51.30 -26.49
N MET G 1 27.05 -9.09 -33.83
CA MET G 1 26.13 -9.98 -34.53
C MET G 1 24.85 -10.17 -33.73
N ARG G 2 23.73 -9.78 -34.29
CA ARG G 2 22.47 -10.11 -33.68
C ARG G 2 21.97 -11.35 -34.37
N LEU G 3 21.16 -12.12 -33.65
CA LEU G 3 20.45 -13.21 -34.24
C LEU G 3 19.34 -12.73 -35.17
N CYS G 4 19.30 -13.24 -36.40
CA CYS G 4 18.19 -13.00 -37.29
C CYS G 4 16.99 -13.83 -36.84
N ASP G 5 15.81 -13.48 -37.36
CA ASP G 5 14.54 -14.13 -37.02
C ASP G 5 14.63 -15.68 -37.04
N ARG G 6 15.19 -16.21 -38.11
CA ARG G 6 15.38 -17.66 -38.26
C ARG G 6 16.18 -18.29 -37.12
N ASP G 7 17.29 -17.66 -36.75
CA ASP G 7 18.10 -18.13 -35.63
C ASP G 7 17.47 -17.95 -34.27
N ILE G 8 16.67 -16.91 -34.08
CA ILE G 8 15.89 -16.77 -32.84
C ILE G 8 14.96 -17.98 -32.69
N GLU G 9 14.23 -18.29 -33.75
CA GLU G 9 13.34 -19.47 -33.76
C GLU G 9 14.09 -20.78 -33.48
N ALA G 10 15.28 -20.90 -34.04
CA ALA G 10 16.16 -22.08 -33.74
C ALA G 10 16.60 -22.13 -32.27
N TRP G 11 17.02 -21.01 -31.69
CA TRP G 11 17.38 -21.01 -30.28
C TRP G 11 16.18 -21.29 -29.37
N LEU G 12 15.00 -20.83 -29.76
CA LEU G 12 13.78 -21.15 -29.00
C LEU G 12 13.41 -22.63 -29.09
N ASP G 13 13.49 -23.19 -30.31
CA ASP G 13 13.25 -24.64 -30.54
C ASP G 13 14.20 -25.52 -29.74
N GLU G 14 15.47 -25.15 -29.76
CA GLU G 14 16.50 -25.87 -29.01
C GLU G 14 16.41 -25.69 -27.49
N GLY G 15 15.59 -24.77 -27.02
CA GLY G 15 15.46 -24.51 -25.57
C GLY G 15 16.62 -23.73 -24.96
N ARG G 16 17.51 -23.22 -25.79
CA ARG G 16 18.65 -22.40 -25.35
C ARG G 16 18.16 -21.10 -24.68
N LEU G 17 17.25 -20.45 -25.40
CA LEU G 17 16.59 -19.26 -25.03
C LEU G 17 15.15 -19.68 -24.78
N SER G 18 14.49 -19.07 -23.79
CA SER G 18 13.02 -19.18 -23.74
C SER G 18 12.32 -17.87 -23.48
N ILE G 19 11.15 -17.75 -24.11
CA ILE G 19 10.22 -16.64 -23.95
C ILE G 19 8.89 -17.31 -23.72
N ASN G 20 8.24 -16.97 -22.61
CA ASN G 20 7.01 -17.59 -22.19
C ASN G 20 5.95 -16.53 -21.84
N PRO G 21 4.79 -16.54 -22.52
CA PRO G 21 4.42 -17.38 -23.65
C PRO G 21 5.30 -17.11 -24.89
N ARG G 22 5.46 -18.12 -25.71
CA ARG G 22 6.27 -17.98 -26.91
C ARG G 22 5.48 -17.20 -27.94
N PRO G 23 6.05 -16.11 -28.47
CA PRO G 23 5.33 -15.34 -29.47
C PRO G 23 5.23 -16.09 -30.77
N PRO G 24 4.12 -15.90 -31.48
CA PRO G 24 3.97 -16.52 -32.78
C PRO G 24 4.93 -15.91 -33.83
N VAL G 25 5.07 -16.62 -34.94
CA VAL G 25 5.89 -16.25 -36.07
C VAL G 25 5.70 -14.80 -36.51
N GLU G 26 4.47 -14.29 -36.44
CA GLU G 26 4.17 -12.90 -36.85
C GLU G 26 4.88 -11.85 -35.97
N ARG G 27 5.30 -12.25 -34.77
CA ARG G 27 5.98 -11.39 -33.83
C ARG G 27 7.50 -11.58 -33.81
N ILE G 28 8.01 -12.45 -34.66
CA ILE G 28 9.44 -12.67 -34.79
C ILE G 28 9.87 -12.37 -36.20
N ASN G 29 10.57 -11.26 -36.39
CA ASN G 29 10.99 -10.83 -37.70
C ASN G 29 12.19 -9.91 -37.69
N GLY G 30 12.95 -9.99 -38.77
CA GLY G 30 14.17 -9.28 -38.89
C GLY G 30 15.19 -9.83 -37.91
N ALA G 31 15.47 -9.01 -36.89
CA ALA G 31 16.40 -9.33 -35.84
C ALA G 31 15.76 -9.13 -34.47
N THR G 32 14.42 -9.21 -34.37
CA THR G 32 13.73 -8.92 -33.13
C THR G 32 12.49 -9.76 -32.89
N VAL G 33 12.14 -9.84 -31.62
CA VAL G 33 10.88 -10.39 -31.14
C VAL G 33 10.10 -9.26 -30.44
N ASP G 34 8.86 -9.09 -30.86
CA ASP G 34 7.99 -8.07 -30.28
C ASP G 34 7.51 -8.54 -28.92
N VAL G 35 7.50 -7.66 -27.92
CA VAL G 35 6.93 -7.99 -26.62
C VAL G 35 5.74 -7.13 -26.28
N ARG G 36 4.90 -7.67 -25.38
CA ARG G 36 3.62 -7.09 -25.01
C ARG G 36 3.63 -6.59 -23.58
N LEU G 37 2.69 -5.65 -23.32
CA LEU G 37 2.54 -5.02 -22.01
C LEU G 37 1.75 -5.93 -21.08
N GLY G 38 2.26 -6.14 -19.87
CA GLY G 38 1.55 -6.86 -18.81
C GLY G 38 0.51 -5.98 -18.15
N ASN G 39 0.02 -6.35 -16.98
CA ASN G 39 -1.05 -5.60 -16.35
C ASN G 39 -0.75 -5.15 -14.93
N LYS G 40 0.54 -5.04 -14.60
CA LYS G 40 0.97 -4.53 -13.32
C LYS G 40 1.76 -3.23 -13.48
N PHE G 41 1.39 -2.23 -12.67
CA PHE G 41 1.99 -0.90 -12.76
C PHE G 41 2.25 -0.38 -11.38
N ARG G 42 3.14 0.62 -11.31
CA ARG G 42 3.48 1.29 -10.08
C ARG G 42 3.76 2.75 -10.40
N THR G 43 3.33 3.62 -9.51
CA THR G 43 3.58 5.05 -9.59
C THR G 43 4.33 5.55 -8.36
N PHE G 44 4.61 6.84 -8.34
CA PHE G 44 5.40 7.46 -7.29
C PHE G 44 4.53 8.47 -6.50
N ARG G 45 4.78 8.55 -5.19
CA ARG G 45 4.08 9.44 -4.28
C ARG G 45 5.08 10.45 -3.71
N GLY G 46 5.23 11.59 -4.35
CA GLY G 46 6.29 12.52 -3.99
C GLY G 46 6.08 13.22 -2.67
N HIS G 47 4.84 13.37 -2.24
CA HIS G 47 4.52 14.17 -1.08
C HIS G 47 4.98 13.63 0.27
N THR G 48 5.47 12.40 0.26
CA THR G 48 5.93 11.68 1.45
C THR G 48 7.41 11.80 1.74
N ALA G 49 8.18 12.29 0.79
CA ALA G 49 9.62 12.44 0.97
C ALA G 49 10.16 13.63 0.17
N ALA G 50 11.27 14.18 0.62
CA ALA G 50 11.94 15.28 -0.01
C ALA G 50 12.88 14.83 -1.13
N PHE G 51 13.52 13.68 -0.93
CA PHE G 51 14.50 13.18 -1.89
C PHE G 51 14.87 11.72 -1.63
N ILE G 52 15.64 11.15 -2.54
CA ILE G 52 16.20 9.86 -2.34
C ILE G 52 17.70 9.92 -2.37
N ASP G 53 18.30 9.49 -1.28
CA ASP G 53 19.76 9.48 -1.15
C ASP G 53 20.32 8.14 -1.68
N LEU G 54 20.69 8.10 -2.94
CA LEU G 54 20.93 6.84 -3.63
C LEU G 54 22.00 5.92 -2.98
N SER G 55 23.08 6.53 -2.53
CA SER G 55 24.14 5.79 -1.85
C SER G 55 24.25 6.24 -0.38
N GLY G 56 23.09 6.48 0.24
CA GLY G 56 23.03 6.77 1.68
C GLY G 56 22.97 5.48 2.49
N PRO G 57 22.73 5.60 3.81
CA PRO G 57 22.57 4.42 4.68
C PRO G 57 21.37 3.52 4.27
N LYS G 58 21.64 2.22 4.13
CA LYS G 58 20.68 1.26 3.57
C LYS G 58 19.27 1.32 4.16
N ASP G 59 19.18 1.54 5.46
CA ASP G 59 17.87 1.59 6.15
C ASP G 59 17.07 2.86 5.84
N GLU G 60 17.77 3.98 5.72
CA GLU G 60 17.18 5.24 5.31
C GLU G 60 16.67 5.17 3.88
N VAL G 61 17.48 4.61 2.99
CA VAL G 61 17.13 4.49 1.59
C VAL G 61 15.94 3.59 1.44
N SER G 62 15.97 2.48 2.16
CA SER G 62 14.89 1.51 2.09
C SER G 62 13.54 2.09 2.59
N ALA G 63 13.60 2.94 3.62
CA ALA G 63 12.41 3.59 4.19
C ALA G 63 11.84 4.65 3.25
N ALA G 64 12.75 5.42 2.62
CA ALA G 64 12.34 6.37 1.61
C ALA G 64 11.66 5.72 0.41
N LEU G 65 12.26 4.65 -0.11
CA LEU G 65 11.68 3.92 -1.24
C LEU G 65 10.30 3.36 -0.93
N ASP G 66 10.13 2.83 0.27
CA ASP G 66 8.83 2.27 0.69
C ASP G 66 7.78 3.36 0.78
N ARG G 67 8.18 4.55 1.25
CA ARG G 67 7.28 5.72 1.26
C ARG G 67 6.87 6.19 -0.13
N VAL G 68 7.81 6.29 -1.07
CA VAL G 68 7.49 6.90 -2.36
C VAL G 68 6.81 5.97 -3.35
N MET G 69 7.02 4.66 -3.28
CA MET G 69 6.42 3.78 -4.26
C MET G 69 4.96 3.48 -3.92
N SER G 70 4.07 3.59 -4.90
CA SER G 70 2.68 3.15 -4.74
C SER G 70 2.61 1.65 -4.62
N ASP G 71 1.48 1.17 -4.13
CA ASP G 71 1.20 -0.26 -4.20
C ASP G 71 0.99 -0.64 -5.69
N GLU G 72 1.16 -1.92 -5.99
CA GLU G 72 1.01 -2.39 -7.34
C GLU G 72 -0.43 -2.17 -7.85
N ILE G 73 -0.53 -1.57 -9.02
CA ILE G 73 -1.79 -1.34 -9.68
C ILE G 73 -2.01 -2.51 -10.64
N VAL G 74 -3.15 -3.19 -10.52
CA VAL G 74 -3.48 -4.28 -11.42
C VAL G 74 -4.71 -3.85 -12.21
N LEU G 75 -4.60 -3.87 -13.53
CA LEU G 75 -5.71 -3.45 -14.34
C LEU G 75 -6.56 -4.65 -14.70
N ASP G 76 -7.87 -4.46 -14.58
CA ASP G 76 -8.87 -5.41 -15.09
C ASP G 76 -8.72 -5.47 -16.57
N GLU G 77 -9.50 -6.33 -17.21
CA GLU G 77 -9.65 -6.27 -18.66
C GLU G 77 -10.57 -5.07 -18.95
N GLY G 78 -10.32 -4.42 -20.08
CA GLY G 78 -11.03 -3.19 -20.44
C GLY G 78 -10.40 -1.89 -19.93
N GLU G 79 -9.55 -1.99 -18.89
CA GLU G 79 -8.99 -0.83 -18.22
C GLU G 79 -7.74 -0.36 -18.89
N ALA G 80 -7.54 0.95 -18.89
CA ALA G 80 -6.31 1.61 -19.34
C ALA G 80 -5.55 2.22 -18.15
N PHE G 81 -4.23 2.23 -18.26
CA PHE G 81 -3.38 3.06 -17.44
C PHE G 81 -3.13 4.35 -18.26
N TYR G 82 -3.44 5.52 -17.70
CA TYR G 82 -3.18 6.79 -18.41
C TYR G 82 -1.83 7.37 -18.02
N LEU G 83 -0.89 7.38 -18.97
CA LEU G 83 0.45 7.92 -18.78
C LEU G 83 0.51 9.38 -19.27
N HIS G 84 0.54 10.28 -18.30
CA HIS G 84 0.48 11.70 -18.59
C HIS G 84 1.86 12.24 -18.92
N PRO G 85 1.93 13.28 -19.75
CA PRO G 85 3.23 13.88 -20.06
C PRO G 85 3.98 14.23 -18.78
N GLY G 86 5.26 13.87 -18.75
CA GLY G 86 6.14 14.19 -17.66
C GLY G 86 6.06 13.22 -16.54
N GLU G 87 5.32 12.13 -16.70
CA GLU G 87 5.17 11.15 -15.63
C GLU G 87 5.95 9.90 -15.95
N LEU G 88 6.65 9.41 -14.93
CA LEU G 88 7.37 8.17 -14.95
C LEU G 88 6.50 7.17 -14.22
N ALA G 89 6.33 5.99 -14.82
CA ALA G 89 5.64 4.87 -14.20
C ALA G 89 6.41 3.59 -14.50
N LEU G 90 6.27 2.61 -13.61
CA LEU G 90 6.83 1.25 -13.84
C LEU G 90 5.73 0.33 -14.33
N ALA G 91 6.08 -0.52 -15.29
CA ALA G 91 5.20 -1.55 -15.80
C ALA G 91 6.03 -2.82 -16.02
N VAL G 92 5.44 -3.84 -16.60
CA VAL G 92 6.11 -5.10 -16.75
C VAL G 92 5.69 -5.70 -18.07
N THR G 93 6.60 -6.48 -18.67
CA THR G 93 6.24 -7.19 -19.89
C THR G 93 5.33 -8.36 -19.57
N LEU G 94 4.46 -8.70 -20.50
CA LEU G 94 3.66 -9.92 -20.37
C LEU G 94 4.55 -11.15 -20.34
N GLU G 95 5.53 -11.20 -21.23
CA GLU G 95 6.41 -12.34 -21.36
C GLU G 95 7.52 -12.43 -20.32
N SER G 96 7.80 -13.65 -19.91
CA SER G 96 8.99 -13.97 -19.17
C SER G 96 10.05 -14.44 -20.09
N VAL G 97 11.29 -14.00 -19.85
CA VAL G 97 12.40 -14.31 -20.76
C VAL G 97 13.48 -14.99 -19.93
N THR G 98 14.07 -16.04 -20.48
CA THR G 98 15.21 -16.72 -19.83
C THR G 98 16.35 -16.81 -20.83
N LEU G 99 17.53 -16.30 -20.45
CA LEU G 99 18.67 -16.29 -21.33
C LEU G 99 19.74 -17.21 -20.79
N PRO G 100 20.44 -17.91 -21.69
CA PRO G 100 21.59 -18.74 -21.28
C PRO G 100 22.80 -17.85 -21.00
N ALA G 101 23.87 -18.48 -20.51
CA ALA G 101 25.07 -17.78 -20.13
C ALA G 101 25.81 -17.17 -21.31
N ASP G 102 25.51 -17.59 -22.54
CA ASP G 102 26.28 -17.12 -23.71
C ASP G 102 25.49 -16.18 -24.64
N LEU G 103 24.44 -15.55 -24.10
CA LEU G 103 23.61 -14.60 -24.85
C LEU G 103 23.30 -13.35 -23.98
N VAL G 104 23.32 -12.18 -24.61
CA VAL G 104 22.78 -10.98 -23.98
C VAL G 104 21.59 -10.47 -24.84
N GLY G 105 20.59 -9.90 -24.17
CA GLY G 105 19.41 -9.34 -24.81
C GLY G 105 19.33 -7.84 -24.58
N TRP G 106 18.62 -7.19 -25.45
CA TRP G 106 18.49 -5.75 -25.51
C TRP G 106 17.07 -5.41 -25.79
N LEU G 107 16.51 -4.53 -24.95
CA LEU G 107 15.14 -4.02 -25.12
C LEU G 107 15.12 -2.72 -25.88
N ASP G 108 14.24 -2.61 -26.88
CA ASP G 108 14.04 -1.36 -27.61
C ASP G 108 12.54 -1.03 -27.48
N GLY G 109 12.18 0.21 -27.78
CA GLY G 109 10.77 0.57 -27.94
C GLY G 109 10.30 0.34 -29.38
N ARG G 110 9.23 1.00 -29.77
CA ARG G 110 8.69 0.93 -31.13
C ARG G 110 8.63 2.34 -31.68
N SER G 111 9.10 2.51 -32.92
CA SER G 111 9.01 3.79 -33.57
C SER G 111 7.58 4.44 -33.53
N SER G 112 6.53 3.65 -33.72
CA SER G 112 5.17 4.17 -33.65
C SER G 112 4.87 4.84 -32.33
N LEU G 113 5.47 4.34 -31.26
CA LEU G 113 5.23 4.87 -29.90
C LEU G 113 6.16 6.02 -29.57
N ALA G 114 7.38 5.90 -30.06
CA ALA G 114 8.38 6.93 -29.97
C ALA G 114 7.94 8.23 -30.61
N ARG G 115 7.23 8.10 -31.74
CA ARG G 115 6.70 9.25 -32.43
C ARG G 115 5.56 9.94 -31.68
N LEU G 116 5.06 9.33 -30.62
CA LEU G 116 4.15 9.98 -29.74
C LEU G 116 4.79 10.42 -28.40
N GLY G 117 6.06 10.12 -28.21
CA GLY G 117 6.76 10.42 -26.99
C GLY G 117 6.99 9.35 -25.96
N LEU G 118 6.54 8.10 -26.23
CA LEU G 118 6.66 7.08 -25.26
C LEU G 118 8.03 6.45 -25.25
N MET G 119 8.76 6.65 -24.16
CA MET G 119 9.99 5.92 -23.88
C MET G 119 9.64 4.69 -23.03
N VAL G 120 10.21 3.56 -23.39
CA VAL G 120 9.94 2.30 -22.73
C VAL G 120 11.04 1.91 -21.77
N HIS G 121 12.16 2.59 -21.85
CA HIS G 121 13.16 2.50 -20.79
C HIS G 121 13.84 3.87 -20.61
N VAL G 122 14.65 3.94 -19.57
CA VAL G 122 15.32 5.17 -19.16
C VAL G 122 16.83 4.86 -19.10
N THR G 123 17.41 4.55 -20.25
CA THR G 123 18.84 4.19 -20.38
C THR G 123 19.32 2.89 -19.71
N ALA G 124 18.44 2.03 -19.24
CA ALA G 124 18.87 0.70 -18.82
C ALA G 124 18.05 -0.28 -19.65
N HIS G 125 18.67 -0.95 -20.61
CA HIS G 125 17.90 -1.81 -21.51
C HIS G 125 18.57 -3.16 -21.77
N ARG G 126 19.54 -3.54 -20.94
CA ARG G 126 20.25 -4.79 -21.13
C ARG G 126 19.61 -5.90 -20.30
N ILE G 127 19.43 -7.05 -20.94
CA ILE G 127 18.96 -8.24 -20.30
C ILE G 127 20.17 -9.19 -20.22
N ASP G 128 20.61 -9.47 -19.00
CA ASP G 128 21.86 -10.14 -18.80
C ASP G 128 21.82 -11.64 -19.15
N PRO G 129 22.98 -12.19 -19.53
CA PRO G 129 23.08 -13.67 -19.60
C PRO G 129 22.76 -14.25 -18.24
N GLY G 130 21.96 -15.32 -18.23
CA GLY G 130 21.51 -15.97 -17.00
C GLY G 130 20.28 -15.35 -16.42
N TRP G 131 19.72 -14.31 -17.10
CA TRP G 131 18.48 -13.68 -16.68
C TRP G 131 17.33 -14.65 -16.87
N SER G 132 16.41 -14.68 -15.89
CA SER G 132 15.16 -15.35 -16.02
C SER G 132 14.10 -14.51 -15.35
N GLY G 133 13.08 -14.10 -16.09
CA GLY G 133 11.98 -13.33 -15.51
C GLY G 133 11.30 -12.39 -16.47
N CYS G 134 10.19 -11.85 -16.03
CA CYS G 134 9.57 -10.71 -16.67
C CYS G 134 10.43 -9.42 -16.54
N ILE G 135 10.35 -8.59 -17.54
CA ILE G 135 11.17 -7.40 -17.63
C ILE G 135 10.34 -6.23 -17.17
N VAL G 136 10.90 -5.44 -16.28
CA VAL G 136 10.27 -4.25 -15.77
C VAL G 136 10.60 -3.12 -16.71
N LEU G 137 9.56 -2.36 -17.05
CA LEU G 137 9.66 -1.23 -17.97
C LEU G 137 9.47 0.06 -17.20
N ASP G 138 10.32 1.05 -17.44
CA ASP G 138 10.16 2.37 -16.87
C ASP G 138 9.67 3.24 -18.02
N PHE G 139 8.39 3.49 -18.03
CA PHE G 139 7.78 4.36 -19.01
C PHE G 139 7.90 5.85 -18.68
N TYR G 140 8.22 6.64 -19.69
CA TYR G 140 8.18 8.08 -19.57
C TYR G 140 7.54 8.69 -20.79
N ASN G 141 6.55 9.53 -20.55
CA ASN G 141 5.87 10.19 -21.62
C ASN G 141 6.47 11.58 -21.87
N SER G 142 7.26 11.70 -22.94
CA SER G 142 7.92 12.93 -23.30
C SER G 142 7.12 13.77 -24.30
N GLY G 143 5.91 13.32 -24.63
CA GLY G 143 5.06 13.97 -25.61
C GLY G 143 4.09 14.96 -25.03
N LYS G 144 3.11 15.35 -25.81
CA LYS G 144 2.20 16.44 -25.44
C LYS G 144 0.89 15.90 -24.97
N LEU G 145 0.60 14.63 -25.27
CA LEU G 145 -0.69 14.03 -24.90
C LEU G 145 -0.54 12.85 -23.96
N PRO G 146 -1.52 12.72 -23.07
CA PRO G 146 -1.65 11.49 -22.35
C PRO G 146 -1.89 10.32 -23.28
N LEU G 147 -1.28 9.19 -22.90
CA LEU G 147 -1.37 7.95 -23.67
C LEU G 147 -2.10 6.94 -22.79
N ALA G 148 -3.16 6.36 -23.34
CA ALA G 148 -3.86 5.24 -22.69
C ALA G 148 -3.14 3.95 -23.04
N LEU G 149 -2.59 3.27 -22.04
CA LEU G 149 -1.88 2.02 -22.17
C LEU G 149 -2.76 0.88 -21.66
N ARG G 150 -2.91 -0.13 -22.49
CA ARG G 150 -3.75 -1.31 -22.16
C ARG G 150 -2.92 -2.56 -22.13
N PRO G 151 -3.12 -3.42 -21.13
CA PRO G 151 -2.47 -4.73 -21.12
C PRO G 151 -2.64 -5.45 -22.43
N GLY G 152 -1.55 -6.09 -22.85
CA GLY G 152 -1.59 -6.92 -24.07
C GLY G 152 -1.11 -6.18 -25.28
N MET G 153 -1.01 -4.85 -25.22
CA MET G 153 -0.56 -4.13 -26.43
C MET G 153 0.92 -4.41 -26.71
N LEU G 154 1.32 -4.33 -27.98
CA LEU G 154 2.72 -4.43 -28.36
C LEU G 154 3.47 -3.20 -27.94
N ILE G 155 4.50 -3.38 -27.14
CA ILE G 155 5.12 -2.27 -26.45
C ILE G 155 6.57 -2.05 -26.85
N GLY G 156 7.23 -3.11 -27.34
CA GLY G 156 8.63 -3.01 -27.66
C GLY G 156 9.17 -4.22 -28.38
N ALA G 157 10.48 -4.33 -28.40
CA ALA G 157 11.13 -5.36 -29.12
C ALA G 157 12.42 -5.81 -28.41
N LEU G 158 12.72 -7.10 -28.50
CA LEU G 158 13.94 -7.67 -27.94
C LEU G 158 14.79 -8.16 -29.04
N SER G 159 16.06 -7.84 -28.99
CA SER G 159 17.03 -8.48 -29.89
C SER G 159 18.06 -9.22 -29.01
N PHE G 160 18.83 -10.10 -29.66
CA PHE G 160 19.73 -11.04 -28.95
C PHE G 160 21.10 -11.18 -29.61
N GLU G 161 22.14 -11.12 -28.78
CA GLU G 161 23.51 -11.03 -29.23
C GLU G 161 24.32 -12.09 -28.53
N PRO G 162 24.90 -13.04 -29.30
CA PRO G 162 25.84 -14.00 -28.73
C PRO G 162 27.07 -13.35 -28.11
N LEU G 163 27.49 -13.84 -26.95
CA LEU G 163 28.69 -13.35 -26.29
C LEU G 163 29.91 -14.06 -26.87
N SER G 164 31.08 -13.49 -26.62
CA SER G 164 32.34 -14.06 -27.11
C SER G 164 32.58 -15.46 -26.53
N GLY G 165 31.97 -15.75 -25.37
CA GLY G 165 31.93 -17.10 -24.80
C GLY G 165 30.92 -17.08 -23.68
N PRO G 166 30.72 -18.22 -22.99
CA PRO G 166 29.75 -18.21 -21.89
C PRO G 166 30.26 -17.35 -20.77
N ALA G 167 29.38 -16.58 -20.17
CA ALA G 167 29.73 -15.76 -19.02
C ALA G 167 30.15 -16.65 -17.84
N VAL G 168 31.18 -16.22 -17.13
CA VAL G 168 31.63 -16.91 -15.92
C VAL G 168 30.78 -16.55 -14.75
N ARG G 169 30.28 -15.31 -14.72
CA ARG G 169 29.41 -14.82 -13.67
C ARG G 169 28.10 -14.32 -14.27
N PRO G 170 27.25 -15.26 -14.72
CA PRO G 170 25.93 -14.90 -15.26
C PRO G 170 24.99 -14.56 -14.13
N TYR G 171 23.86 -13.95 -14.47
CA TYR G 171 23.00 -13.27 -13.49
C TYR G 171 22.48 -14.21 -12.42
N ASN G 172 22.09 -15.42 -12.88
CA ASN G 172 21.50 -16.41 -11.97
C ASN G 172 22.48 -16.93 -10.91
N ARG G 173 23.78 -16.77 -11.17
CA ARG G 173 24.79 -17.19 -10.22
C ARG G 173 25.44 -16.06 -9.41
N ARG G 174 25.11 -14.80 -9.68
CA ARG G 174 25.68 -13.70 -8.90
C ARG G 174 24.95 -13.50 -7.58
N GLU G 175 25.70 -13.57 -6.49
CA GLU G 175 25.12 -13.50 -5.15
C GLU G 175 24.46 -12.16 -4.94
N ASP G 176 25.09 -11.09 -5.39
CA ASP G 176 24.53 -9.76 -5.17
C ASP G 176 23.60 -9.26 -6.30
N ALA G 177 23.14 -10.14 -7.20
CA ALA G 177 22.16 -9.76 -8.23
C ALA G 177 20.85 -9.45 -7.55
N LYS G 178 20.20 -8.32 -7.91
CA LYS G 178 19.04 -7.80 -7.16
C LYS G 178 17.71 -8.31 -7.65
N TYR G 179 17.61 -8.67 -8.92
CA TYR G 179 16.30 -8.83 -9.58
C TYR G 179 16.00 -10.23 -10.12
N ARG G 180 16.69 -11.24 -9.59
CA ARG G 180 16.44 -12.62 -10.00
C ARG G 180 14.95 -13.02 -9.81
N ASN G 181 14.36 -13.55 -10.88
CA ASN G 181 13.01 -14.12 -10.85
C ASN G 181 11.94 -13.10 -10.49
N GLN G 182 12.09 -11.93 -11.09
CA GLN G 182 11.21 -10.81 -10.85
C GLN G 182 9.91 -11.09 -11.59
N GLN G 183 8.79 -10.77 -10.96
CA GLN G 183 7.48 -11.10 -11.59
C GLN G 183 6.49 -9.97 -11.83
N GLY G 184 6.39 -9.02 -10.90
CA GLY G 184 5.53 -7.84 -11.14
C GLY G 184 6.32 -6.58 -11.45
N ALA G 185 5.68 -5.43 -11.22
CA ALA G 185 6.33 -4.13 -11.41
C ALA G 185 7.15 -3.87 -10.17
N VAL G 186 8.33 -4.50 -10.12
CA VAL G 186 9.22 -4.38 -9.00
C VAL G 186 9.89 -3.00 -9.02
N ALA G 187 9.84 -2.34 -7.86
CA ALA G 187 10.47 -1.10 -7.63
C ALA G 187 11.97 -1.24 -7.52
N SER G 188 12.66 -0.10 -7.57
CA SER G 188 14.10 -0.06 -7.44
C SER G 188 14.55 -0.81 -6.16
N ARG G 189 15.62 -1.58 -6.28
CA ARG G 189 16.25 -2.18 -5.11
C ARG G 189 17.64 -1.62 -4.92
N ILE G 190 17.78 -0.33 -5.19
CA ILE G 190 19.01 0.40 -5.00
C ILE G 190 19.53 0.30 -3.58
N ASP G 191 18.63 0.16 -2.61
CA ASP G 191 19.01 -0.03 -1.18
C ASP G 191 19.86 -1.31 -0.93
N LYS G 192 19.84 -2.26 -1.84
CA LYS G 192 20.63 -3.49 -1.68
C LYS G 192 22.08 -3.29 -2.12
N ASP G 193 22.42 -2.16 -2.75
CA ASP G 193 23.81 -1.91 -3.10
C ASP G 193 24.78 -1.90 -1.88
N MET H 1 29.50 -7.65 -33.35
CA MET H 1 30.47 -7.08 -34.30
C MET H 1 29.83 -5.97 -35.10
N ARG H 2 30.34 -4.76 -34.94
CA ARG H 2 29.97 -3.70 -35.82
C ARG H 2 30.98 -3.63 -36.96
N LEU H 3 30.52 -3.13 -38.09
CA LEU H 3 31.42 -2.82 -39.18
C LEU H 3 32.29 -1.62 -38.84
N CYS H 4 33.58 -1.76 -39.09
CA CYS H 4 34.49 -0.64 -39.00
C CYS H 4 34.34 0.26 -40.22
N ASP H 5 34.90 1.47 -40.15
CA ASP H 5 34.82 2.44 -41.26
C ASP H 5 35.18 1.81 -42.62
N ARG H 6 36.30 1.10 -42.67
CA ARG H 6 36.77 0.44 -43.90
C ARG H 6 35.75 -0.53 -44.49
N ASP H 7 35.14 -1.36 -43.66
CA ASP H 7 34.09 -2.28 -44.10
C ASP H 7 32.77 -1.62 -44.46
N ILE H 8 32.43 -0.50 -43.83
CA ILE H 8 31.25 0.26 -44.26
C ILE H 8 31.46 0.78 -45.70
N GLU H 9 32.65 1.31 -45.99
CA GLU H 9 32.99 1.74 -47.34
C GLU H 9 32.92 0.60 -48.35
N ALA H 10 33.40 -0.58 -47.97
CA ALA H 10 33.34 -1.77 -48.84
C ALA H 10 31.90 -2.21 -49.11
N TRP H 11 31.04 -2.23 -48.08
CA TRP H 11 29.62 -2.56 -48.28
C TRP H 11 28.96 -1.51 -49.15
N LEU H 12 29.37 -0.25 -49.03
CA LEU H 12 28.79 0.79 -49.90
C LEU H 12 29.24 0.63 -51.37
N ASP H 13 30.52 0.35 -51.57
CA ASP H 13 31.08 0.09 -52.91
C ASP H 13 30.37 -1.07 -53.56
N GLU H 14 30.21 -2.16 -52.81
CA GLU H 14 29.56 -3.37 -53.30
C GLU H 14 28.07 -3.20 -53.57
N GLY H 15 27.47 -2.15 -53.05
CA GLY H 15 26.05 -1.91 -53.23
C GLY H 15 25.17 -2.75 -52.32
N ARG H 16 25.79 -3.42 -51.35
CA ARG H 16 25.06 -4.21 -50.35
C ARG H 16 24.15 -3.24 -49.53
N LEU H 17 24.82 -2.20 -49.04
CA LEU H 17 24.23 -1.18 -48.24
C LEU H 17 24.23 0.05 -49.15
N SER H 18 23.19 0.87 -49.06
CA SER H 18 23.28 2.17 -49.67
C SER H 18 22.79 3.30 -48.76
N ILE H 19 23.47 4.43 -48.87
CA ILE H 19 23.13 5.66 -48.21
C ILE H 19 23.21 6.72 -49.28
N ASN H 20 22.10 7.43 -49.45
CA ASN H 20 21.93 8.39 -50.53
C ASN H 20 21.46 9.73 -49.99
N PRO H 21 22.24 10.81 -50.20
CA PRO H 21 23.56 10.89 -50.84
C PRO H 21 24.65 10.25 -50.01
N ARG H 22 25.63 9.68 -50.69
CA ARG H 22 26.69 8.95 -50.02
C ARG H 22 27.61 9.90 -49.30
N PRO H 23 27.80 9.69 -47.98
CA PRO H 23 28.62 10.66 -47.27
C PRO H 23 30.07 10.54 -47.69
N PRO H 24 30.80 11.67 -47.67
CA PRO H 24 32.20 11.60 -47.96
C PRO H 24 33.01 10.93 -46.82
N VAL H 25 34.24 10.56 -47.16
CA VAL H 25 35.18 9.89 -46.25
C VAL H 25 35.31 10.56 -44.87
N GLU H 26 35.18 11.87 -44.84
CA GLU H 26 35.25 12.62 -43.59
C GLU H 26 34.07 12.32 -42.60
N ARG H 27 32.99 11.77 -43.12
CA ARG H 27 31.82 11.41 -42.34
C ARG H 27 31.75 9.93 -42.02
N ILE H 28 32.76 9.16 -42.45
CA ILE H 28 32.78 7.76 -42.13
C ILE H 28 34.04 7.55 -41.33
N ASN H 29 33.90 7.20 -40.06
CA ASN H 29 35.05 6.92 -39.24
C ASN H 29 34.70 6.08 -38.05
N GLY H 30 35.69 5.36 -37.54
CA GLY H 30 35.55 4.41 -36.48
C GLY H 30 34.65 3.28 -36.86
N ALA H 31 33.42 3.33 -36.33
CA ALA H 31 32.43 2.33 -36.59
C ALA H 31 31.10 2.93 -36.98
N THR H 32 31.12 4.18 -37.47
CA THR H 32 29.90 4.96 -37.75
C THR H 32 29.97 5.88 -38.99
N VAL H 33 28.79 6.17 -39.51
CA VAL H 33 28.56 7.15 -40.52
C VAL H 33 27.74 8.27 -39.93
N ASP H 34 28.22 9.51 -40.06
CA ASP H 34 27.48 10.65 -39.55
C ASP H 34 26.33 10.96 -40.47
N VAL H 35 25.15 11.28 -39.92
CA VAL H 35 24.01 11.69 -40.74
C VAL H 35 23.56 13.12 -40.43
N ARG H 36 22.87 13.71 -41.41
CA ARG H 36 22.50 15.09 -41.39
C ARG H 36 21.00 15.27 -41.28
N LEU H 37 20.61 16.43 -40.78
CA LEU H 37 19.22 16.80 -40.59
C LEU H 37 18.59 17.22 -41.94
N GLY H 38 17.43 16.68 -42.25
CA GLY H 38 16.62 17.10 -43.41
C GLY H 38 15.89 18.41 -43.15
N ASN H 39 14.89 18.72 -43.98
CA ASN H 39 14.19 19.99 -43.78
C ASN H 39 12.70 19.90 -43.58
N LYS H 40 12.23 18.72 -43.18
CA LYS H 40 10.81 18.49 -42.85
C LYS H 40 10.61 18.21 -41.35
N PHE H 41 9.63 18.90 -40.76
CA PHE H 41 9.33 18.78 -39.34
C PHE H 41 7.82 18.64 -39.11
N ARG H 42 7.48 18.12 -37.93
CA ARG H 42 6.10 18.07 -37.50
C ARG H 42 6.03 18.28 -36.02
N THR H 43 5.01 18.99 -35.55
CA THR H 43 4.77 19.25 -34.14
C THR H 43 3.38 18.69 -33.75
N PHE H 44 2.99 18.89 -32.50
CA PHE H 44 1.79 18.36 -31.95
C PHE H 44 0.91 19.51 -31.49
N ARG H 45 -0.40 19.36 -31.67
CA ARG H 45 -1.41 20.34 -31.29
C ARG H 45 -2.26 19.63 -30.20
N GLY H 46 -1.97 19.89 -28.95
CA GLY H 46 -2.66 19.28 -27.87
C GLY H 46 -4.09 19.75 -27.61
N HIS H 47 -4.42 20.96 -28.02
CA HIS H 47 -5.73 21.54 -27.65
C HIS H 47 -6.95 20.95 -28.36
N THR H 48 -6.72 20.06 -29.31
CA THR H 48 -7.75 19.38 -30.07
C THR H 48 -8.15 18.04 -29.48
N ALA H 49 -7.37 17.47 -28.56
CA ALA H 49 -7.72 16.15 -28.00
C ALA H 49 -7.27 16.04 -26.57
N ALA H 50 -7.97 15.19 -25.82
CA ALA H 50 -7.66 14.95 -24.42
C ALA H 50 -6.53 13.94 -24.24
N PHE H 51 -6.48 12.95 -25.13
CA PHE H 51 -5.53 11.84 -25.02
C PHE H 51 -5.52 11.01 -26.30
N ILE H 52 -4.56 10.10 -26.41
CA ILE H 52 -4.50 9.12 -27.50
C ILE H 52 -4.60 7.73 -26.87
N ASP H 53 -5.61 6.99 -27.31
CA ASP H 53 -5.86 5.62 -26.88
C ASP H 53 -5.12 4.68 -27.80
N LEU H 54 -3.92 4.27 -27.42
CA LEU H 54 -2.98 3.62 -28.31
C LEU H 54 -3.52 2.33 -28.96
N SER H 55 -4.14 1.47 -28.14
CA SER H 55 -4.72 0.24 -28.66
C SER H 55 -6.25 0.31 -28.58
N GLY H 56 -6.81 1.47 -28.88
CA GLY H 56 -8.26 1.62 -28.98
C GLY H 56 -8.70 1.24 -30.39
N PRO H 57 -10.00 1.47 -30.72
CA PRO H 57 -10.55 1.24 -32.05
C PRO H 57 -9.83 2.04 -33.13
N LYS H 58 -9.44 1.37 -34.20
CA LYS H 58 -8.60 1.94 -35.25
C LYS H 58 -9.06 3.31 -35.76
N ASP H 59 -10.34 3.47 -35.99
CA ASP H 59 -10.92 4.70 -36.51
C ASP H 59 -10.84 5.86 -35.53
N GLU H 60 -11.07 5.60 -34.25
CA GLU H 60 -10.91 6.60 -33.21
C GLU H 60 -9.46 7.04 -33.10
N VAL H 61 -8.54 6.09 -33.10
CA VAL H 61 -7.12 6.39 -32.97
C VAL H 61 -6.65 7.25 -34.15
N SER H 62 -7.07 6.84 -35.33
CA SER H 62 -6.70 7.51 -36.57
C SER H 62 -7.21 8.99 -36.59
N ALA H 63 -8.43 9.19 -36.12
CA ALA H 63 -9.01 10.52 -36.05
C ALA H 63 -8.28 11.41 -35.01
N ALA H 64 -7.92 10.83 -33.88
CA ALA H 64 -7.14 11.53 -32.85
C ALA H 64 -5.75 11.95 -33.36
N LEU H 65 -5.06 11.01 -34.02
CA LEU H 65 -3.77 11.31 -34.61
C LEU H 65 -3.84 12.45 -35.61
N ASP H 66 -4.87 12.46 -36.46
CA ASP H 66 -5.00 13.45 -37.50
C ASP H 66 -5.25 14.84 -36.86
N ARG H 67 -6.02 14.89 -35.79
CA ARG H 67 -6.21 16.11 -35.02
C ARG H 67 -4.93 16.66 -34.36
N VAL H 68 -4.13 15.77 -33.77
CA VAL H 68 -3.00 16.24 -32.95
C VAL H 68 -1.74 16.60 -33.73
N MET H 69 -1.52 15.96 -34.88
CA MET H 69 -0.31 16.19 -35.68
C MET H 69 -0.45 17.47 -36.50
N SER H 70 0.58 18.31 -36.51
CA SER H 70 0.58 19.48 -37.37
C SER H 70 0.77 19.03 -38.81
N ASP H 71 0.50 19.94 -39.73
CA ASP H 71 0.94 19.74 -41.11
C ASP H 71 2.49 19.77 -41.17
N GLU H 72 3.04 19.23 -42.24
CA GLU H 72 4.48 19.20 -42.36
C GLU H 72 5.02 20.61 -42.47
N ILE H 73 6.05 20.89 -41.68
CA ILE H 73 6.77 22.16 -41.73
C ILE H 73 8.00 21.95 -42.61
N VAL H 74 8.16 22.81 -43.61
CA VAL H 74 9.32 22.76 -44.53
C VAL H 74 10.08 24.05 -44.38
N LEU H 75 11.34 23.95 -44.01
CA LEU H 75 12.14 25.13 -43.78
C LEU H 75 12.86 25.54 -45.05
N ASP H 76 12.81 26.84 -45.34
CA ASP H 76 13.59 27.44 -46.41
C ASP H 76 15.04 27.30 -46.03
N GLU H 77 15.92 27.75 -46.94
CA GLU H 77 17.32 27.90 -46.57
C GLU H 77 17.42 29.17 -45.71
N GLY H 78 18.34 29.13 -44.74
CA GLY H 78 18.46 30.22 -43.78
C GLY H 78 17.60 30.03 -42.54
N GLU H 79 16.54 29.22 -42.62
CA GLU H 79 15.58 29.07 -41.51
C GLU H 79 16.03 28.02 -40.47
N ALA H 80 15.74 28.31 -39.21
CA ALA H 80 15.91 27.38 -38.13
C ALA H 80 14.54 26.83 -37.64
N PHE H 81 14.54 25.59 -37.16
CA PHE H 81 13.49 25.08 -36.30
C PHE H 81 13.93 25.27 -34.86
N TYR H 82 13.16 26.00 -34.04
CA TYR H 82 13.49 26.18 -32.67
C TYR H 82 12.85 25.07 -31.84
N LEU H 83 13.69 24.23 -31.23
CA LEU H 83 13.27 23.19 -30.32
C LEU H 83 13.46 23.69 -28.87
N HIS H 84 12.34 23.95 -28.24
CA HIS H 84 12.27 24.45 -26.88
C HIS H 84 12.35 23.34 -25.83
N PRO H 85 12.90 23.63 -24.64
CA PRO H 85 12.93 22.59 -23.60
C PRO H 85 11.54 22.00 -23.35
N GLY H 86 11.46 20.69 -23.29
CA GLY H 86 10.22 20.00 -22.94
C GLY H 86 9.35 19.72 -24.15
N GLU H 87 9.83 20.04 -25.36
CA GLU H 87 9.05 19.84 -26.57
C GLU H 87 9.57 18.66 -27.37
N LEU H 88 8.63 17.87 -27.86
CA LEU H 88 8.89 16.80 -28.77
C LEU H 88 8.53 17.25 -30.18
N ALA H 89 9.40 16.96 -31.13
CA ALA H 89 9.10 17.28 -32.53
C ALA H 89 9.60 16.15 -33.40
N LEU H 90 8.94 15.94 -34.54
CA LEU H 90 9.43 14.97 -35.52
C LEU H 90 10.26 15.66 -36.60
N ALA H 91 11.33 15.02 -36.99
CA ALA H 91 12.16 15.47 -38.07
C ALA H 91 12.57 14.26 -38.91
N VAL H 92 13.44 14.48 -39.87
CA VAL H 92 13.84 13.43 -40.83
C VAL H 92 15.30 13.63 -41.18
N THR H 93 16.00 12.52 -41.41
CA THR H 93 17.36 12.59 -41.93
C THR H 93 17.37 13.05 -43.37
N LEU H 94 18.42 13.75 -43.75
CA LEU H 94 18.66 14.12 -45.15
C LEU H 94 18.87 12.87 -46.00
N GLU H 95 19.67 11.94 -45.50
CA GLU H 95 19.99 10.74 -46.21
C GLU H 95 18.87 9.69 -46.13
N SER H 96 18.67 9.00 -47.26
CA SER H 96 17.90 7.75 -47.33
C SER H 96 18.84 6.58 -47.19
N VAL H 97 18.39 5.55 -46.47
CA VAL H 97 19.25 4.39 -46.17
C VAL H 97 18.56 3.14 -46.65
N THR H 98 19.30 2.24 -47.26
CA THR H 98 18.75 0.94 -47.67
C THR H 98 19.61 -0.17 -47.11
N LEU H 99 19.03 -1.09 -46.35
CA LEU H 99 19.77 -2.18 -45.76
C LEU H 99 19.37 -3.49 -46.42
N PRO H 100 20.35 -4.39 -46.64
CA PRO H 100 20.03 -5.73 -47.10
C PRO H 100 19.44 -6.58 -45.95
N ALA H 101 19.02 -7.79 -46.27
CA ALA H 101 18.41 -8.71 -45.34
C ALA H 101 19.35 -9.21 -44.24
N ASP H 102 20.65 -9.04 -44.40
CA ASP H 102 21.64 -9.58 -43.42
C ASP H 102 22.39 -8.48 -42.61
N LEU H 103 21.81 -7.30 -42.55
CA LEU H 103 22.39 -6.19 -41.76
C LEU H 103 21.31 -5.44 -40.96
N VAL H 104 21.59 -5.14 -39.72
CA VAL H 104 20.73 -4.25 -38.93
C VAL H 104 21.56 -2.95 -38.63
N GLY H 105 20.85 -1.81 -38.63
CA GLY H 105 21.44 -0.53 -38.35
C GLY H 105 20.91 0.02 -37.04
N TRP H 106 21.66 0.99 -36.49
CA TRP H 106 21.42 1.57 -35.15
C TRP H 106 21.76 3.04 -35.19
N LEU H 107 20.76 3.85 -34.84
CA LEU H 107 20.88 5.30 -34.80
C LEU H 107 21.33 5.71 -33.41
N ASP H 108 22.34 6.57 -33.33
CA ASP H 108 22.74 7.19 -32.07
C ASP H 108 22.70 8.69 -32.28
N GLY H 109 22.75 9.44 -31.20
CA GLY H 109 22.95 10.91 -31.32
C GLY H 109 24.44 11.25 -31.29
N ARG H 110 24.76 12.51 -31.02
CA ARG H 110 26.11 13.01 -30.90
C ARG H 110 26.31 13.55 -29.48
N SER H 111 27.42 13.17 -28.89
CA SER H 111 27.80 13.68 -27.61
C SER H 111 27.72 15.22 -27.51
N SER H 112 28.13 15.95 -28.54
CA SER H 112 28.09 17.46 -28.53
C SER H 112 26.70 18.03 -28.31
N LEU H 113 25.71 17.31 -28.84
CA LEU H 113 24.31 17.67 -28.76
C LEU H 113 23.62 17.16 -27.47
N ALA H 114 24.04 15.96 -27.05
CA ALA H 114 23.60 15.36 -25.82
C ALA H 114 23.98 16.22 -24.61
N ARG H 115 25.17 16.78 -24.62
CA ARG H 115 25.62 17.69 -23.59
C ARG H 115 24.83 19.01 -23.54
N LEU H 116 23.97 19.24 -24.53
CA LEU H 116 23.02 20.35 -24.51
C LEU H 116 21.59 19.89 -24.29
N GLY H 117 21.38 18.60 -24.13
CA GLY H 117 20.07 18.06 -23.88
C GLY H 117 19.28 17.50 -25.07
N LEU H 118 19.88 17.47 -26.25
CA LEU H 118 19.17 17.03 -27.42
C LEU H 118 19.19 15.52 -27.53
N MET H 119 18.02 14.92 -27.39
CA MET H 119 17.78 13.50 -27.72
C MET H 119 17.29 13.37 -29.16
N VAL H 120 17.87 12.46 -29.95
CA VAL H 120 17.53 12.34 -31.35
C VAL H 120 16.57 11.18 -31.60
N HIS H 121 16.39 10.33 -30.59
CA HIS H 121 15.35 9.36 -30.58
C HIS H 121 14.79 9.17 -29.16
N VAL H 122 13.69 8.44 -29.08
CA VAL H 122 12.96 8.21 -27.87
C VAL H 122 12.81 6.68 -27.67
N THR H 123 13.92 6.03 -27.46
CA THR H 123 14.04 4.58 -27.29
C THR H 123 13.65 3.67 -28.46
N ALA H 124 13.52 4.19 -29.67
CA ALA H 124 13.36 3.35 -30.86
C ALA H 124 14.45 3.79 -31.82
N HIS H 125 15.54 3.03 -31.91
CA HIS H 125 16.65 3.44 -32.71
C HIS H 125 17.18 2.38 -33.71
N ARG H 126 16.39 1.35 -33.96
CA ARG H 126 16.76 0.26 -34.80
C ARG H 126 16.26 0.47 -36.20
N ILE H 127 17.15 0.26 -37.18
CA ILE H 127 16.86 0.31 -38.60
C ILE H 127 16.92 -1.15 -39.11
N ASP H 128 15.79 -1.67 -39.51
CA ASP H 128 15.65 -3.07 -39.80
C ASP H 128 16.35 -3.54 -41.04
N PRO H 129 16.76 -4.80 -41.05
CA PRO H 129 17.12 -5.42 -42.34
C PRO H 129 15.95 -5.31 -43.30
N GLY H 130 16.23 -4.96 -44.54
CA GLY H 130 15.23 -4.71 -45.59
C GLY H 130 14.65 -3.30 -45.62
N TRP H 131 15.10 -2.46 -44.68
CA TRP H 131 14.65 -1.09 -44.63
C TRP H 131 15.14 -0.37 -45.87
N SER H 132 14.29 0.50 -46.43
CA SER H 132 14.70 1.46 -47.43
C SER H 132 13.95 2.79 -47.20
N GLY H 133 14.69 3.87 -46.97
CA GLY H 133 14.04 5.16 -46.75
C GLY H 133 14.77 6.09 -45.84
N CYS H 134 14.26 7.31 -45.77
CA CYS H 134 14.75 8.30 -44.80
C CYS H 134 14.26 7.92 -43.42
N ILE H 135 15.03 8.31 -42.41
CA ILE H 135 14.75 7.91 -41.07
C ILE H 135 14.11 9.08 -40.35
N VAL H 136 13.02 8.81 -39.68
CA VAL H 136 12.30 9.81 -38.91
C VAL H 136 12.95 9.90 -37.51
N LEU H 137 13.22 11.12 -37.08
CA LEU H 137 13.81 11.41 -35.80
C LEU H 137 12.75 11.98 -34.88
N ASP H 138 12.73 11.54 -33.63
CA ASP H 138 11.86 12.18 -32.58
C ASP H 138 12.77 12.96 -31.66
N PHE H 139 12.86 14.24 -31.88
CA PHE H 139 13.69 15.09 -31.08
C PHE H 139 13.01 15.47 -29.79
N TYR H 140 13.75 15.40 -28.70
CA TYR H 140 13.30 15.94 -27.44
C TYR H 140 14.42 16.78 -26.82
N ASN H 141 14.08 18.00 -26.40
CA ASN H 141 15.04 18.87 -25.72
C ASN H 141 14.87 18.76 -24.17
N SER H 142 15.83 18.09 -23.55
CA SER H 142 15.83 17.86 -22.13
C SER H 142 16.69 18.87 -21.40
N GLY H 143 17.26 19.85 -22.12
CA GLY H 143 18.13 20.85 -21.56
C GLY H 143 17.40 22.10 -21.14
N LYS H 144 18.16 23.16 -20.90
CA LYS H 144 17.61 24.38 -20.31
C LYS H 144 17.41 25.44 -21.33
N LEU H 145 18.02 25.30 -22.51
CA LEU H 145 17.93 26.32 -23.56
C LEU H 145 17.30 25.81 -24.84
N PRO H 146 16.55 26.69 -25.53
CA PRO H 146 16.10 26.35 -26.88
C PRO H 146 17.30 26.13 -27.76
N LEU H 147 17.16 25.20 -28.69
CA LEU H 147 18.18 24.86 -29.66
C LEU H 147 17.66 25.14 -31.05
N ALA H 148 18.42 25.91 -31.80
CA ALA H 148 18.14 26.23 -33.19
C ALA H 148 18.71 25.16 -34.09
N LEU H 149 17.81 24.40 -34.71
CA LEU H 149 18.18 23.32 -35.60
C LEU H 149 18.04 23.80 -37.05
N ARG H 150 19.09 23.62 -37.83
CA ARG H 150 19.08 23.98 -39.23
C ARG H 150 19.27 22.77 -40.14
N PRO H 151 18.49 22.67 -41.25
CA PRO H 151 18.71 21.60 -42.21
C PRO H 151 20.18 21.50 -42.63
N GLY H 152 20.67 20.28 -42.76
CA GLY H 152 22.04 20.05 -43.19
C GLY H 152 23.04 19.88 -42.06
N MET H 153 22.64 20.23 -40.84
CA MET H 153 23.59 20.07 -39.73
C MET H 153 23.77 18.56 -39.42
N LEU H 154 24.93 18.19 -38.92
CA LEU H 154 25.19 16.84 -38.45
C LEU H 154 24.41 16.56 -37.15
N ILE H 155 23.57 15.56 -37.19
CA ILE H 155 22.59 15.35 -36.16
C ILE H 155 22.74 14.00 -35.43
N GLY H 156 23.48 13.06 -36.01
CA GLY H 156 23.65 11.79 -35.36
C GLY H 156 24.55 10.90 -36.16
N ALA H 157 24.47 9.60 -35.84
CA ALA H 157 25.40 8.63 -36.39
C ALA H 157 24.70 7.29 -36.54
N LEU H 158 25.05 6.57 -37.62
CA LEU H 158 24.56 5.20 -37.84
C LEU H 158 25.71 4.23 -37.74
N SER H 159 25.48 3.14 -37.02
CA SER H 159 26.37 2.01 -37.06
C SER H 159 25.61 0.78 -37.64
N PHE H 160 26.37 -0.22 -38.06
CA PHE H 160 25.83 -1.42 -38.76
C PHE H 160 26.41 -2.71 -38.22
N GLU H 161 25.52 -3.66 -38.03
CA GLU H 161 25.80 -4.92 -37.43
C GLU H 161 25.30 -6.06 -38.32
N PRO H 162 26.21 -6.93 -38.77
CA PRO H 162 25.79 -8.14 -39.50
C PRO H 162 24.90 -9.06 -38.69
N LEU H 163 23.87 -9.61 -39.31
CA LEU H 163 23.05 -10.59 -38.60
C LEU H 163 23.67 -11.98 -38.71
N SER H 164 23.21 -12.93 -37.88
CA SER H 164 23.68 -14.29 -37.87
C SER H 164 23.42 -15.00 -39.19
N GLY H 165 22.44 -14.51 -39.94
CA GLY H 165 22.17 -14.96 -41.32
C GLY H 165 21.19 -13.95 -41.92
N PRO H 166 20.83 -14.14 -43.20
CA PRO H 166 19.82 -13.24 -43.78
C PRO H 166 18.46 -13.43 -43.09
N ALA H 167 17.78 -12.33 -42.81
CA ALA H 167 16.44 -12.38 -42.24
C ALA H 167 15.48 -13.04 -43.24
N VAL H 168 14.64 -13.93 -42.73
CA VAL H 168 13.57 -14.56 -43.50
C VAL H 168 12.38 -13.61 -43.69
N ARG H 169 12.14 -12.75 -42.72
CA ARG H 169 11.07 -11.76 -42.84
C ARG H 169 11.67 -10.33 -42.68
N PRO H 170 12.42 -9.86 -43.68
CA PRO H 170 12.92 -8.50 -43.65
C PRO H 170 11.80 -7.48 -43.91
N TYR H 171 12.11 -6.22 -43.61
CA TYR H 171 11.09 -5.18 -43.50
C TYR H 171 10.33 -4.99 -44.82
N ASN H 172 11.06 -4.99 -45.94
CA ASN H 172 10.49 -4.78 -47.27
C ASN H 172 9.50 -5.89 -47.67
N ARG H 173 9.58 -7.08 -47.06
CA ARG H 173 8.66 -8.20 -47.37
C ARG H 173 7.52 -8.39 -46.34
N ARG H 174 7.56 -7.67 -45.23
CA ARG H 174 6.52 -7.84 -44.19
C ARG H 174 5.26 -7.07 -44.58
N GLU H 175 4.15 -7.80 -44.69
CA GLU H 175 2.88 -7.22 -45.14
C GLU H 175 2.36 -6.17 -44.18
N ASP H 176 2.58 -6.40 -42.88
CA ASP H 176 2.12 -5.44 -41.88
C ASP H 176 3.19 -4.42 -41.42
N ALA H 177 4.28 -4.27 -42.16
CA ALA H 177 5.24 -3.19 -41.90
C ALA H 177 4.59 -1.84 -42.19
N LYS H 178 4.76 -0.88 -41.28
CA LYS H 178 4.05 0.41 -41.38
C LYS H 178 4.77 1.51 -42.18
N TYR H 179 6.08 1.48 -42.21
CA TYR H 179 6.86 2.64 -42.63
C TYR H 179 7.73 2.39 -43.88
N ARG H 180 7.38 1.41 -44.69
CA ARG H 180 8.11 1.17 -45.97
C ARG H 180 8.12 2.39 -46.89
N ASN H 181 9.32 2.77 -47.32
CA ASN H 181 9.54 3.91 -48.23
C ASN H 181 8.98 5.21 -47.68
N GLN H 182 9.36 5.49 -46.44
CA GLN H 182 8.94 6.69 -45.77
C GLN H 182 9.83 7.83 -46.29
N GLN H 183 9.25 9.01 -46.52
CA GLN H 183 10.06 10.11 -47.09
C GLN H 183 10.12 11.44 -46.33
N GLY H 184 9.03 11.86 -45.73
CA GLY H 184 9.08 13.07 -44.89
C GLY H 184 9.04 12.78 -43.39
N ALA H 185 8.60 13.76 -42.63
CA ALA H 185 8.41 13.60 -41.19
C ALA H 185 7.09 12.88 -40.93
N VAL H 186 7.09 11.58 -41.14
CA VAL H 186 5.89 10.77 -41.08
C VAL H 186 5.49 10.57 -39.61
N ALA H 187 4.23 10.85 -39.34
CA ALA H 187 3.65 10.69 -38.04
C ALA H 187 3.45 9.20 -37.67
N SER H 188 3.16 8.95 -36.39
CA SER H 188 2.94 7.61 -35.90
C SER H 188 1.80 6.97 -36.67
N ARG H 189 2.02 5.72 -37.07
CA ARG H 189 0.98 4.91 -37.70
C ARG H 189 0.53 3.82 -36.78
N ILE H 190 0.52 4.13 -35.48
CA ILE H 190 0.06 3.19 -34.44
C ILE H 190 -1.40 2.70 -34.69
N ASP H 191 -2.21 3.50 -35.38
CA ASP H 191 -3.54 3.08 -35.80
C ASP H 191 -3.57 1.85 -36.72
N LYS H 192 -2.46 1.53 -37.38
CA LYS H 192 -2.41 0.39 -38.30
C LYS H 192 -2.18 -0.93 -37.56
N ASP H 193 -1.84 -0.88 -36.27
CA ASP H 193 -1.66 -2.10 -35.49
C ASP H 193 -2.92 -3.00 -35.53
N MET I 1 28.34 -9.37 -31.43
CA MET I 1 29.04 -10.12 -30.37
C MET I 1 29.60 -9.16 -29.36
N ARG I 2 29.19 -9.29 -28.11
CA ARG I 2 29.81 -8.55 -27.05
C ARG I 2 30.78 -9.49 -26.35
N LEU I 3 31.82 -8.90 -25.77
CA LEU I 3 32.74 -9.63 -24.93
C LEU I 3 32.08 -10.06 -23.62
N CYS I 4 32.19 -11.34 -23.29
CA CYS I 4 31.74 -11.82 -21.99
C CYS I 4 32.75 -11.37 -20.93
N ASP I 5 32.36 -11.44 -19.67
CA ASP I 5 33.20 -11.08 -18.53
C ASP I 5 34.61 -11.64 -18.61
N ARG I 6 34.72 -12.92 -18.91
CA ARG I 6 36.01 -13.59 -19.04
C ARG I 6 36.89 -12.92 -20.10
N ASP I 7 36.32 -12.61 -21.26
CA ASP I 7 37.10 -12.00 -22.35
C ASP I 7 37.43 -10.53 -22.08
N ILE I 8 36.60 -9.84 -21.32
CA ILE I 8 36.92 -8.48 -20.89
C ILE I 8 38.17 -8.52 -20.03
N GLU I 9 38.18 -9.43 -19.06
CA GLU I 9 39.39 -9.65 -18.23
C GLU I 9 40.63 -10.01 -19.08
N ALA I 10 40.45 -10.83 -20.09
CA ALA I 10 41.58 -11.19 -20.99
C ALA I 10 42.05 -9.97 -21.73
N TRP I 11 41.15 -9.16 -22.28
CA TRP I 11 41.58 -7.95 -23.01
C TRP I 11 42.25 -6.95 -22.07
N LEU I 12 41.79 -6.88 -20.83
CA LEU I 12 42.45 -6.02 -19.83
C LEU I 12 43.82 -6.53 -19.42
N ASP I 13 43.95 -7.84 -19.25
CA ASP I 13 45.27 -8.47 -18.94
C ASP I 13 46.27 -8.22 -20.07
N GLU I 14 45.84 -8.46 -21.31
CA GLU I 14 46.69 -8.30 -22.49
C GLU I 14 47.04 -6.84 -22.78
N GLY I 15 46.38 -5.89 -22.10
CA GLY I 15 46.61 -4.45 -22.34
C GLY I 15 45.97 -3.91 -23.62
N ARG I 16 45.14 -4.72 -24.27
CA ARG I 16 44.39 -4.28 -25.47
C ARG I 16 43.45 -3.10 -25.11
N LEU I 17 42.67 -3.35 -24.07
CA LEU I 17 41.73 -2.43 -23.49
C LEU I 17 42.36 -1.98 -22.17
N SER I 18 42.16 -0.72 -21.79
CA SER I 18 42.42 -0.33 -20.42
C SER I 18 41.31 0.55 -19.77
N ILE I 19 41.10 0.24 -18.48
CA ILE I 19 40.19 0.98 -17.61
C ILE I 19 40.98 1.25 -16.37
N ASN I 20 41.11 2.54 -16.04
CA ASN I 20 41.96 2.99 -14.95
C ASN I 20 41.20 3.89 -13.97
N PRO I 21 41.09 3.50 -12.70
CA PRO I 21 41.53 2.25 -12.05
C PRO I 21 40.77 1.04 -12.52
N ARG I 22 41.45 -0.09 -12.55
CA ARG I 22 40.85 -1.32 -13.03
C ARG I 22 39.85 -1.77 -12.01
N PRO I 23 38.60 -2.02 -12.45
CA PRO I 23 37.61 -2.52 -11.49
C PRO I 23 37.91 -3.92 -11.07
N PRO I 24 37.60 -4.27 -9.82
CA PRO I 24 37.75 -5.62 -9.36
C PRO I 24 36.77 -6.58 -10.02
N VAL I 25 37.01 -7.87 -9.85
CA VAL I 25 36.23 -8.97 -10.41
C VAL I 25 34.72 -8.88 -10.12
N GLU I 26 34.40 -8.34 -8.95
CA GLU I 26 33.01 -8.18 -8.53
C GLU I 26 32.24 -7.20 -9.42
N ARG I 27 32.96 -6.33 -10.12
CA ARG I 27 32.35 -5.33 -11.00
C ARG I 27 32.40 -5.74 -12.47
N ILE I 28 32.92 -6.91 -12.77
CA ILE I 28 32.96 -7.40 -14.15
C ILE I 28 32.15 -8.65 -14.17
N ASN I 29 30.99 -8.63 -14.81
CA ASN I 29 30.15 -9.82 -14.88
C ASN I 29 29.21 -9.77 -16.05
N GLY I 30 28.87 -10.94 -16.55
CA GLY I 30 28.02 -11.09 -17.70
C GLY I 30 28.77 -10.60 -18.91
N ALA I 31 28.35 -9.45 -19.40
CA ALA I 31 28.92 -8.82 -20.57
C ALA I 31 29.25 -7.37 -20.28
N THR I 32 29.48 -7.02 -19.04
CA THR I 32 29.63 -5.60 -18.65
C THR I 32 30.59 -5.33 -17.50
N VAL I 33 31.16 -4.13 -17.52
CA VAL I 33 31.94 -3.59 -16.44
C VAL I 33 31.20 -2.42 -15.83
N ASP I 34 30.97 -2.47 -14.51
CA ASP I 34 30.29 -1.40 -13.82
C ASP I 34 31.22 -0.22 -13.66
N VAL I 35 30.71 0.99 -13.85
CA VAL I 35 31.50 2.19 -13.66
C VAL I 35 30.89 3.07 -12.56
N ARG I 36 31.76 3.90 -12.00
CA ARG I 36 31.45 4.75 -10.86
C ARG I 36 31.48 6.23 -11.24
N LEU I 37 30.79 7.00 -10.42
CA LEU I 37 30.66 8.43 -10.59
C LEU I 37 31.88 9.15 -10.07
N GLY I 38 32.38 10.11 -10.83
CA GLY I 38 33.49 10.93 -10.41
C GLY I 38 33.04 12.07 -9.55
N ASN I 39 33.86 13.09 -9.40
CA ASN I 39 33.48 14.19 -8.55
C ASN I 39 33.60 15.55 -9.21
N LYS I 40 33.39 15.61 -10.51
CA LYS I 40 33.25 16.86 -11.22
C LYS I 40 31.92 16.99 -11.94
N PHE I 41 31.30 18.15 -11.79
CA PHE I 41 29.96 18.38 -12.32
C PHE I 41 29.90 19.78 -12.97
N ARG I 42 28.89 19.96 -13.80
CA ARG I 42 28.60 21.24 -14.42
C ARG I 42 27.09 21.37 -14.62
N THR I 43 26.61 22.58 -14.38
CA THR I 43 25.20 22.93 -14.60
C THR I 43 25.09 24.08 -15.60
N PHE I 44 23.86 24.50 -15.87
CA PHE I 44 23.53 25.45 -16.88
C PHE I 44 22.91 26.68 -16.27
N ARG I 45 23.27 27.83 -16.80
CA ARG I 45 22.79 29.15 -16.33
C ARG I 45 22.00 29.76 -17.46
N GLY I 46 20.70 29.47 -17.52
CA GLY I 46 19.82 29.92 -18.59
C GLY I 46 19.60 31.41 -18.71
N HIS I 47 19.71 32.16 -17.60
CA HIS I 47 19.37 33.57 -17.59
C HIS I 47 20.31 34.47 -18.42
N THR I 48 21.43 33.89 -18.81
CA THR I 48 22.46 34.60 -19.57
C THR I 48 22.37 34.50 -21.07
N ALA I 49 21.41 33.71 -21.57
CA ALA I 49 21.19 33.64 -22.99
C ALA I 49 19.79 33.15 -23.35
N ALA I 50 19.32 33.56 -24.50
CA ALA I 50 18.01 33.22 -24.98
C ALA I 50 18.00 31.83 -25.60
N PHE I 51 19.07 31.48 -26.29
CA PHE I 51 19.12 30.20 -27.01
C PHE I 51 20.54 29.83 -27.45
N ILE I 52 20.68 28.61 -27.92
CA ILE I 52 21.92 28.20 -28.53
C ILE I 52 21.71 27.86 -30.02
N ASP I 53 22.38 28.63 -30.86
CA ASP I 53 22.34 28.41 -32.30
C ASP I 53 23.39 27.37 -32.69
N LEU I 54 22.97 26.12 -32.78
CA LEU I 54 23.89 25.00 -32.85
C LEU I 54 24.89 25.02 -34.05
N SER I 55 24.36 25.37 -35.22
CA SER I 55 25.19 25.52 -36.40
C SER I 55 25.23 26.98 -36.84
N GLY I 56 25.32 27.89 -35.88
CA GLY I 56 25.52 29.31 -36.17
C GLY I 56 27.01 29.63 -36.30
N PRO I 57 27.34 30.92 -36.39
CA PRO I 57 28.73 31.35 -36.47
C PRO I 57 29.56 30.97 -35.24
N LYS I 58 30.71 30.33 -35.46
CA LYS I 58 31.49 29.71 -34.40
C LYS I 58 31.72 30.58 -33.17
N ASP I 59 32.02 31.85 -33.40
CA ASP I 59 32.33 32.79 -32.33
C ASP I 59 31.11 33.15 -31.46
N GLU I 60 29.94 33.25 -32.10
CA GLU I 60 28.68 33.47 -31.39
C GLU I 60 28.36 32.24 -30.52
N VAL I 61 28.45 31.05 -31.12
CA VAL I 61 28.12 29.81 -30.43
C VAL I 61 29.06 29.66 -29.23
N SER I 62 30.34 29.90 -29.46
CA SER I 62 31.34 29.77 -28.43
C SER I 62 31.11 30.71 -27.23
N ALA I 63 30.69 31.94 -27.52
CA ALA I 63 30.38 32.93 -26.48
C ALA I 63 29.12 32.49 -25.68
N ALA I 64 28.09 32.05 -26.38
CA ALA I 64 26.86 31.59 -25.74
C ALA I 64 27.19 30.44 -24.77
N LEU I 65 27.94 29.45 -25.24
CA LEU I 65 28.30 28.28 -24.45
C LEU I 65 29.13 28.67 -23.21
N ASP I 66 30.02 29.63 -23.36
CA ASP I 66 30.77 30.12 -22.24
C ASP I 66 29.89 30.82 -21.20
N ARG I 67 28.89 31.58 -21.65
CA ARG I 67 27.86 32.19 -20.77
C ARG I 67 27.02 31.12 -19.99
N VAL I 68 26.51 30.11 -20.70
CA VAL I 68 25.51 29.21 -20.12
C VAL I 68 26.10 28.16 -19.19
N MET I 69 27.33 27.74 -19.40
CA MET I 69 27.91 26.67 -18.62
C MET I 69 28.46 27.22 -17.32
N SER I 70 28.12 26.57 -16.19
CA SER I 70 28.71 26.90 -14.91
C SER I 70 30.22 26.59 -14.91
N ASP I 71 30.91 27.11 -13.93
CA ASP I 71 32.24 26.60 -13.65
C ASP I 71 32.15 25.16 -13.09
N GLU I 72 33.24 24.43 -13.15
CA GLU I 72 33.23 23.03 -12.68
C GLU I 72 33.01 22.96 -11.19
N ILE I 73 32.07 22.11 -10.79
CA ILE I 73 31.71 21.88 -9.42
C ILE I 73 32.51 20.64 -9.00
N VAL I 74 33.24 20.77 -7.92
CA VAL I 74 33.99 19.68 -7.35
C VAL I 74 33.47 19.43 -5.95
N LEU I 75 32.99 18.23 -5.72
CA LEU I 75 32.41 17.88 -4.42
C LEU I 75 33.49 17.34 -3.50
N ASP I 76 33.50 17.83 -2.27
CA ASP I 76 34.31 17.24 -1.22
C ASP I 76 33.85 15.82 -0.97
N GLU I 77 34.55 15.13 -0.06
CA GLU I 77 34.03 13.86 0.45
C GLU I 77 32.90 14.22 1.44
N GLY I 78 31.89 13.33 1.45
CA GLY I 78 30.67 13.58 2.22
C GLY I 78 29.57 14.37 1.48
N GLU I 79 29.93 15.08 0.40
CA GLU I 79 28.99 15.96 -0.31
C GLU I 79 28.21 15.21 -1.39
N ALA I 80 26.94 15.61 -1.54
CA ALA I 80 26.09 15.11 -2.59
C ALA I 80 25.86 16.21 -3.62
N PHE I 81 25.68 15.79 -4.88
CA PHE I 81 25.10 16.65 -5.93
C PHE I 81 23.63 16.30 -5.97
N TYR I 82 22.74 17.27 -5.78
CA TYR I 82 21.29 17.01 -5.86
C TYR I 82 20.78 17.26 -7.28
N LEU I 83 20.33 16.19 -7.92
CA LEU I 83 19.73 16.22 -9.25
C LEU I 83 18.21 16.24 -9.16
N HIS I 84 17.69 17.43 -9.42
CA HIS I 84 16.25 17.67 -9.31
C HIS I 84 15.51 17.23 -10.56
N PRO I 85 14.26 16.80 -10.43
CA PRO I 85 13.48 16.43 -11.60
C PRO I 85 13.49 17.53 -12.64
N GLY I 86 13.67 17.16 -13.91
CA GLY I 86 13.69 18.09 -15.02
C GLY I 86 15.00 18.80 -15.24
N GLU I 87 16.01 18.50 -14.44
CA GLU I 87 17.29 19.17 -14.56
C GLU I 87 18.26 18.22 -15.26
N LEU I 88 19.00 18.81 -16.20
CA LEU I 88 20.12 18.19 -16.87
C LEU I 88 21.38 18.71 -16.24
N ALA I 89 22.32 17.82 -15.98
CA ALA I 89 23.63 18.19 -15.44
C ALA I 89 24.72 17.32 -16.08
N LEU I 90 25.93 17.84 -16.12
CA LEU I 90 27.06 17.07 -16.65
C LEU I 90 27.84 16.53 -15.49
N ALA I 91 28.26 15.27 -15.62
CA ALA I 91 29.14 14.66 -14.63
C ALA I 91 30.23 13.89 -15.37
N VAL I 92 31.07 13.16 -14.67
CA VAL I 92 32.15 12.40 -15.32
C VAL I 92 32.28 11.04 -14.61
N THR I 93 32.76 10.01 -15.32
CA THR I 93 33.05 8.72 -14.67
C THR I 93 34.36 8.87 -13.89
N LEU I 94 34.46 8.12 -12.81
CA LEU I 94 35.69 8.02 -12.06
C LEU I 94 36.79 7.40 -12.93
N GLU I 95 36.43 6.37 -13.66
CA GLU I 95 37.38 5.64 -14.52
C GLU I 95 37.68 6.35 -15.83
N SER I 96 38.94 6.25 -16.26
CA SER I 96 39.38 6.60 -17.59
C SER I 96 39.50 5.35 -18.42
N VAL I 97 39.01 5.39 -19.66
CA VAL I 97 38.88 4.20 -20.51
C VAL I 97 39.70 4.48 -21.72
N THR I 98 40.46 3.48 -22.17
CA THR I 98 41.18 3.51 -23.45
C THR I 98 40.84 2.30 -24.30
N LEU I 99 40.35 2.57 -25.52
CA LEU I 99 39.96 1.51 -26.44
C LEU I 99 40.93 1.43 -27.60
N PRO I 100 41.23 0.22 -28.04
CA PRO I 100 42.05 0.05 -29.25
C PRO I 100 41.18 0.33 -30.53
N ALA I 101 41.84 0.29 -31.67
CA ALA I 101 41.19 0.60 -32.95
C ALA I 101 40.15 -0.44 -33.36
N ASP I 102 40.17 -1.63 -32.76
CA ASP I 102 39.28 -2.69 -33.19
C ASP I 102 38.17 -3.01 -32.16
N LEU I 103 37.86 -2.05 -31.30
CA LEU I 103 36.79 -2.24 -30.31
C LEU I 103 35.96 -0.95 -30.16
N VAL I 104 34.65 -1.11 -30.00
CA VAL I 104 33.74 0.00 -29.70
C VAL I 104 33.09 -0.32 -28.35
N GLY I 105 32.87 0.73 -27.57
CA GLY I 105 32.26 0.55 -26.27
C GLY I 105 30.89 1.22 -26.25
N TRP I 106 30.06 0.82 -25.29
CA TRP I 106 28.69 1.28 -25.16
C TRP I 106 28.35 1.47 -23.67
N LEU I 107 27.93 2.69 -23.33
CA LEU I 107 27.51 3.05 -21.98
C LEU I 107 26.03 2.76 -21.78
N ASP I 108 25.69 2.08 -20.69
CA ASP I 108 24.30 1.90 -20.29
C ASP I 108 24.16 2.44 -18.88
N GLY I 109 22.93 2.65 -18.43
CA GLY I 109 22.68 2.99 -17.03
C GLY I 109 22.44 1.71 -16.23
N ARG I 110 21.83 1.85 -15.07
CA ARG I 110 21.47 0.71 -14.22
C ARG I 110 19.97 0.68 -14.00
N SER I 111 19.38 -0.50 -14.12
CA SER I 111 17.96 -0.65 -13.90
C SER I 111 17.48 -0.10 -12.55
N SER I 112 18.32 -0.19 -11.50
CA SER I 112 17.98 0.35 -10.20
C SER I 112 17.78 1.85 -10.21
N LEU I 113 18.58 2.53 -11.03
CA LEU I 113 18.52 4.00 -11.12
C LEU I 113 17.44 4.42 -12.10
N ALA I 114 17.32 3.68 -13.18
CA ALA I 114 16.27 3.91 -14.17
C ALA I 114 14.86 3.86 -13.60
N ARG I 115 14.65 2.96 -12.63
CA ARG I 115 13.37 2.86 -11.94
C ARG I 115 13.07 4.00 -11.02
N LEU I 116 14.05 4.89 -10.78
CA LEU I 116 13.84 6.17 -10.09
C LEU I 116 13.90 7.36 -11.05
N GLY I 117 14.09 7.09 -12.34
CA GLY I 117 14.11 8.13 -13.34
C GLY I 117 15.45 8.67 -13.79
N LEU I 118 16.54 8.10 -13.33
CA LEU I 118 17.85 8.63 -13.66
C LEU I 118 18.31 8.09 -15.02
N MET I 119 18.46 9.00 -15.98
CA MET I 119 19.09 8.71 -17.25
C MET I 119 20.54 9.12 -17.14
N VAL I 120 21.45 8.25 -17.59
CA VAL I 120 22.88 8.54 -17.49
C VAL I 120 23.49 9.04 -18.80
N HIS I 121 22.69 9.00 -19.86
CA HIS I 121 23.02 9.66 -21.13
C HIS I 121 21.71 10.07 -21.82
N VAL I 122 21.89 10.84 -22.87
CA VAL I 122 20.84 11.53 -23.60
C VAL I 122 21.01 11.18 -25.07
N THR I 123 20.90 9.90 -25.38
CA THR I 123 21.05 9.31 -26.74
C THR I 123 22.42 9.34 -27.41
N ALA I 124 23.48 9.63 -26.67
CA ALA I 124 24.84 9.48 -27.20
C ALA I 124 25.55 8.57 -26.22
N HIS I 125 25.72 7.32 -26.55
CA HIS I 125 26.34 6.40 -25.60
C HIS I 125 27.46 5.55 -26.18
N ARG I 126 28.06 5.98 -27.31
CA ARG I 126 29.13 5.22 -27.96
C ARG I 126 30.48 5.74 -27.54
N ILE I 127 31.37 4.80 -27.24
CA ILE I 127 32.75 5.12 -26.93
C ILE I 127 33.50 4.56 -28.12
N ASP I 128 34.10 5.46 -28.87
CA ASP I 128 34.70 5.11 -30.12
C ASP I 128 35.98 4.32 -29.99
N PRO I 129 36.32 3.55 -31.02
CA PRO I 129 37.67 2.98 -31.12
C PRO I 129 38.64 4.10 -31.16
N GLY I 130 39.77 3.92 -30.47
CA GLY I 130 40.78 4.96 -30.28
C GLY I 130 40.45 5.99 -29.23
N TRP I 131 39.33 5.84 -28.54
CA TRP I 131 39.00 6.71 -27.40
C TRP I 131 39.97 6.49 -26.24
N SER I 132 40.37 7.59 -25.59
CA SER I 132 41.09 7.57 -24.35
C SER I 132 40.51 8.69 -23.45
N GLY I 133 40.08 8.33 -22.26
CA GLY I 133 39.71 9.36 -21.32
C GLY I 133 38.52 9.02 -20.44
N CYS I 134 38.28 9.88 -19.49
CA CYS I 134 37.07 9.76 -18.71
C CYS I 134 35.83 10.11 -19.56
N ILE I 135 34.72 9.49 -19.22
CA ILE I 135 33.51 9.61 -19.99
C ILE I 135 32.60 10.66 -19.36
N VAL I 136 32.14 11.60 -20.17
CA VAL I 136 31.25 12.62 -19.66
C VAL I 136 29.85 12.01 -19.66
N LEU I 137 29.14 12.20 -18.57
CA LEU I 137 27.75 11.74 -18.45
C LEU I 137 26.82 12.95 -18.45
N ASP I 138 25.72 12.84 -19.19
CA ASP I 138 24.67 13.86 -19.19
C ASP I 138 23.50 13.25 -18.45
N PHE I 139 23.36 13.65 -17.19
CA PHE I 139 22.32 13.14 -16.32
C PHE I 139 21.07 13.93 -16.47
N TYR I 140 19.95 13.22 -16.52
CA TYR I 140 18.66 13.84 -16.50
C TYR I 140 17.76 13.05 -15.54
N ASN I 141 17.06 13.77 -14.68
CA ASN I 141 16.12 13.19 -13.77
C ASN I 141 14.69 13.32 -14.28
N SER I 142 14.16 12.21 -14.75
CA SER I 142 12.83 12.16 -15.30
C SER I 142 11.80 11.73 -14.26
N GLY I 143 12.25 11.49 -13.03
CA GLY I 143 11.41 10.99 -11.99
C GLY I 143 10.75 12.12 -11.25
N LYS I 144 10.18 11.76 -10.09
CA LYS I 144 9.41 12.69 -9.29
C LYS I 144 10.21 13.23 -8.15
N LEU I 145 11.30 12.57 -7.76
CA LEU I 145 12.08 13.01 -6.59
C LEU I 145 13.46 13.42 -6.92
N PRO I 146 13.99 14.39 -6.17
CA PRO I 146 15.41 14.68 -6.25
C PRO I 146 16.23 13.49 -5.83
N LEU I 147 17.35 13.30 -6.50
CA LEU I 147 18.28 12.22 -6.26
C LEU I 147 19.59 12.80 -5.83
N ALA I 148 20.06 12.34 -4.69
CA ALA I 148 21.35 12.72 -4.17
C ALA I 148 22.37 11.79 -4.78
N LEU I 149 23.30 12.36 -5.55
CA LEU I 149 24.36 11.60 -6.20
C LEU I 149 25.65 11.90 -5.46
N ARG I 150 26.41 10.85 -5.12
CA ARG I 150 27.67 10.97 -4.43
C ARG I 150 28.83 10.39 -5.24
N PRO I 151 29.97 11.08 -5.29
CA PRO I 151 31.13 10.49 -5.91
C PRO I 151 31.43 9.08 -5.42
N GLY I 152 31.82 8.22 -6.34
CA GLY I 152 32.15 6.88 -6.03
C GLY I 152 31.01 5.89 -6.17
N MET I 153 29.78 6.34 -6.30
CA MET I 153 28.66 5.41 -6.45
C MET I 153 28.68 4.74 -7.82
N LEU I 154 28.13 3.53 -7.89
CA LEU I 154 27.97 2.82 -9.14
C LEU I 154 26.86 3.50 -9.95
N ILE I 155 27.19 3.85 -11.18
CA ILE I 155 26.34 4.73 -11.96
C ILE I 155 25.89 4.13 -13.30
N GLY I 156 26.62 3.14 -13.80
CA GLY I 156 26.32 2.59 -15.06
C GLY I 156 27.19 1.42 -15.41
N ALA I 157 27.18 1.08 -16.69
CA ALA I 157 27.87 -0.10 -17.16
C ALA I 157 28.41 0.12 -18.56
N LEU I 158 29.56 -0.47 -18.85
CA LEU I 158 30.13 -0.47 -20.15
C LEU I 158 30.13 -1.87 -20.68
N SER I 159 29.73 -2.03 -21.94
CA SER I 159 29.96 -3.26 -22.68
C SER I 159 30.87 -2.99 -23.92
N PHE I 160 31.41 -4.04 -24.51
CA PHE I 160 32.43 -3.91 -25.56
C PHE I 160 32.16 -4.86 -26.69
N GLU I 161 32.27 -4.32 -27.89
CA GLU I 161 31.98 -5.03 -29.11
C GLU I 161 33.21 -4.92 -30.05
N PRO I 162 33.78 -6.08 -30.47
CA PRO I 162 34.81 -6.10 -31.54
C PRO I 162 34.28 -5.55 -32.83
N LEU I 163 35.08 -4.82 -33.56
CA LEU I 163 34.72 -4.36 -34.86
C LEU I 163 35.06 -5.42 -35.90
N SER I 164 34.50 -5.26 -37.11
CA SER I 164 34.80 -6.17 -38.23
C SER I 164 36.28 -6.17 -38.61
N GLY I 165 36.97 -5.06 -38.35
CA GLY I 165 38.42 -4.99 -38.46
C GLY I 165 38.87 -3.75 -37.70
N PRO I 166 40.17 -3.45 -37.71
CA PRO I 166 40.62 -2.23 -37.06
C PRO I 166 40.17 -1.01 -37.82
N ALA I 167 39.70 0.01 -37.09
CA ALA I 167 39.27 1.23 -37.72
C ALA I 167 40.46 1.92 -38.38
N VAL I 168 40.25 2.47 -39.56
CA VAL I 168 41.26 3.21 -40.29
C VAL I 168 41.36 4.65 -39.72
N ARG I 169 40.23 5.18 -39.27
CA ARG I 169 40.18 6.53 -38.70
C ARG I 169 39.62 6.45 -37.30
N PRO I 170 40.41 5.89 -36.36
CA PRO I 170 40.00 5.83 -34.95
C PRO I 170 40.10 7.21 -34.31
N TYR I 171 39.50 7.35 -33.15
CA TYR I 171 39.28 8.66 -32.54
C TYR I 171 40.59 9.46 -32.29
N ASN I 172 41.60 8.76 -31.79
CA ASN I 172 42.92 9.36 -31.50
C ASN I 172 43.62 9.93 -32.72
N ARG I 173 43.30 9.43 -33.90
CA ARG I 173 43.91 9.87 -35.15
C ARG I 173 43.09 10.90 -35.94
N ARG I 174 41.85 11.15 -35.55
CA ARG I 174 41.03 12.11 -36.24
C ARG I 174 41.39 13.53 -35.80
N GLU I 175 41.82 14.33 -36.79
CA GLU I 175 42.22 15.72 -36.60
C GLU I 175 41.07 16.56 -36.04
N ASP I 176 39.85 16.34 -36.54
CA ASP I 176 38.69 17.12 -36.08
C ASP I 176 37.92 16.49 -34.88
N ALA I 177 38.45 15.46 -34.23
CA ALA I 177 37.82 14.90 -33.01
C ALA I 177 37.86 15.99 -31.91
N LYS I 178 36.73 16.17 -31.25
CA LYS I 178 36.58 17.24 -30.26
C LYS I 178 37.05 16.89 -28.86
N TYR I 179 36.97 15.62 -28.46
CA TYR I 179 37.06 15.29 -27.04
C TYR I 179 38.22 14.38 -26.67
N ARG I 180 39.28 14.39 -27.47
CA ARG I 180 40.48 13.58 -27.12
C ARG I 180 41.08 13.93 -25.76
N ASN I 181 41.25 12.90 -24.91
CA ASN I 181 41.91 13.01 -23.57
C ASN I 181 41.14 13.89 -22.61
N GLN I 182 39.84 13.69 -22.60
CA GLN I 182 38.94 14.53 -21.80
C GLN I 182 39.09 14.09 -20.34
N GLN I 183 39.14 15.06 -19.42
CA GLN I 183 39.36 14.70 -18.01
C GLN I 183 38.28 15.09 -16.98
N GLY I 184 37.68 16.26 -17.15
CA GLY I 184 36.61 16.66 -16.22
C GLY I 184 35.25 16.63 -16.90
N ALA I 185 34.31 17.37 -16.30
CA ALA I 185 32.99 17.51 -16.85
C ALA I 185 33.08 18.53 -17.98
N VAL I 186 33.52 18.07 -19.15
CA VAL I 186 33.75 18.93 -20.29
C VAL I 186 32.40 19.22 -20.97
N ALA I 187 32.15 20.50 -21.16
CA ALA I 187 30.95 21.02 -21.85
C ALA I 187 30.96 20.71 -23.36
N SER I 188 29.81 20.82 -23.97
CA SER I 188 29.69 20.67 -25.39
C SER I 188 30.70 21.55 -26.12
N ARG I 189 31.40 20.96 -27.10
CA ARG I 189 32.29 21.70 -28.00
C ARG I 189 31.68 21.75 -29.43
N ILE I 190 30.36 21.90 -29.48
CA ILE I 190 29.62 21.99 -30.75
C ILE I 190 30.07 23.20 -31.60
N ASP I 191 30.67 24.21 -30.96
CA ASP I 191 31.33 25.32 -31.66
C ASP I 191 32.51 24.93 -32.56
N LYS I 192 33.11 23.77 -32.32
CA LYS I 192 34.24 23.33 -33.12
C LYS I 192 33.78 22.68 -34.41
N ASP I 193 32.49 22.39 -34.56
CA ASP I 193 32.01 21.80 -35.83
C ASP I 193 32.35 22.68 -37.05
N MET J 1 13.47 -51.96 3.40
CA MET J 1 14.95 -52.03 3.54
C MET J 1 15.53 -50.60 3.34
N ARG J 2 16.14 -50.05 4.38
CA ARG J 2 16.72 -48.72 4.31
C ARG J 2 18.21 -48.90 4.30
N LEU J 3 18.89 -47.97 3.65
CA LEU J 3 20.36 -47.96 3.64
C LEU J 3 20.87 -47.57 5.04
N CYS J 4 21.76 -48.39 5.58
CA CYS J 4 22.37 -48.05 6.84
C CYS J 4 23.36 -46.92 6.60
N ASP J 5 23.77 -46.26 7.66
CA ASP J 5 24.69 -45.19 7.60
C ASP J 5 25.92 -45.51 6.70
N ARG J 6 26.60 -46.66 6.91
CA ARG J 6 27.77 -46.95 6.09
C ARG J 6 27.47 -46.98 4.57
N ASP J 7 26.39 -47.61 4.15
CA ASP J 7 25.99 -47.63 2.74
C ASP J 7 25.52 -46.25 2.25
N ILE J 8 24.94 -45.42 3.11
CA ILE J 8 24.61 -44.08 2.67
C ILE J 8 25.92 -43.40 2.30
N GLU J 9 26.91 -43.56 3.14
CA GLU J 9 28.18 -42.86 2.91
C GLU J 9 28.92 -43.39 1.66
N ALA J 10 28.79 -44.70 1.44
CA ALA J 10 29.33 -45.36 0.26
C ALA J 10 28.65 -44.88 -0.99
N TRP J 11 27.32 -44.66 -0.95
CA TRP J 11 26.61 -44.11 -2.12
C TRP J 11 27.01 -42.67 -2.37
N LEU J 12 27.25 -41.89 -1.32
CA LEU J 12 27.75 -40.54 -1.47
C LEU J 12 29.16 -40.50 -2.10
N ASP J 13 30.04 -41.39 -1.66
CA ASP J 13 31.39 -41.51 -2.25
C ASP J 13 31.28 -41.82 -3.70
N GLU J 14 30.66 -42.96 -3.99
CA GLU J 14 30.40 -43.44 -5.35
C GLU J 14 29.71 -42.42 -6.29
N GLY J 15 29.05 -41.38 -5.81
CA GLY J 15 28.20 -40.53 -6.66
C GLY J 15 26.88 -41.17 -7.12
N ARG J 16 26.43 -42.25 -6.49
CA ARG J 16 25.09 -42.79 -6.78
C ARG J 16 24.05 -41.77 -6.28
N LEU J 17 24.37 -41.16 -5.16
CA LEU J 17 23.47 -40.25 -4.49
C LEU J 17 24.28 -38.97 -4.29
N SER J 18 23.68 -37.78 -4.37
CA SER J 18 24.40 -36.60 -3.92
C SER J 18 23.58 -35.69 -3.03
N ILE J 19 24.23 -35.26 -1.96
CA ILE J 19 23.69 -34.31 -1.03
C ILE J 19 24.70 -33.21 -0.86
N ASN J 20 24.36 -32.00 -1.31
CA ASN J 20 25.27 -30.85 -1.24
C ASN J 20 24.60 -29.60 -0.58
N PRO J 21 25.22 -29.02 0.44
CA PRO J 21 26.47 -29.44 1.06
C PRO J 21 26.37 -30.77 1.72
N ARG J 22 27.52 -31.42 1.87
CA ARG J 22 27.54 -32.77 2.46
C ARG J 22 27.54 -32.71 3.96
N PRO J 23 26.54 -33.34 4.61
CA PRO J 23 26.61 -33.31 6.10
C PRO J 23 27.82 -34.05 6.68
N PRO J 24 28.31 -33.60 7.84
CA PRO J 24 29.43 -34.27 8.48
C PRO J 24 29.08 -35.70 8.96
N VAL J 25 30.12 -36.43 9.34
CA VAL J 25 29.96 -37.84 9.80
C VAL J 25 29.00 -37.95 11.02
N GLU J 26 29.09 -37.00 11.95
CA GLU J 26 28.21 -36.86 13.12
C GLU J 26 26.69 -36.77 12.78
N ARG J 27 26.35 -36.38 11.56
CA ARG J 27 24.98 -36.20 11.14
C ARG J 27 24.52 -37.32 10.21
N ILE J 28 25.33 -38.37 10.04
CA ILE J 28 24.92 -39.51 9.28
C ILE J 28 25.10 -40.75 10.18
N ASN J 29 23.98 -41.37 10.53
CA ASN J 29 24.02 -42.34 11.58
C ASN J 29 22.71 -43.08 11.55
N GLY J 30 22.80 -44.36 11.92
CA GLY J 30 21.69 -45.29 11.88
C GLY J 30 21.28 -45.57 10.47
N ALA J 31 20.12 -45.04 10.06
CA ALA J 31 19.59 -45.14 8.71
C ALA J 31 19.22 -43.78 8.15
N THR J 32 19.85 -42.75 8.68
CA THR J 32 19.42 -41.39 8.36
C THR J 32 20.54 -40.38 8.16
N VAL J 33 20.22 -39.34 7.38
CA VAL J 33 21.04 -38.15 7.27
C VAL J 33 20.31 -36.94 7.84
N ASP J 34 20.95 -36.19 8.72
CA ASP J 34 20.31 -34.97 9.26
C ASP J 34 20.46 -33.89 8.21
N VAL J 35 19.37 -33.17 7.97
CA VAL J 35 19.29 -32.05 7.07
C VAL J 35 18.92 -30.76 7.77
N ARG J 36 19.44 -29.66 7.25
CA ARG J 36 19.26 -28.36 7.92
C ARG J 36 18.31 -27.40 7.20
N LEU J 37 17.95 -26.33 7.87
CA LEU J 37 16.98 -25.39 7.34
C LEU J 37 17.71 -24.34 6.47
N GLY J 38 17.08 -23.98 5.35
CA GLY J 38 17.57 -22.95 4.45
C GLY J 38 17.00 -21.60 4.80
N ASN J 39 17.13 -20.68 3.85
CA ASN J 39 16.76 -19.27 4.04
C ASN J 39 15.78 -18.69 3.01
N LYS J 40 14.73 -19.43 2.69
CA LYS J 40 13.63 -18.94 1.86
C LYS J 40 12.34 -19.41 2.50
N PHE J 41 11.51 -18.48 2.97
CA PHE J 41 10.17 -18.82 3.47
C PHE J 41 9.04 -18.09 2.75
N ARG J 42 7.83 -18.64 2.85
CA ARG J 42 6.60 -17.98 2.43
C ARG J 42 5.54 -18.21 3.44
N THR J 43 4.61 -17.29 3.54
CA THR J 43 3.43 -17.41 4.36
C THR J 43 2.20 -17.13 3.49
N PHE J 44 1.00 -17.38 4.04
CA PHE J 44 -0.25 -17.28 3.31
C PHE J 44 -1.01 -16.07 3.75
N ARG J 45 -1.61 -15.34 2.81
CA ARG J 45 -2.38 -14.13 3.12
C ARG J 45 -3.82 -14.36 2.66
N GLY J 46 -4.66 -14.77 3.58
CA GLY J 46 -6.00 -15.21 3.24
C GLY J 46 -7.01 -14.15 2.89
N HIS J 47 -6.77 -12.88 3.21
CA HIS J 47 -7.80 -11.85 3.00
C HIS J 47 -8.18 -11.59 1.54
N THR J 48 -7.32 -12.03 0.63
CA THR J 48 -7.43 -11.81 -0.81
C THR J 48 -8.36 -12.84 -1.48
N ALA J 49 -8.59 -13.98 -0.82
CA ALA J 49 -9.42 -15.01 -1.43
C ALA J 49 -10.32 -15.66 -0.40
N ALA J 50 -11.40 -16.21 -0.90
CA ALA J 50 -12.36 -16.91 -0.13
C ALA J 50 -11.99 -18.40 0.02
N PHE J 51 -11.36 -18.97 -1.00
CA PHE J 51 -11.03 -20.41 -1.00
C PHE J 51 -10.09 -20.74 -2.12
N ILE J 52 -9.51 -21.91 -2.07
CA ILE J 52 -8.76 -22.52 -3.19
C ILE J 52 -9.40 -23.84 -3.67
N ASP J 53 -9.61 -23.96 -4.98
CA ASP J 53 -10.11 -25.20 -5.57
C ASP J 53 -8.96 -26.10 -6.01
N LEU J 54 -8.80 -27.21 -5.30
CA LEU J 54 -7.72 -28.17 -5.57
C LEU J 54 -7.96 -29.13 -6.74
N LEU J 65 -4.94 -19.72 -6.71
CA LEU J 65 -3.74 -20.56 -6.55
C LEU J 65 -2.60 -19.81 -5.83
N ASP J 66 -2.56 -18.48 -5.98
CA ASP J 66 -1.37 -17.68 -5.59
C ASP J 66 -1.44 -16.16 -5.70
N ARG J 67 -2.61 -15.60 -5.46
CA ARG J 67 -2.67 -14.26 -4.87
C ARG J 67 -2.56 -14.40 -3.34
N VAL J 68 -2.47 -15.64 -2.84
CA VAL J 68 -2.58 -15.92 -1.40
C VAL J 68 -1.22 -16.08 -0.74
N MET J 69 -0.20 -16.36 -1.51
CA MET J 69 1.13 -16.49 -0.97
C MET J 69 1.91 -15.20 -0.85
N SER J 70 2.66 -15.07 0.22
CA SER J 70 3.60 -13.97 0.36
C SER J 70 4.68 -14.04 -0.72
N ASP J 71 5.32 -12.90 -0.95
CA ASP J 71 6.66 -12.81 -1.58
C ASP J 71 7.63 -13.67 -0.75
N GLU J 72 8.57 -14.35 -1.40
CA GLU J 72 9.67 -15.04 -0.68
C GLU J 72 10.32 -14.14 0.42
N ILE J 73 10.60 -14.74 1.58
CA ILE J 73 11.15 -14.07 2.71
C ILE J 73 12.52 -14.67 2.87
N VAL J 74 13.53 -13.82 2.83
CA VAL J 74 14.91 -14.24 3.03
C VAL J 74 15.35 -13.49 4.22
N LEU J 75 15.86 -14.18 5.22
CA LEU J 75 16.23 -13.55 6.46
C LEU J 75 17.69 -12.98 6.48
N ASP J 76 17.86 -11.81 7.11
CA ASP J 76 19.19 -11.21 7.34
C ASP J 76 19.92 -12.11 8.32
N GLU J 77 21.26 -11.99 8.41
CA GLU J 77 22.06 -12.84 9.32
C GLU J 77 21.67 -12.50 10.75
N GLY J 78 21.55 -13.54 11.58
CA GLY J 78 21.02 -13.37 12.93
C GLY J 78 19.52 -13.11 13.04
N GLU J 79 18.76 -13.12 11.95
CA GLU J 79 17.28 -13.05 12.02
C GLU J 79 16.66 -14.44 12.18
N ALA J 80 15.55 -14.49 12.91
CA ALA J 80 14.69 -15.69 12.99
C ALA J 80 13.34 -15.48 12.29
N PHE J 81 12.80 -16.55 11.70
CA PHE J 81 11.43 -16.65 11.33
C PHE J 81 10.67 -17.19 12.53
N TYR J 82 9.60 -16.50 12.93
CA TYR J 82 8.75 -16.92 14.08
C TYR J 82 7.52 -17.71 13.59
N LEU J 83 7.49 -18.99 13.85
CA LEU J 83 6.38 -19.85 13.45
C LEU J 83 5.40 -19.94 14.64
N HIS J 84 4.26 -19.29 14.47
CA HIS J 84 3.26 -19.22 15.51
C HIS J 84 2.41 -20.45 15.49
N PRO J 85 1.87 -20.84 16.65
CA PRO J 85 0.92 -21.93 16.68
C PRO J 85 -0.20 -21.78 15.70
N GLY J 86 -0.47 -22.79 14.87
CA GLY J 86 -1.68 -22.81 14.07
C GLY J 86 -1.38 -22.27 12.69
N GLU J 87 -0.11 -21.98 12.43
CA GLU J 87 0.33 -21.36 11.19
C GLU J 87 1.17 -22.37 10.39
N LEU J 88 0.87 -22.38 9.10
CA LEU J 88 1.54 -23.13 8.08
C LEU J 88 2.47 -22.14 7.34
N ALA J 89 3.71 -22.54 7.11
CA ALA J 89 4.67 -21.74 6.41
C ALA J 89 5.39 -22.68 5.49
N LEU J 90 5.82 -22.19 4.31
CA LEU J 90 6.70 -22.90 3.44
C LEU J 90 8.18 -22.48 3.63
N ALA J 91 9.07 -23.47 3.49
CA ALA J 91 10.47 -23.29 3.71
C ALA J 91 11.24 -24.26 2.82
N VAL J 92 12.56 -24.22 2.92
CA VAL J 92 13.38 -25.07 2.04
C VAL J 92 14.53 -25.70 2.90
N THR J 93 15.08 -26.82 2.42
CA THR J 93 16.29 -27.39 2.99
C THR J 93 17.41 -26.63 2.41
N LEU J 94 18.42 -26.41 3.25
CA LEU J 94 19.72 -25.88 2.86
C LEU J 94 20.41 -26.81 1.85
N GLU J 95 20.41 -28.10 2.13
CA GLU J 95 20.99 -29.07 1.25
C GLU J 95 20.14 -29.34 0.02
N SER J 96 20.84 -29.52 -1.12
CA SER J 96 20.27 -30.08 -2.32
C SER J 96 20.55 -31.57 -2.38
N VAL J 97 19.53 -32.30 -2.82
CA VAL J 97 19.59 -33.73 -2.86
C VAL J 97 19.33 -34.25 -4.26
N THR J 98 20.19 -35.14 -4.73
CA THR J 98 20.01 -35.79 -6.00
C THR J 98 19.96 -37.32 -5.87
N LEU J 99 18.83 -37.88 -6.30
CA LEU J 99 18.59 -39.30 -6.13
C LEU J 99 18.70 -39.93 -7.50
N PRO J 100 19.25 -41.12 -7.57
CA PRO J 100 19.26 -41.95 -8.78
C PRO J 100 17.91 -42.62 -9.01
N ALA J 101 17.78 -43.32 -10.13
CA ALA J 101 16.52 -43.94 -10.56
C ALA J 101 16.07 -45.12 -9.74
N ASP J 102 16.95 -45.66 -8.93
CA ASP J 102 16.67 -46.85 -8.11
C ASP J 102 16.73 -46.58 -6.58
N LEU J 103 16.55 -45.31 -6.20
CA LEU J 103 16.44 -44.93 -4.79
C LEU J 103 15.25 -44.02 -4.57
N VAL J 104 14.50 -44.27 -3.49
CA VAL J 104 13.47 -43.35 -3.03
C VAL J 104 13.88 -42.84 -1.60
N GLY J 105 13.62 -41.55 -1.35
CA GLY J 105 13.90 -40.97 -0.06
C GLY J 105 12.62 -40.55 0.62
N TRP J 106 12.75 -40.34 1.93
CA TRP J 106 11.64 -40.17 2.85
C TRP J 106 12.06 -39.13 3.88
N LEU J 107 11.31 -38.05 3.94
CA LEU J 107 11.66 -36.95 4.84
C LEU J 107 10.93 -37.17 6.16
N ASP J 108 11.65 -37.12 7.26
CA ASP J 108 11.00 -37.19 8.54
C ASP J 108 11.57 -36.12 9.46
N GLY J 109 10.85 -35.83 10.55
CA GLY J 109 11.16 -34.72 11.44
C GLY J 109 12.13 -35.16 12.50
N ARG J 110 12.22 -34.39 13.60
CA ARG J 110 13.04 -34.79 14.76
C ARG J 110 12.18 -34.80 15.96
N SER J 111 12.34 -35.86 16.74
CA SER J 111 11.62 -36.01 17.97
C SER J 111 11.76 -34.80 18.93
N SER J 112 12.93 -34.18 19.02
CA SER J 112 13.15 -32.94 19.79
C SER J 112 12.27 -31.75 19.42
N LEU J 113 11.91 -31.69 18.15
CA LEU J 113 11.06 -30.66 17.60
C LEU J 113 9.60 -31.09 17.61
N ALA J 114 9.32 -32.39 17.46
CA ALA J 114 7.95 -32.93 17.59
C ALA J 114 7.41 -32.73 19.00
N ARG J 115 8.30 -32.76 19.96
CA ARG J 115 7.92 -32.62 21.34
C ARG J 115 7.64 -31.16 21.72
N LEU J 116 7.81 -30.26 20.75
CA LEU J 116 7.40 -28.88 20.86
C LEU J 116 6.29 -28.59 19.89
N GLY J 117 5.98 -29.49 19.00
CA GLY J 117 4.84 -29.40 18.09
C GLY J 117 5.16 -29.10 16.65
N LEU J 118 6.45 -29.06 16.31
CA LEU J 118 6.83 -28.76 14.96
C LEU J 118 6.67 -29.93 14.02
N MET J 119 5.77 -29.80 13.05
CA MET J 119 5.69 -30.71 11.92
C MET J 119 6.49 -30.10 10.80
N VAL J 120 7.35 -30.92 10.22
CA VAL J 120 8.20 -30.48 9.14
C VAL J 120 7.62 -30.91 7.79
N HIS J 121 6.51 -31.64 7.81
CA HIS J 121 5.70 -31.89 6.62
C HIS J 121 4.23 -32.16 7.03
N VAL J 122 3.39 -32.22 6.01
CA VAL J 122 1.96 -32.25 6.15
C VAL J 122 1.34 -33.42 5.31
N THR J 123 2.04 -34.56 5.34
CA THR J 123 1.74 -35.90 4.71
C THR J 123 2.42 -36.23 3.37
N ALA J 124 2.84 -35.22 2.66
CA ALA J 124 3.73 -35.39 1.54
C ALA J 124 5.15 -35.28 2.01
N HIS J 125 5.87 -36.38 1.91
CA HIS J 125 7.20 -36.49 2.45
C HIS J 125 8.14 -37.48 1.65
N ARG J 126 7.71 -37.87 0.46
CA ARG J 126 8.44 -38.78 -0.41
C ARG J 126 9.34 -37.99 -1.39
N ILE J 127 10.59 -38.39 -1.51
CA ILE J 127 11.53 -37.72 -2.42
C ILE J 127 11.78 -38.72 -3.51
N ASP J 128 11.36 -38.42 -4.73
CA ASP J 128 11.28 -39.39 -5.79
C ASP J 128 12.60 -39.77 -6.43
N PRO J 129 12.66 -40.99 -7.00
CA PRO J 129 13.80 -41.35 -7.81
C PRO J 129 13.98 -40.31 -8.92
N GLY J 130 15.21 -39.86 -9.13
CA GLY J 130 15.54 -38.89 -10.15
C GLY J 130 15.40 -37.43 -9.69
N TRP J 131 14.90 -37.20 -8.46
CA TRP J 131 14.75 -35.85 -7.94
C TRP J 131 16.12 -35.24 -7.84
N SER J 132 16.21 -33.96 -8.17
CA SER J 132 17.39 -33.21 -7.90
C SER J 132 16.97 -31.80 -7.46
N GLY J 133 17.50 -31.33 -6.36
CA GLY J 133 17.09 -30.02 -5.81
C GLY J 133 16.99 -30.04 -4.30
N CYS J 134 16.93 -28.85 -3.77
CA CYS J 134 16.48 -28.60 -2.43
C CYS J 134 15.06 -29.04 -2.31
N ILE J 135 14.72 -29.47 -1.10
CA ILE J 135 13.41 -29.98 -0.74
C ILE J 135 12.62 -28.88 -0.04
N VAL J 136 11.37 -28.75 -0.43
CA VAL J 136 10.43 -27.81 0.16
C VAL J 136 9.77 -28.41 1.39
N LEU J 137 9.70 -27.62 2.45
CA LEU J 137 9.18 -28.06 3.74
C LEU J 137 7.88 -27.32 3.97
N ASP J 138 6.87 -28.01 4.48
CA ASP J 138 5.60 -27.41 4.94
C ASP J 138 5.57 -27.57 6.46
N PHE J 139 5.96 -26.49 7.13
CA PHE J 139 5.99 -26.43 8.56
C PHE J 139 4.64 -26.10 9.12
N TYR J 140 4.28 -26.82 10.16
CA TYR J 140 3.12 -26.48 10.96
C TYR J 140 3.42 -26.60 12.49
N ASN J 141 3.08 -25.57 13.23
CA ASN J 141 3.28 -25.53 14.66
C ASN J 141 1.96 -25.94 15.30
N SER J 142 1.95 -27.17 15.81
CA SER J 142 0.84 -27.73 16.53
C SER J 142 0.95 -27.51 18.06
N GLY J 143 1.98 -26.80 18.49
CA GLY J 143 2.25 -26.54 19.87
C GLY J 143 1.59 -25.32 20.45
N LYS J 144 2.02 -24.96 21.63
CA LYS J 144 1.48 -23.87 22.42
C LYS J 144 2.31 -22.63 22.23
N LEU J 145 3.58 -22.80 21.88
CA LEU J 145 4.46 -21.66 21.81
C LEU J 145 5.03 -21.36 20.40
N PRO J 146 5.20 -20.05 20.08
CA PRO J 146 5.91 -19.67 18.88
C PRO J 146 7.30 -20.26 18.93
N LEU J 147 7.78 -20.69 17.77
CA LEU J 147 9.08 -21.34 17.61
C LEU J 147 9.87 -20.42 16.70
N ALA J 148 10.99 -19.93 17.22
CA ALA J 148 11.93 -19.10 16.46
C ALA J 148 12.80 -20.03 15.59
N LEU J 149 12.72 -19.90 14.28
CA LEU J 149 13.44 -20.81 13.37
C LEU J 149 14.54 -20.01 12.65
N ARG J 150 15.75 -20.54 12.59
CA ARG J 150 16.90 -19.84 12.07
C ARG J 150 17.55 -20.71 10.99
N PRO J 151 17.89 -20.11 9.85
CA PRO J 151 18.71 -20.79 8.85
C PRO J 151 19.89 -21.54 9.45
N GLY J 152 20.11 -22.75 8.93
CA GLY J 152 21.23 -23.54 9.38
C GLY J 152 20.85 -24.52 10.47
N MET J 153 19.68 -24.41 11.12
CA MET J 153 19.37 -25.31 12.23
C MET J 153 19.03 -26.71 11.69
N LEU J 154 19.31 -27.75 12.45
CA LEU J 154 18.83 -29.10 12.08
C LEU J 154 17.34 -29.14 12.20
N ILE J 155 16.72 -29.63 11.18
CA ILE J 155 15.30 -29.58 11.10
C ILE J 155 14.69 -30.94 10.85
N GLY J 156 15.45 -31.84 10.25
CA GLY J 156 14.87 -33.12 9.92
C GLY J 156 15.91 -34.16 9.61
N ALA J 157 15.42 -35.20 8.98
CA ALA J 157 16.24 -36.30 8.60
C ALA J 157 15.65 -36.95 7.36
N LEU J 158 16.53 -37.52 6.57
CA LEU J 158 16.20 -38.22 5.35
C LEU J 158 16.67 -39.67 5.45
N SER J 159 15.86 -40.62 4.94
CA SER J 159 16.25 -42.04 4.88
C SER J 159 15.98 -42.46 3.45
N PHE J 160 16.64 -43.53 3.03
CA PHE J 160 16.69 -43.95 1.64
C PHE J 160 16.39 -45.43 1.53
N GLU J 161 15.49 -45.72 0.60
CA GLU J 161 14.99 -47.03 0.35
C GLU J 161 15.25 -47.38 -1.12
N PRO J 162 15.98 -48.48 -1.36
CA PRO J 162 16.17 -48.86 -2.74
C PRO J 162 14.85 -49.41 -3.27
N LEU J 163 14.58 -49.19 -4.55
CA LEU J 163 13.41 -49.69 -5.26
C LEU J 163 13.58 -51.12 -5.76
N SER J 164 12.48 -51.82 -6.06
CA SER J 164 12.57 -53.21 -6.49
C SER J 164 13.47 -53.30 -7.74
N GLY J 165 13.22 -52.43 -8.71
CA GLY J 165 14.16 -52.19 -9.81
C GLY J 165 14.24 -50.71 -10.16
N PRO J 166 15.04 -50.34 -11.18
CA PRO J 166 15.10 -48.92 -11.56
C PRO J 166 13.75 -48.35 -12.05
N ALA J 167 13.50 -47.09 -11.74
CA ALA J 167 12.26 -46.45 -12.14
C ALA J 167 12.31 -46.18 -13.65
N VAL J 168 11.25 -46.58 -14.36
CA VAL J 168 11.16 -46.35 -15.78
C VAL J 168 10.81 -44.90 -16.00
N ARG J 169 9.93 -44.36 -15.16
CA ARG J 169 9.50 -42.98 -15.27
C ARG J 169 9.93 -42.26 -14.01
N PRO J 170 11.25 -42.03 -13.82
CA PRO J 170 11.72 -41.30 -12.64
C PRO J 170 11.41 -39.83 -12.80
N TYR J 171 11.71 -39.01 -11.80
CA TYR J 171 11.22 -37.61 -11.79
C TYR J 171 11.89 -36.72 -12.86
N MET K 1 11.45 -53.79 2.63
CA MET K 1 10.93 -55.01 3.24
C MET K 1 10.64 -54.73 4.69
N ARG K 2 9.38 -54.92 5.10
CA ARG K 2 9.06 -54.98 6.51
C ARG K 2 8.96 -56.43 6.91
N LEU K 3 9.24 -56.69 8.19
CA LEU K 3 9.07 -57.98 8.78
C LEU K 3 7.59 -58.29 8.87
N CYS K 4 7.20 -59.46 8.36
CA CYS K 4 5.84 -59.96 8.59
C CYS K 4 5.75 -60.43 10.04
N ASP K 5 4.50 -60.62 10.52
CA ASP K 5 4.20 -61.12 11.89
C ASP K 5 5.06 -62.29 12.34
N ARG K 6 5.15 -63.31 11.49
CA ARG K 6 5.98 -64.51 11.77
C ARG K 6 7.42 -64.19 12.05
N ASP K 7 7.99 -63.30 11.25
CA ASP K 7 9.39 -62.91 11.44
C ASP K 7 9.63 -62.01 12.63
N ILE K 8 8.65 -61.17 12.96
CA ILE K 8 8.73 -60.38 14.20
C ILE K 8 8.78 -61.33 15.37
N GLU K 9 7.93 -62.37 15.36
CA GLU K 9 7.99 -63.39 16.43
C GLU K 9 9.35 -64.08 16.54
N ALA K 10 9.93 -64.43 15.40
CA ALA K 10 11.24 -65.06 15.31
C ALA K 10 12.37 -64.16 15.76
N TRP K 11 12.33 -62.87 15.39
CA TRP K 11 13.30 -61.91 15.96
C TRP K 11 13.14 -61.75 17.46
N LEU K 12 11.90 -61.78 17.96
CA LEU K 12 11.69 -61.71 19.40
C LEU K 12 12.22 -62.93 20.12
N ASP K 13 11.95 -64.12 19.57
CA ASP K 13 12.43 -65.40 20.16
C ASP K 13 13.94 -65.46 20.21
N GLU K 14 14.56 -65.06 19.12
CA GLU K 14 16.02 -65.02 19.04
C GLU K 14 16.65 -63.93 19.91
N GLY K 15 15.85 -63.01 20.44
CA GLY K 15 16.37 -61.96 21.32
C GLY K 15 17.10 -60.87 20.59
N ARG K 16 17.04 -60.88 19.27
CA ARG K 16 17.58 -59.83 18.41
C ARG K 16 16.89 -58.48 18.80
N LEU K 17 15.57 -58.53 18.72
CA LEU K 17 14.68 -57.45 19.00
C LEU K 17 14.05 -57.81 20.34
N SER K 18 13.84 -56.82 21.21
CA SER K 18 12.99 -57.05 22.38
C SER K 18 11.96 -55.96 22.63
N ILE K 19 10.80 -56.42 23.10
CA ILE K 19 9.69 -55.55 23.49
C ILE K 19 9.24 -56.05 24.87
N ASN K 20 9.25 -55.16 25.85
CA ASN K 20 9.05 -55.55 27.23
C ASN K 20 8.00 -54.66 27.85
N PRO K 21 6.88 -55.23 28.31
CA PRO K 21 6.47 -56.65 28.24
C PRO K 21 6.20 -57.10 26.82
N ARG K 22 6.48 -58.37 26.53
CA ARG K 22 6.27 -58.89 25.21
C ARG K 22 4.78 -59.00 24.92
N PRO K 23 4.31 -58.46 23.78
CA PRO K 23 2.88 -58.57 23.50
C PRO K 23 2.49 -59.99 23.09
N PRO K 24 1.27 -60.38 23.48
CA PRO K 24 0.80 -61.65 23.06
C PRO K 24 0.59 -61.70 21.54
N VAL K 25 0.43 -62.93 21.04
CA VAL K 25 0.19 -63.24 19.62
C VAL K 25 -0.94 -62.46 18.99
N GLU K 26 -1.98 -62.18 19.76
CA GLU K 26 -3.12 -61.41 19.30
C GLU K 26 -2.74 -59.99 18.89
N ARG K 27 -1.66 -59.47 19.45
CA ARG K 27 -1.20 -58.10 19.17
C ARG K 27 -0.16 -58.05 18.05
N ILE K 28 0.21 -59.20 17.49
CA ILE K 28 1.20 -59.23 16.44
C ILE K 28 0.51 -59.79 15.25
N ASN K 29 0.26 -58.94 14.25
CA ASN K 29 -0.37 -59.45 13.02
C ASN K 29 -0.07 -58.60 11.83
N GLY K 30 -0.04 -59.25 10.66
CA GLY K 30 0.35 -58.63 9.41
C GLY K 30 1.82 -58.30 9.43
N ALA K 31 2.10 -57.01 9.55
CA ALA K 31 3.42 -56.46 9.56
C ALA K 31 3.64 -55.54 10.74
N THR K 32 2.82 -55.65 11.80
CA THR K 32 2.91 -54.75 12.94
C THR K 32 2.62 -55.38 14.29
N VAL K 33 3.17 -54.72 15.32
CA VAL K 33 2.94 -55.05 16.70
C VAL K 33 2.18 -53.88 17.28
N ASP K 34 1.05 -54.15 17.93
CA ASP K 34 0.31 -53.08 18.56
C ASP K 34 1.01 -52.69 19.86
N VAL K 35 1.09 -51.38 20.14
CA VAL K 35 1.58 -50.88 21.45
C VAL K 35 0.55 -50.12 22.26
N ARG K 36 0.82 -50.06 23.57
CA ARG K 36 -0.15 -49.54 24.53
C ARG K 36 0.34 -48.23 25.19
N LEU K 37 -0.64 -47.49 25.69
CA LEU K 37 -0.43 -46.22 26.32
C LEU K 37 0.06 -46.43 27.77
N GLY K 38 1.15 -45.76 28.14
CA GLY K 38 1.64 -45.77 29.52
C GLY K 38 0.83 -44.86 30.43
N ASN K 39 1.35 -44.54 31.59
CA ASN K 39 0.61 -43.66 32.48
C ASN K 39 1.28 -42.36 32.87
N LYS K 40 2.29 -41.94 32.12
CA LYS K 40 2.99 -40.65 32.36
C LYS K 40 2.74 -39.63 31.24
N PHE K 41 2.37 -38.42 31.61
CA PHE K 41 2.01 -37.38 30.64
C PHE K 41 2.73 -36.07 31.03
N ARG K 42 2.83 -35.17 30.05
CA ARG K 42 3.29 -33.82 30.28
C ARG K 42 2.51 -32.87 29.41
N THR K 43 2.25 -31.67 29.95
CA THR K 43 1.59 -30.59 29.20
C THR K 43 2.48 -29.34 29.20
N PHE K 44 2.00 -28.30 28.55
CA PHE K 44 2.75 -27.07 28.34
C PHE K 44 2.11 -25.94 29.11
N ARG K 45 2.94 -25.08 29.68
CA ARG K 45 2.49 -23.87 30.38
C ARG K 45 2.90 -22.61 29.60
N GLY K 46 2.05 -22.13 28.71
CA GLY K 46 2.43 -21.03 27.84
C GLY K 46 2.61 -19.66 28.51
N HIS K 47 1.97 -19.44 29.65
CA HIS K 47 1.92 -18.12 30.25
C HIS K 47 3.29 -17.66 30.83
N THR K 48 4.24 -18.57 30.94
CA THR K 48 5.55 -18.32 31.54
C THR K 48 6.61 -17.94 30.50
N ALA K 49 6.32 -18.05 29.20
CA ALA K 49 7.25 -17.59 28.19
C ALA K 49 6.54 -17.07 26.95
N ALA K 50 7.24 -16.23 26.23
CA ALA K 50 6.75 -15.69 24.96
C ALA K 50 7.00 -16.69 23.80
N PHE K 51 8.13 -17.36 23.82
CA PHE K 51 8.53 -18.23 22.71
C PHE K 51 9.70 -19.13 23.09
N ILE K 52 10.01 -20.07 22.20
CA ILE K 52 11.18 -20.91 22.31
C ILE K 52 12.12 -20.70 21.12
N ASP K 53 13.31 -20.23 21.44
CA ASP K 53 14.37 -20.00 20.46
C ASP K 53 15.13 -21.29 20.26
N LEU K 54 14.73 -22.06 19.26
CA LEU K 54 15.19 -23.42 19.11
C LEU K 54 16.72 -23.58 19.00
N SER K 55 17.36 -22.71 18.21
CA SER K 55 18.81 -22.75 18.08
C SER K 55 19.41 -21.50 18.69
N GLY K 56 18.88 -21.05 19.82
CA GLY K 56 19.46 -19.94 20.58
C GLY K 56 20.53 -20.47 21.52
N PRO K 57 21.04 -19.60 22.41
CA PRO K 57 22.03 -19.97 23.44
C PRO K 57 21.50 -21.05 24.40
N LYS K 58 22.29 -22.12 24.57
CA LYS K 58 21.87 -23.32 25.29
C LYS K 58 21.18 -23.03 26.64
N ASP K 59 21.73 -22.10 27.40
CA ASP K 59 21.23 -21.78 28.74
C ASP K 59 19.89 -21.07 28.73
N GLU K 60 19.70 -20.20 27.75
CA GLU K 60 18.39 -19.55 27.53
C GLU K 60 17.32 -20.56 27.10
N VAL K 61 17.67 -21.43 26.16
CA VAL K 61 16.74 -22.44 25.67
C VAL K 61 16.35 -23.35 26.84
N SER K 62 17.37 -23.76 27.59
CA SER K 62 17.17 -24.68 28.69
C SER K 62 16.22 -24.08 29.76
N ALA K 63 16.38 -22.79 30.03
CA ALA K 63 15.56 -22.11 31.01
C ALA K 63 14.10 -21.93 30.54
N ALA K 64 13.94 -21.62 29.26
CA ALA K 64 12.62 -21.55 28.64
C ALA K 64 11.89 -22.91 28.69
N LEU K 65 12.58 -24.00 28.37
CA LEU K 65 11.99 -25.32 28.38
C LEU K 65 11.53 -25.70 29.77
N ASP K 66 12.35 -25.41 30.77
CA ASP K 66 12.03 -25.74 32.13
C ASP K 66 10.79 -24.95 32.62
N ARG K 67 10.66 -23.71 32.19
CA ARG K 67 9.46 -22.91 32.45
C ARG K 67 8.18 -23.42 31.79
N VAL K 68 8.26 -23.82 30.52
CA VAL K 68 7.06 -24.20 29.79
C VAL K 68 6.57 -25.64 30.04
N MET K 69 7.43 -26.55 30.42
CA MET K 69 7.00 -27.93 30.63
C MET K 69 6.36 -28.10 32.04
N SER K 70 5.19 -28.75 32.08
CA SER K 70 4.60 -29.13 33.35
C SER K 70 5.50 -30.19 33.99
N ASP K 71 5.27 -30.43 35.26
CA ASP K 71 5.77 -31.65 35.92
C ASP K 71 5.05 -32.88 35.34
N GLU K 72 5.65 -34.04 35.53
CA GLU K 72 5.06 -35.27 35.03
C GLU K 72 3.71 -35.57 35.71
N ILE K 73 2.73 -35.89 34.90
CA ILE K 73 1.43 -36.28 35.34
C ILE K 73 1.41 -37.79 35.39
N VAL K 74 1.06 -38.35 36.54
CA VAL K 74 0.91 -39.80 36.63
C VAL K 74 -0.57 -40.07 36.91
N LEU K 75 -1.19 -40.91 36.10
CA LEU K 75 -2.58 -41.24 36.33
C LEU K 75 -2.73 -42.53 37.17
N ASP K 76 -3.59 -42.43 38.16
CA ASP K 76 -4.02 -43.61 38.92
C ASP K 76 -4.74 -44.57 37.96
N GLU K 77 -5.09 -45.74 38.48
CA GLU K 77 -6.00 -46.61 37.76
C GLU K 77 -7.41 -45.98 37.90
N GLY K 78 -8.18 -46.11 36.85
CA GLY K 78 -9.47 -45.44 36.76
C GLY K 78 -9.47 -44.02 36.17
N GLU K 79 -8.30 -43.37 36.14
CA GLU K 79 -8.19 -41.99 35.66
C GLU K 79 -8.00 -41.90 34.16
N ALA K 80 -8.57 -40.86 33.56
CA ALA K 80 -8.34 -40.51 32.16
C ALA K 80 -7.50 -39.23 32.03
N PHE K 81 -6.71 -39.16 30.97
CA PHE K 81 -6.13 -37.91 30.50
C PHE K 81 -7.07 -37.36 29.44
N TYR K 82 -7.59 -36.15 29.61
CA TYR K 82 -8.51 -35.55 28.59
C TYR K 82 -7.70 -34.69 27.58
N LEU K 83 -7.58 -35.17 26.35
CA LEU K 83 -6.89 -34.46 25.31
C LEU K 83 -7.90 -33.66 24.47
N HIS K 84 -7.87 -32.36 24.66
CA HIS K 84 -8.80 -31.45 24.05
C HIS K 84 -8.35 -31.09 22.64
N PRO K 85 -9.30 -30.77 21.77
CA PRO K 85 -8.96 -30.31 20.43
C PRO K 85 -7.99 -29.11 20.42
N GLY K 86 -6.96 -29.23 19.61
CA GLY K 86 -5.94 -28.23 19.51
C GLY K 86 -4.85 -28.35 20.54
N GLU K 87 -4.86 -29.37 21.38
CA GLU K 87 -3.87 -29.43 22.47
C GLU K 87 -2.87 -30.52 22.10
N LEU K 88 -1.60 -30.19 22.34
CA LEU K 88 -0.50 -31.10 22.24
C LEU K 88 -0.14 -31.53 23.64
N ALA K 89 0.11 -32.85 23.82
CA ALA K 89 0.56 -33.42 25.09
C ALA K 89 1.59 -34.51 24.88
N LEU K 90 2.47 -34.73 25.84
CA LEU K 90 3.45 -35.80 25.76
C LEU K 90 2.98 -36.98 26.57
N ALA K 91 3.15 -38.15 26.03
CA ALA K 91 2.78 -39.38 26.72
C ALA K 91 3.89 -40.37 26.44
N VAL K 92 3.73 -41.62 26.87
CA VAL K 92 4.80 -42.65 26.76
C VAL K 92 4.13 -44.01 26.52
N THR K 93 4.80 -44.89 25.78
CA THR K 93 4.32 -46.21 25.58
C THR K 93 4.53 -46.98 26.86
N LEU K 94 3.62 -47.91 27.11
CA LEU K 94 3.78 -48.86 28.22
C LEU K 94 5.06 -49.73 28.02
N GLU K 95 5.25 -50.21 26.79
CA GLU K 95 6.35 -51.06 26.41
C GLU K 95 7.64 -50.29 26.21
N SER K 96 8.74 -50.92 26.66
CA SER K 96 10.11 -50.57 26.24
C SER K 96 10.51 -51.43 25.07
N VAL K 97 11.23 -50.82 24.13
CA VAL K 97 11.66 -51.48 22.92
C VAL K 97 13.17 -51.37 22.81
N THR K 98 13.80 -52.47 22.40
CA THR K 98 15.22 -52.48 22.14
C THR K 98 15.44 -53.00 20.71
N LEU K 99 16.13 -52.22 19.89
CA LEU K 99 16.47 -52.62 18.53
C LEU K 99 17.96 -52.88 18.40
N PRO K 100 18.30 -53.91 17.60
CA PRO K 100 19.71 -54.16 17.28
C PRO K 100 20.17 -53.18 16.21
N ALA K 101 21.48 -53.18 15.93
CA ALA K 101 22.12 -52.28 15.00
C ALA K 101 21.67 -52.46 13.56
N ASP K 102 21.02 -53.57 13.23
CA ASP K 102 20.64 -53.82 11.84
C ASP K 102 19.15 -53.78 11.57
N LEU K 103 18.39 -53.11 12.45
CA LEU K 103 16.93 -52.93 12.31
C LEU K 103 16.53 -51.50 12.61
N VAL K 104 15.55 -50.99 11.86
CA VAL K 104 14.88 -49.70 12.15
C VAL K 104 13.38 -49.96 12.36
N GLY K 105 12.80 -49.22 13.31
CA GLY K 105 11.39 -49.33 13.61
C GLY K 105 10.69 -48.02 13.31
N TRP K 106 9.38 -48.11 13.16
CA TRP K 106 8.52 -47.04 12.70
C TRP K 106 7.23 -47.11 13.51
N LEU K 107 6.87 -45.98 14.12
CA LEU K 107 5.60 -45.87 14.82
C LEU K 107 4.46 -45.32 13.93
N ASP K 108 3.32 -46.00 13.90
CA ASP K 108 2.14 -45.50 13.23
C ASP K 108 0.99 -45.42 14.26
N GLY K 109 -0.03 -44.68 13.93
CA GLY K 109 -1.22 -44.63 14.78
C GLY K 109 -2.20 -45.71 14.32
N ARG K 110 -3.39 -45.70 14.89
CA ARG K 110 -4.42 -46.63 14.50
C ARG K 110 -5.50 -45.88 13.76
N SER K 111 -5.98 -46.43 12.66
CA SER K 111 -7.07 -45.84 11.88
C SER K 111 -8.34 -45.49 12.68
N SER K 112 -8.68 -46.31 13.68
CA SER K 112 -9.83 -46.07 14.58
C SER K 112 -9.73 -44.81 15.38
N LEU K 113 -8.50 -44.50 15.81
CA LEU K 113 -8.18 -43.25 16.52
C LEU K 113 -8.00 -42.07 15.65
N ALA K 114 -7.28 -42.24 14.54
CA ALA K 114 -7.15 -41.23 13.48
C ALA K 114 -8.51 -40.69 13.02
N ARG K 115 -9.48 -41.54 12.83
CA ARG K 115 -10.82 -41.10 12.38
C ARG K 115 -11.49 -40.16 13.38
N LEU K 116 -10.97 -40.13 14.61
CA LEU K 116 -11.46 -39.19 15.63
C LEU K 116 -10.52 -37.97 15.83
N GLY K 117 -9.45 -37.90 15.06
CA GLY K 117 -8.54 -36.78 15.15
C GLY K 117 -7.23 -37.03 15.95
N LEU K 118 -7.03 -38.24 16.45
CA LEU K 118 -5.88 -38.46 17.27
C LEU K 118 -4.62 -38.76 16.44
N MET K 119 -3.68 -37.83 16.50
CA MET K 119 -2.35 -38.04 15.97
C MET K 119 -1.44 -38.49 17.09
N VAL K 120 -0.70 -39.55 16.85
CA VAL K 120 0.18 -40.14 17.87
C VAL K 120 1.59 -39.71 17.74
N HIS K 121 1.91 -39.04 16.64
CA HIS K 121 3.20 -38.38 16.51
C HIS K 121 3.01 -37.16 15.64
N VAL K 122 4.03 -36.31 15.63
CA VAL K 122 4.07 -35.02 14.93
C VAL K 122 5.26 -35.02 13.97
N THR K 123 5.22 -35.90 13.00
CA THR K 123 6.27 -36.14 11.95
C THR K 123 7.63 -36.71 12.41
N ALA K 124 7.77 -37.13 13.64
CA ALA K 124 8.97 -37.87 14.06
C ALA K 124 8.51 -39.24 14.53
N HIS K 125 8.75 -40.27 13.72
CA HIS K 125 8.21 -41.61 14.04
C HIS K 125 9.20 -42.75 13.87
N ARG K 126 10.47 -42.43 13.78
CA ARG K 126 11.52 -43.41 13.58
C ARG K 126 12.12 -43.83 14.89
N ILE K 127 12.25 -45.14 15.05
CA ILE K 127 12.95 -45.73 16.17
C ILE K 127 14.27 -46.28 15.62
N ASP K 128 15.37 -45.77 16.11
CA ASP K 128 16.66 -45.98 15.49
C ASP K 128 17.27 -47.32 15.87
N PRO K 129 18.13 -47.86 14.98
CA PRO K 129 18.92 -48.99 15.37
C PRO K 129 19.71 -48.65 16.63
N GLY K 130 19.75 -49.59 17.56
CA GLY K 130 20.46 -49.39 18.84
C GLY K 130 19.64 -48.70 19.91
N TRP K 131 18.40 -48.34 19.57
CA TRP K 131 17.50 -47.74 20.52
C TRP K 131 17.16 -48.77 21.59
N SER K 132 17.08 -48.31 22.82
CA SER K 132 16.52 -49.05 23.89
C SER K 132 15.71 -48.15 24.81
N GLY K 133 14.44 -48.44 25.00
CA GLY K 133 13.65 -47.59 25.88
C GLY K 133 12.20 -47.48 25.51
N CYS K 134 11.44 -46.87 26.40
CA CYS K 134 10.08 -46.48 26.10
C CYS K 134 10.05 -45.33 25.10
N ILE K 135 8.99 -45.31 24.30
CA ILE K 135 8.84 -44.35 23.25
C ILE K 135 7.90 -43.27 23.72
N VAL K 136 8.34 -42.04 23.55
CA VAL K 136 7.57 -40.87 23.88
C VAL K 136 6.67 -40.54 22.69
N LEU K 137 5.42 -40.20 23.00
CA LEU K 137 4.44 -39.88 22.01
C LEU K 137 4.11 -38.42 22.17
N ASP K 138 3.93 -37.74 21.07
CA ASP K 138 3.44 -36.36 21.08
C ASP K 138 2.05 -36.48 20.46
N PHE K 139 1.04 -36.48 21.32
CA PHE K 139 -0.34 -36.53 20.89
C PHE K 139 -0.85 -35.18 20.53
N TYR K 140 -1.62 -35.13 19.46
CA TYR K 140 -2.35 -33.93 19.08
C TYR K 140 -3.75 -34.35 18.66
N ASN K 141 -4.75 -33.65 19.18
CA ASN K 141 -6.12 -33.89 18.85
C ASN K 141 -6.55 -32.89 17.78
N SER K 142 -6.67 -33.37 16.54
CA SER K 142 -7.10 -32.58 15.42
C SER K 142 -8.58 -32.67 15.13
N GLY K 143 -9.34 -33.28 16.05
CA GLY K 143 -10.78 -33.49 15.85
C GLY K 143 -11.59 -32.45 16.55
N LYS K 144 -12.86 -32.74 16.71
CA LYS K 144 -13.84 -31.75 17.25
C LYS K 144 -14.19 -32.07 18.69
N LEU K 145 -13.86 -33.29 19.14
CA LEU K 145 -14.20 -33.67 20.51
C LEU K 145 -12.97 -33.95 21.37
N PRO K 146 -13.07 -33.66 22.67
CA PRO K 146 -12.10 -34.17 23.60
C PRO K 146 -12.07 -35.69 23.56
N LEU K 147 -10.89 -36.25 23.74
CA LEU K 147 -10.72 -37.66 23.81
C LEU K 147 -10.16 -38.06 25.13
N ALA K 148 -10.84 -38.99 25.79
CA ALA K 148 -10.39 -39.52 27.07
C ALA K 148 -9.42 -40.64 26.78
N LEU K 149 -8.19 -40.46 27.21
CA LEU K 149 -7.15 -41.47 27.04
C LEU K 149 -6.91 -42.11 28.39
N ARG K 150 -6.84 -43.44 28.41
CA ARG K 150 -6.57 -44.21 29.61
C ARG K 150 -5.32 -45.07 29.46
N PRO K 151 -4.46 -45.14 30.50
CA PRO K 151 -3.34 -46.07 30.49
C PRO K 151 -3.76 -47.49 30.12
N GLY K 152 -2.99 -48.12 29.25
CA GLY K 152 -3.25 -49.51 28.89
C GLY K 152 -4.01 -49.71 27.61
N MET K 153 -4.59 -48.64 27.06
CA MET K 153 -5.28 -48.73 25.80
C MET K 153 -4.30 -48.93 24.66
N LEU K 154 -4.77 -49.55 23.59
CA LEU K 154 -4.00 -49.70 22.35
C LEU K 154 -3.91 -48.39 21.61
N ILE K 155 -2.71 -47.94 21.37
CA ILE K 155 -2.52 -46.52 20.97
C ILE K 155 -1.79 -46.37 19.61
N GLY K 156 -1.11 -47.39 19.19
CA GLY K 156 -0.44 -47.33 17.94
C GLY K 156 0.14 -48.68 17.58
N ALA K 157 0.97 -48.67 16.56
CA ALA K 157 1.55 -49.87 15.98
C ALA K 157 2.99 -49.64 15.56
N LEU K 158 3.83 -50.65 15.76
CA LEU K 158 5.23 -50.59 15.37
C LEU K 158 5.46 -51.57 14.26
N SER K 159 6.18 -51.16 13.22
CA SER K 159 6.68 -52.04 12.21
C SER K 159 8.19 -51.95 12.15
N PHE K 160 8.82 -52.96 11.55
CA PHE K 160 10.28 -53.12 11.60
C PHE K 160 10.84 -53.41 10.23
N GLU K 161 11.98 -52.78 9.94
CA GLU K 161 12.61 -52.87 8.63
C GLU K 161 14.08 -53.19 8.82
N PRO K 162 14.56 -54.27 8.21
CA PRO K 162 15.99 -54.55 8.17
C PRO K 162 16.78 -53.49 7.43
N LEU K 163 17.96 -53.18 7.94
CA LEU K 163 18.83 -52.27 7.25
C LEU K 163 19.65 -53.01 6.22
N SER K 164 20.29 -52.26 5.30
CA SER K 164 21.17 -52.85 4.29
C SER K 164 22.39 -53.53 4.93
N GLY K 165 22.76 -53.11 6.15
CA GLY K 165 23.75 -53.79 6.96
C GLY K 165 23.64 -53.27 8.37
N PRO K 166 24.48 -53.75 9.30
CA PRO K 166 24.46 -53.16 10.62
C PRO K 166 24.94 -51.73 10.60
N ALA K 167 24.23 -50.85 11.29
CA ALA K 167 24.67 -49.47 11.46
C ALA K 167 26.04 -49.41 12.15
N VAL K 168 26.92 -48.54 11.65
CA VAL K 168 28.21 -48.26 12.26
C VAL K 168 28.06 -47.34 13.46
N ARG K 169 27.10 -46.40 13.38
CA ARG K 169 26.85 -45.46 14.46
C ARG K 169 25.42 -45.59 14.97
N PRO K 170 25.13 -46.69 15.66
CA PRO K 170 23.77 -46.91 16.20
C PRO K 170 23.54 -46.08 17.47
N TYR K 171 22.28 -45.93 17.86
CA TYR K 171 21.88 -44.92 18.82
C TYR K 171 22.64 -45.07 20.14
N ASN K 172 22.77 -46.31 20.58
CA ASN K 172 23.42 -46.60 21.86
C ASN K 172 24.92 -46.25 21.94
N ARG K 173 25.56 -46.07 20.80
CA ARG K 173 26.97 -45.70 20.74
C ARG K 173 27.22 -44.24 20.40
N ARG K 174 26.18 -43.48 20.00
CA ARG K 174 26.38 -42.08 19.59
C ARG K 174 26.51 -41.19 20.83
N GLU K 175 27.63 -40.49 20.93
CA GLU K 175 27.93 -39.68 22.08
C GLU K 175 26.92 -38.56 22.24
N ASP K 176 26.46 -37.97 21.13
CA ASP K 176 25.53 -36.85 21.20
C ASP K 176 24.02 -37.27 21.11
N ALA K 177 23.72 -38.54 21.24
CA ALA K 177 22.36 -38.99 21.24
C ALA K 177 21.65 -38.48 22.50
N LYS K 178 20.48 -37.88 22.36
CA LYS K 178 19.82 -37.18 23.49
C LYS K 178 18.93 -38.06 24.37
N TYR K 179 18.35 -39.10 23.84
CA TYR K 179 17.27 -39.80 24.52
C TYR K 179 17.58 -41.28 24.91
N ARG K 180 18.84 -41.64 25.04
CA ARG K 180 19.19 -42.99 25.49
C ARG K 180 18.56 -43.40 26.83
N ASN K 181 17.91 -44.56 26.83
CA ASN K 181 17.26 -45.15 28.03
C ASN K 181 16.16 -44.30 28.65
N GLN K 182 15.32 -43.75 27.78
CA GLN K 182 14.27 -42.80 28.20
C GLN K 182 13.15 -43.62 28.86
N GLN K 183 12.61 -43.12 29.95
CA GLN K 183 11.63 -43.90 30.70
C GLN K 183 10.23 -43.30 30.90
N GLY K 184 10.17 -42.01 31.20
CA GLY K 184 8.85 -41.35 31.30
C GLY K 184 8.51 -40.49 30.09
N ALA K 185 7.62 -39.52 30.30
CA ALA K 185 7.24 -38.56 29.25
C ALA K 185 8.31 -37.45 29.22
N VAL K 186 9.43 -37.73 28.59
CA VAL K 186 10.58 -36.85 28.59
C VAL K 186 10.31 -35.71 27.61
N ALA K 187 10.50 -34.49 28.09
CA ALA K 187 10.39 -33.29 27.32
C ALA K 187 11.53 -33.15 26.29
N SER K 188 11.33 -32.25 25.35
CA SER K 188 12.35 -31.95 24.34
C SER K 188 13.67 -31.65 25.00
N ARG K 189 14.75 -32.24 24.44
CA ARG K 189 16.11 -31.89 24.85
C ARG K 189 16.85 -31.13 23.73
N ILE K 190 16.09 -30.33 23.00
CA ILE K 190 16.63 -29.51 21.93
C ILE K 190 17.78 -28.59 22.42
N ASP K 191 17.76 -28.19 23.68
CA ASP K 191 18.89 -27.46 24.29
C ASP K 191 20.27 -28.19 24.27
N LYS K 192 20.29 -29.50 24.05
CA LYS K 192 21.56 -30.25 23.98
C LYS K 192 22.18 -30.17 22.59
N ASP K 193 21.44 -29.68 21.59
CA ASP K 193 22.00 -29.56 20.24
C ASP K 193 23.28 -28.69 20.22
N MET L 1 12.31 -51.84 0.67
CA MET L 1 12.23 -51.91 -0.82
C MET L 1 10.80 -51.64 -1.31
N ARG L 2 10.61 -50.46 -1.90
CA ARG L 2 9.35 -50.14 -2.48
C ARG L 2 9.36 -50.74 -3.86
N LEU L 3 8.21 -51.18 -4.32
CA LEU L 3 8.05 -51.54 -5.70
C LEU L 3 8.23 -50.30 -6.57
N CYS L 4 9.02 -50.41 -7.63
CA CYS L 4 9.10 -49.36 -8.61
C CYS L 4 7.89 -49.47 -9.56
N ASP L 5 7.74 -48.44 -10.40
CA ASP L 5 6.57 -48.30 -11.27
C ASP L 5 6.33 -49.51 -12.20
N ARG L 6 7.39 -49.97 -12.88
CA ARG L 6 7.28 -51.12 -13.78
C ARG L 6 6.88 -52.35 -12.94
N ASP L 7 7.43 -52.49 -11.73
CA ASP L 7 7.09 -53.65 -10.87
C ASP L 7 5.69 -53.57 -10.24
N ILE L 8 5.22 -52.36 -9.98
CA ILE L 8 3.81 -52.17 -9.68
C ILE L 8 2.87 -52.72 -10.81
N GLU L 9 3.19 -52.44 -12.09
CA GLU L 9 2.34 -52.85 -13.22
C GLU L 9 2.37 -54.37 -13.37
N ALA L 10 3.56 -54.95 -13.18
CA ALA L 10 3.72 -56.40 -13.19
C ALA L 10 2.77 -57.09 -12.19
N TRP L 11 2.86 -56.70 -10.92
CA TRP L 11 2.01 -57.24 -9.86
C TRP L 11 0.53 -57.13 -10.16
N LEU L 12 0.14 -56.01 -10.77
CA LEU L 12 -1.25 -55.81 -11.21
C LEU L 12 -1.60 -56.82 -12.30
N ASP L 13 -0.69 -56.95 -13.27
CA ASP L 13 -0.84 -57.91 -14.39
C ASP L 13 -0.92 -59.33 -13.88
N GLU L 14 -0.16 -59.68 -12.84
CA GLU L 14 -0.26 -61.02 -12.23
C GLU L 14 -1.69 -61.23 -11.68
N GLY L 15 -2.18 -60.27 -10.90
CA GLY L 15 -3.55 -60.28 -10.38
C GLY L 15 -3.72 -60.53 -8.88
N ARG L 16 -2.62 -60.55 -8.13
CA ARG L 16 -2.70 -60.69 -6.67
C ARG L 16 -2.91 -59.30 -6.06
N LEU L 17 -2.09 -58.35 -6.52
CA LEU L 17 -2.31 -56.95 -6.25
C LEU L 17 -3.37 -56.52 -7.21
N SER L 18 -4.37 -55.82 -6.72
CA SER L 18 -5.39 -55.23 -7.59
C SER L 18 -5.97 -53.90 -7.07
N ILE L 19 -6.19 -53.00 -8.03
CA ILE L 19 -6.83 -51.71 -7.80
C ILE L 19 -7.94 -51.61 -8.80
N ASN L 20 -9.15 -51.47 -8.29
CA ASN L 20 -10.32 -51.42 -9.09
C ASN L 20 -11.13 -50.15 -8.79
N PRO L 21 -11.30 -49.28 -9.80
CA PRO L 21 -10.77 -49.36 -11.15
C PRO L 21 -9.27 -49.18 -11.31
N ARG L 22 -8.74 -49.84 -12.34
CA ARG L 22 -7.33 -49.82 -12.65
C ARG L 22 -6.92 -48.46 -13.16
N PRO L 23 -5.93 -47.86 -12.49
CA PRO L 23 -5.39 -46.61 -12.99
C PRO L 23 -4.54 -46.76 -14.25
N PRO L 24 -4.64 -45.77 -15.16
CA PRO L 24 -3.76 -45.65 -16.33
C PRO L 24 -2.31 -45.42 -15.92
N VAL L 25 -1.38 -45.76 -16.82
CA VAL L 25 0.07 -45.63 -16.66
C VAL L 25 0.52 -44.23 -16.35
N GLU L 26 -0.25 -43.25 -16.82
CA GLU L 26 -0.04 -41.85 -16.45
C GLU L 26 0.00 -41.66 -14.93
N ARG L 27 -0.74 -42.49 -14.19
CA ARG L 27 -0.84 -42.38 -12.75
C ARG L 27 0.23 -43.17 -11.98
N ILE L 28 1.00 -43.97 -12.69
CA ILE L 28 1.95 -44.85 -12.07
C ILE L 28 3.33 -44.41 -12.44
N ASN L 29 4.01 -43.78 -11.49
CA ASN L 29 5.34 -43.27 -11.76
C ASN L 29 6.20 -43.42 -10.55
N GLY L 30 7.48 -43.62 -10.86
CA GLY L 30 8.54 -43.74 -9.88
C GLY L 30 8.42 -44.97 -9.02
N ALA L 31 7.78 -44.79 -7.86
CA ALA L 31 7.44 -45.87 -6.96
C ALA L 31 6.06 -45.69 -6.35
N THR L 32 5.18 -44.92 -6.98
CA THR L 32 3.81 -44.71 -6.46
C THR L 32 2.72 -44.69 -7.54
N VAL L 33 1.49 -44.92 -7.11
CA VAL L 33 0.34 -44.82 -7.95
C VAL L 33 -0.50 -43.69 -7.37
N ASP L 34 -0.96 -42.75 -8.18
CA ASP L 34 -1.88 -41.73 -7.69
C ASP L 34 -3.34 -42.32 -7.56
N VAL L 35 -4.03 -42.02 -6.45
CA VAL L 35 -5.41 -42.46 -6.24
C VAL L 35 -6.33 -41.27 -6.20
N ARG L 36 -7.63 -41.49 -6.44
CA ARG L 36 -8.60 -40.43 -6.61
C ARG L 36 -9.63 -40.35 -5.45
N LEU L 37 -10.30 -39.22 -5.37
CA LEU L 37 -11.26 -38.98 -4.31
C LEU L 37 -12.63 -39.55 -4.68
N GLY L 38 -13.27 -40.24 -3.75
CA GLY L 38 -14.67 -40.71 -3.95
C GLY L 38 -15.69 -39.64 -3.67
N ASN L 39 -16.96 -40.00 -3.59
CA ASN L 39 -18.04 -39.04 -3.45
C ASN L 39 -18.81 -39.17 -2.13
N LYS L 40 -18.27 -39.92 -1.16
CA LYS L 40 -18.86 -40.13 0.14
C LYS L 40 -18.05 -39.44 1.25
N PHE L 41 -18.73 -38.62 2.05
CA PHE L 41 -18.09 -37.80 3.11
C PHE L 41 -18.83 -37.90 4.41
N ARG L 42 -18.11 -37.67 5.51
CA ARG L 42 -18.69 -37.47 6.84
C ARG L 42 -18.01 -36.34 7.61
N THR L 43 -18.83 -35.49 8.25
CA THR L 43 -18.37 -34.47 9.23
C THR L 43 -18.86 -34.78 10.66
N PHE L 44 -18.35 -34.03 11.62
CA PHE L 44 -18.70 -34.14 13.03
C PHE L 44 -19.65 -33.08 13.52
N ARG L 45 -20.53 -33.46 14.43
CA ARG L 45 -21.35 -32.49 15.14
C ARG L 45 -21.03 -32.54 16.61
N GLY L 46 -20.31 -31.54 17.09
CA GLY L 46 -19.86 -31.56 18.47
C GLY L 46 -20.93 -31.43 19.52
N HIS L 47 -22.08 -30.90 19.14
CA HIS L 47 -23.00 -30.35 20.13
C HIS L 47 -23.77 -31.45 20.87
N THR L 48 -23.66 -32.69 20.43
CA THR L 48 -24.41 -33.80 21.02
C THR L 48 -23.59 -34.55 22.07
N ALA L 49 -22.28 -34.33 22.13
CA ALA L 49 -21.48 -34.95 23.20
C ALA L 49 -20.37 -34.04 23.74
N ALA L 50 -19.93 -34.35 24.96
CA ALA L 50 -18.88 -33.64 25.65
C ALA L 50 -17.58 -34.20 25.13
N PHE L 51 -17.50 -35.52 25.01
CA PHE L 51 -16.23 -36.18 24.70
C PHE L 51 -16.45 -37.56 24.10
N ILE L 52 -15.34 -38.17 23.67
CA ILE L 52 -15.31 -39.61 23.35
C ILE L 52 -14.23 -40.37 24.09
N ASP L 53 -14.60 -41.52 24.68
CA ASP L 53 -13.62 -42.39 25.34
C ASP L 53 -12.98 -43.31 24.32
N LEU L 54 -11.70 -43.10 24.06
CA LEU L 54 -10.96 -43.94 23.12
C LEU L 54 -10.45 -45.29 23.67
N SER L 55 -10.56 -45.54 24.97
CA SER L 55 -10.31 -46.87 25.45
C SER L 55 -11.53 -47.83 25.09
N GLY L 56 -11.32 -48.75 24.14
CA GLY L 56 -12.44 -49.54 23.55
C GLY L 56 -12.17 -50.43 22.34
N PRO L 57 -13.11 -51.37 22.01
CA PRO L 57 -13.46 -51.45 20.60
C PRO L 57 -14.89 -50.94 20.49
N LYS L 58 -15.54 -51.23 19.36
CA LYS L 58 -16.99 -51.09 19.05
C LYS L 58 -17.98 -50.27 19.90
N ASP L 59 -17.79 -50.08 21.19
CA ASP L 59 -18.71 -49.22 21.98
C ASP L 59 -18.60 -47.76 21.54
N GLU L 60 -17.45 -47.43 20.96
CA GLU L 60 -17.22 -46.09 20.50
C GLU L 60 -17.74 -45.97 19.09
N VAL L 61 -17.03 -46.60 18.15
CA VAL L 61 -17.55 -46.84 16.81
C VAL L 61 -19.03 -46.50 16.80
N SER L 62 -19.79 -47.17 17.65
CA SER L 62 -21.21 -47.00 17.62
C SER L 62 -21.61 -45.91 18.63
N ALA L 63 -21.98 -46.29 19.87
CA ALA L 63 -22.55 -45.30 20.84
C ALA L 63 -21.85 -43.91 20.84
N ALA L 64 -20.59 -43.87 20.35
CA ALA L 64 -19.88 -42.61 20.22
C ALA L 64 -19.90 -42.12 18.78
N LEU L 65 -18.98 -42.62 17.96
CA LEU L 65 -18.72 -42.11 16.61
C LEU L 65 -20.02 -41.90 15.81
N ASP L 66 -20.81 -42.96 15.66
CA ASP L 66 -22.14 -42.89 15.02
C ASP L 66 -22.97 -41.72 15.56
N ARG L 67 -23.00 -41.50 16.87
CA ARG L 67 -23.78 -40.37 17.39
C ARG L 67 -23.18 -38.97 17.17
N VAL L 68 -21.88 -38.86 16.89
CA VAL L 68 -21.31 -37.53 16.67
C VAL L 68 -20.97 -37.28 15.19
N MET L 69 -21.25 -38.26 14.35
CA MET L 69 -21.12 -38.10 12.90
C MET L 69 -22.39 -37.58 12.22
N SER L 70 -22.18 -36.86 11.13
CA SER L 70 -23.24 -36.56 10.18
C SER L 70 -23.77 -37.87 9.52
N ASP L 71 -24.97 -37.84 8.98
CA ASP L 71 -25.33 -38.83 7.96
C ASP L 71 -24.27 -38.74 6.84
N GLU L 72 -24.22 -39.77 5.99
CA GLU L 72 -23.29 -39.79 4.88
C GLU L 72 -23.69 -38.75 3.82
N ILE L 73 -22.72 -37.90 3.50
CA ILE L 73 -22.81 -36.83 2.51
C ILE L 73 -22.37 -37.36 1.14
N VAL L 74 -23.30 -37.42 0.21
CA VAL L 74 -23.00 -37.88 -1.13
C VAL L 74 -23.20 -36.67 -2.03
N LEU L 75 -22.16 -36.36 -2.80
CA LEU L 75 -22.17 -35.22 -3.67
C LEU L 75 -22.50 -35.59 -5.12
N ASP L 76 -23.45 -34.85 -5.71
CA ASP L 76 -23.67 -34.83 -7.17
C ASP L 76 -22.50 -34.07 -7.76
N GLU L 77 -21.96 -34.51 -8.90
CA GLU L 77 -20.89 -33.70 -9.55
C GLU L 77 -21.47 -32.32 -9.96
N GLY L 78 -20.55 -31.39 -10.13
CA GLY L 78 -20.89 -29.98 -9.98
C GLY L 78 -20.74 -29.52 -8.54
N GLU L 79 -20.92 -30.42 -7.55
CA GLU L 79 -20.70 -30.04 -6.12
C GLU L 79 -19.29 -30.33 -5.54
N ALA L 80 -18.88 -29.42 -4.67
CA ALA L 80 -17.65 -29.52 -3.91
C ALA L 80 -17.95 -29.80 -2.43
N PHE L 81 -16.98 -30.45 -1.81
CA PHE L 81 -16.87 -30.48 -0.40
C PHE L 81 -15.92 -29.38 0.00
N TYR L 82 -16.37 -28.46 0.87
CA TYR L 82 -15.46 -27.38 1.36
C TYR L 82 -14.84 -27.80 2.68
N LEU L 83 -13.55 -28.02 2.68
CA LEU L 83 -12.80 -28.37 3.86
C LEU L 83 -12.19 -27.11 4.48
N HIS L 84 -12.78 -26.65 5.58
CA HIS L 84 -12.37 -25.39 6.25
C HIS L 84 -11.18 -25.63 7.18
N PRO L 85 -10.31 -24.61 7.35
CA PRO L 85 -9.18 -24.78 8.24
C PRO L 85 -9.59 -25.24 9.63
N GLY L 86 -8.90 -26.24 10.16
CA GLY L 86 -9.18 -26.76 11.49
C GLY L 86 -10.30 -27.77 11.54
N GLU L 87 -10.84 -28.17 10.39
CA GLU L 87 -11.90 -29.16 10.37
C GLU L 87 -11.36 -30.49 9.83
N LEU L 88 -11.84 -31.52 10.50
CA LEU L 88 -11.52 -32.89 10.21
C LEU L 88 -12.79 -33.44 9.58
N ALA L 89 -12.60 -34.11 8.45
CA ALA L 89 -13.71 -34.77 7.76
C ALA L 89 -13.27 -36.16 7.26
N LEU L 90 -14.25 -37.05 7.18
CA LEU L 90 -13.99 -38.41 6.69
C LEU L 90 -14.42 -38.50 5.24
N ALA L 91 -13.56 -39.10 4.43
CA ALA L 91 -13.79 -39.33 3.03
C ALA L 91 -13.34 -40.75 2.66
N VAL L 92 -13.33 -41.07 1.37
CA VAL L 92 -13.01 -42.44 0.94
C VAL L 92 -12.38 -42.35 -0.45
N THR L 93 -11.45 -43.24 -0.80
CA THR L 93 -10.87 -43.24 -2.10
C THR L 93 -11.90 -43.72 -3.13
N LEU L 94 -11.74 -43.29 -4.37
CA LEU L 94 -12.53 -43.82 -5.46
C LEU L 94 -12.21 -45.30 -5.73
N GLU L 95 -10.94 -45.64 -5.75
CA GLU L 95 -10.58 -47.00 -6.09
C GLU L 95 -10.64 -47.92 -4.87
N SER L 96 -11.04 -49.16 -5.13
CA SER L 96 -10.92 -50.28 -4.21
C SER L 96 -9.58 -50.92 -4.41
N VAL L 97 -8.92 -51.29 -3.33
CA VAL L 97 -7.61 -51.90 -3.38
C VAL L 97 -7.73 -53.25 -2.69
N THR L 98 -7.03 -54.22 -3.24
CA THR L 98 -6.95 -55.53 -2.66
C THR L 98 -5.47 -55.84 -2.62
N LEU L 99 -4.93 -56.17 -1.43
CA LEU L 99 -3.55 -56.56 -1.27
C LEU L 99 -3.42 -58.07 -0.97
N PRO L 100 -2.40 -58.73 -1.54
CA PRO L 100 -2.13 -60.11 -1.06
C PRO L 100 -1.46 -60.18 0.33
N ALA L 101 -1.25 -61.41 0.81
CA ALA L 101 -0.68 -61.64 2.13
C ALA L 101 0.79 -61.28 2.27
N ASP L 102 1.49 -61.03 1.15
CA ASP L 102 2.95 -60.72 1.21
C ASP L 102 3.35 -59.29 0.76
N LEU L 103 2.42 -58.36 0.89
CA LEU L 103 2.61 -57.01 0.52
C LEU L 103 1.90 -56.07 1.51
N VAL L 104 2.59 -55.01 1.87
CA VAL L 104 2.00 -53.97 2.67
C VAL L 104 1.92 -52.70 1.81
N GLY L 105 0.83 -51.95 1.99
CA GLY L 105 0.61 -50.69 1.29
C GLY L 105 0.71 -49.47 2.19
N TRP L 106 0.96 -48.33 1.55
CA TRP L 106 1.19 -47.02 2.31
C TRP L 106 0.63 -45.85 1.59
N LEU L 107 -0.33 -45.17 2.21
CA LEU L 107 -0.87 -43.95 1.68
C LEU L 107 -0.10 -42.68 2.10
N ASP L 108 0.29 -41.89 1.10
CA ASP L 108 1.01 -40.62 1.24
C ASP L 108 0.11 -39.56 0.63
N GLY L 109 0.39 -38.31 0.93
CA GLY L 109 -0.28 -37.20 0.23
C GLY L 109 0.51 -36.76 -0.98
N ARG L 110 -0.08 -35.79 -1.68
CA ARG L 110 0.53 -35.09 -2.78
C ARG L 110 1.14 -33.74 -2.38
N SER L 111 2.38 -33.48 -2.75
CA SER L 111 3.07 -32.23 -2.34
C SER L 111 2.29 -30.95 -2.75
N SER L 112 1.80 -30.93 -3.98
CA SER L 112 0.91 -29.91 -4.46
C SER L 112 -0.28 -29.50 -3.57
N LEU L 113 -0.87 -30.48 -2.91
CA LEU L 113 -1.99 -30.27 -2.02
C LEU L 113 -1.55 -29.96 -0.60
N ALA L 114 -0.46 -30.60 -0.16
CA ALA L 114 0.07 -30.43 1.18
C ALA L 114 0.61 -29.01 1.33
N ARG L 115 1.15 -28.43 0.28
CA ARG L 115 1.61 -27.05 0.35
C ARG L 115 0.46 -26.08 0.73
N LEU L 116 -0.80 -26.49 0.52
CA LEU L 116 -1.94 -25.68 0.90
C LEU L 116 -2.55 -26.10 2.24
N GLY L 117 -1.87 -27.01 2.94
CA GLY L 117 -2.32 -27.55 4.16
C GLY L 117 -3.18 -28.80 4.11
N LEU L 118 -3.43 -29.41 2.94
CA LEU L 118 -4.26 -30.63 2.94
C LEU L 118 -3.51 -31.83 3.50
N MET L 119 -3.98 -32.34 4.64
CA MET L 119 -3.48 -33.60 5.16
C MET L 119 -4.44 -34.69 4.81
N VAL L 120 -3.95 -35.78 4.23
CA VAL L 120 -4.91 -36.83 3.80
C VAL L 120 -4.99 -37.99 4.75
N HIS L 121 -4.14 -37.98 5.76
CA HIS L 121 -4.24 -38.91 6.82
C HIS L 121 -3.69 -38.14 8.03
N VAL L 122 -3.84 -38.76 9.20
CA VAL L 122 -3.63 -38.18 10.49
C VAL L 122 -2.87 -39.25 11.34
N THR L 123 -1.85 -39.83 10.69
CA THR L 123 -0.85 -40.75 11.26
C THR L 123 -1.13 -42.23 11.08
N ALA L 124 -2.33 -42.58 10.68
CA ALA L 124 -2.63 -43.94 10.31
C ALA L 124 -2.70 -44.04 8.79
N HIS L 125 -1.70 -44.63 8.17
CA HIS L 125 -1.62 -44.59 6.70
C HIS L 125 -1.21 -45.97 6.06
N ARG L 126 -1.30 -47.02 6.86
CA ARG L 126 -0.82 -48.35 6.46
C ARG L 126 -1.99 -49.17 5.97
N ILE L 127 -1.86 -49.72 4.78
CA ILE L 127 -2.90 -50.62 4.22
C ILE L 127 -2.40 -52.06 4.37
N ASP L 128 -3.09 -52.85 5.16
CA ASP L 128 -2.56 -54.16 5.60
C ASP L 128 -2.62 -55.22 4.54
N PRO L 129 -1.69 -56.21 4.61
CA PRO L 129 -1.76 -57.40 3.77
C PRO L 129 -3.07 -58.06 4.00
N GLY L 130 -3.69 -58.56 2.94
CA GLY L 130 -5.03 -59.14 2.99
C GLY L 130 -6.15 -58.11 2.89
N TRP L 131 -5.81 -56.80 2.91
CA TRP L 131 -6.86 -55.77 2.90
C TRP L 131 -7.59 -55.82 1.56
N SER L 132 -8.91 -55.59 1.60
CA SER L 132 -9.71 -55.50 0.42
C SER L 132 -10.70 -54.38 0.61
N GLY L 133 -10.66 -53.37 -0.25
CA GLY L 133 -11.68 -52.30 -0.22
C GLY L 133 -11.17 -50.91 -0.55
N CYS L 134 -12.12 -50.00 -0.67
CA CYS L 134 -11.89 -48.57 -0.58
C CYS L 134 -11.31 -48.12 0.75
N ILE L 135 -10.31 -47.26 0.67
CA ILE L 135 -9.58 -46.75 1.85
C ILE L 135 -10.27 -45.49 2.39
N VAL L 136 -10.51 -45.49 3.70
CA VAL L 136 -11.03 -44.29 4.38
C VAL L 136 -9.92 -43.25 4.51
N LEU L 137 -10.27 -42.02 4.19
CA LEU L 137 -9.41 -40.91 4.35
C LEU L 137 -9.91 -40.04 5.52
N ASP L 138 -8.97 -39.52 6.28
CA ASP L 138 -9.28 -38.60 7.36
C ASP L 138 -8.56 -37.35 6.93
N PHE L 139 -9.30 -36.38 6.41
CA PHE L 139 -8.72 -35.12 5.95
C PHE L 139 -8.68 -34.07 7.00
N TYR L 140 -7.69 -33.24 6.94
CA TYR L 140 -7.53 -32.17 7.84
C TYR L 140 -6.85 -31.02 7.06
N ASN L 141 -7.38 -29.83 7.26
CA ASN L 141 -6.88 -28.68 6.58
C ASN L 141 -6.04 -27.91 7.62
N SER L 142 -4.71 -28.02 7.50
CA SER L 142 -3.85 -27.18 8.34
C SER L 142 -3.54 -25.77 7.79
N GLY L 143 -4.13 -25.39 6.68
CA GLY L 143 -3.78 -24.15 6.02
C GLY L 143 -4.69 -23.04 6.47
N LYS L 144 -4.72 -21.98 5.71
CA LYS L 144 -5.41 -20.74 6.09
C LYS L 144 -6.68 -20.53 5.28
N LEU L 145 -6.87 -21.30 4.22
CA LEU L 145 -8.03 -21.10 3.32
C LEU L 145 -8.86 -22.36 3.23
N PRO L 146 -10.18 -22.21 3.05
CA PRO L 146 -10.93 -23.40 2.73
C PRO L 146 -10.40 -23.99 1.43
N LEU L 147 -10.46 -25.30 1.36
CA LEU L 147 -10.12 -26.07 0.15
C LEU L 147 -11.39 -26.73 -0.41
N ALA L 148 -11.69 -26.47 -1.66
CA ALA L 148 -12.79 -27.17 -2.36
C ALA L 148 -12.24 -28.46 -2.94
N LEU L 149 -12.86 -29.56 -2.50
CA LEU L 149 -12.54 -30.91 -2.96
C LEU L 149 -13.68 -31.49 -3.85
N ARG L 150 -13.33 -32.16 -4.93
CA ARG L 150 -14.28 -32.67 -5.91
C ARG L 150 -14.05 -34.14 -6.17
N PRO L 151 -15.11 -34.96 -6.03
CA PRO L 151 -15.03 -36.38 -6.41
C PRO L 151 -14.24 -36.49 -7.70
N GLY L 152 -13.27 -37.40 -7.73
CA GLY L 152 -12.51 -37.69 -8.92
C GLY L 152 -11.14 -37.08 -8.97
N MET L 153 -10.89 -36.03 -8.18
CA MET L 153 -9.55 -35.46 -8.10
C MET L 153 -8.48 -36.45 -7.63
N LEU L 154 -7.25 -36.25 -8.03
CA LEU L 154 -6.15 -37.04 -7.55
C LEU L 154 -5.87 -36.53 -6.15
N ILE L 155 -5.85 -37.41 -5.16
CA ILE L 155 -5.87 -36.96 -3.78
C ILE L 155 -4.68 -37.46 -2.94
N GLY L 156 -3.98 -38.46 -3.45
CA GLY L 156 -2.92 -39.09 -2.72
C GLY L 156 -2.23 -40.10 -3.60
N ALA L 157 -1.28 -40.81 -3.00
CA ALA L 157 -0.34 -41.68 -3.69
C ALA L 157 -0.12 -42.93 -2.82
N LEU L 158 -0.21 -44.11 -3.42
CA LEU L 158 0.12 -45.35 -2.73
C LEU L 158 1.44 -45.93 -3.22
N SER L 159 2.24 -46.42 -2.29
CA SER L 159 3.47 -47.15 -2.55
C SER L 159 3.30 -48.51 -1.91
N PHE L 160 4.16 -49.46 -2.26
CA PHE L 160 3.96 -50.84 -1.80
C PHE L 160 5.29 -51.47 -1.49
N GLU L 161 5.33 -52.26 -0.42
CA GLU L 161 6.53 -52.88 0.11
C GLU L 161 6.26 -54.40 0.25
N PRO L 162 7.15 -55.23 -0.31
CA PRO L 162 7.00 -56.64 0.01
C PRO L 162 7.33 -56.92 1.47
N LEU L 163 6.61 -57.88 2.03
CA LEU L 163 6.95 -58.37 3.34
C LEU L 163 8.12 -59.37 3.27
N SER L 164 8.76 -59.60 4.40
CA SER L 164 9.83 -60.60 4.54
C SER L 164 9.35 -62.03 4.17
N GLY L 165 8.08 -62.32 4.45
CA GLY L 165 7.37 -63.49 3.95
C GLY L 165 5.87 -63.23 3.95
N PRO L 166 5.05 -64.24 3.66
CA PRO L 166 3.61 -64.02 3.67
C PRO L 166 3.14 -63.92 5.08
N ALA L 167 2.26 -62.96 5.39
CA ALA L 167 1.74 -62.81 6.73
C ALA L 167 0.81 -63.98 7.13
N VAL L 168 0.89 -64.31 8.41
CA VAL L 168 0.26 -65.46 9.00
C VAL L 168 -1.12 -65.08 9.54
N ARG L 169 -1.24 -63.86 10.06
CA ARG L 169 -2.56 -63.28 10.35
C ARG L 169 -2.75 -62.00 9.51
N PRO L 170 -3.08 -62.17 8.23
CA PRO L 170 -3.41 -61.04 7.38
C PRO L 170 -4.82 -60.53 7.66
N TYR L 171 -5.16 -59.37 7.09
CA TYR L 171 -6.40 -58.67 7.40
C TYR L 171 -7.61 -59.51 7.09
N ASN L 172 -7.58 -60.29 6.03
CA ASN L 172 -8.76 -61.11 5.70
C ASN L 172 -8.96 -62.31 6.67
N ARG L 173 -7.86 -62.78 7.28
CA ARG L 173 -7.88 -63.76 8.38
C ARG L 173 -7.55 -63.16 9.78
N ARG L 174 -8.44 -62.27 10.25
CA ARG L 174 -8.28 -61.60 11.54
#